data_3PL2
#
_entry.id   3PL2
#
_cell.length_a   45.908
_cell.length_b   79.494
_cell.length_c   81.703
_cell.angle_alpha   101.860
_cell.angle_beta   95.720
_cell.angle_gamma   92.110
#
_symmetry.space_group_name_H-M   'P 1'
#
loop_
_entity.id
_entity.type
_entity.pdbx_description
1 polymer 'Sugar kinase, ribokinase family'
2 non-polymer 'CITRIC ACID'
3 water water
#
_entity_poly.entity_id   1
_entity_poly.type   'polypeptide(L)'
_entity_poly.pdbx_seq_one_letter_code
;G(MSE)TNLTSTHEVLAIGRLGVDIYPLQSGVGLADVQSFGKYLGGSAANVSVAAARHGHNSALLSRVGNDPFGEYLLAE
LERLGVDNQYVATDQTFKTPVTFCEIFPPDDFPLYFYREPKAPDLNIESADVSLDDVREADILWFTLTGFSEEPSRGTHR
EILTTRANRRHTIFDLDYRP(MSE)FWESPEEATKQAEWALQHSTVAVGNKEECEIAVGETEPERAGRALLERGVELAIV
KQGPKGV(MSE)A(MSE)TKDETVEVPPFFVDVINGLGAGDAFGGALCHGLLSEWPLEKVLRFANTAGALVASRLECSTA
(MSE)PTTDEVEASLNQKV
;
_entity_poly.pdbx_strand_id   A,B,C,D
#
loop_
_chem_comp.id
_chem_comp.type
_chem_comp.name
_chem_comp.formula
CIT non-polymer 'CITRIC ACID' 'C6 H8 O7'
#
# COMPACT_ATOMS: atom_id res chain seq x y z
N SER A 7 -38.18 -6.53 3.97
CA SER A 7 -36.74 -6.33 4.28
C SER A 7 -36.48 -6.49 5.79
N THR A 8 -36.60 -7.74 6.26
CA THR A 8 -36.11 -8.17 7.58
C THR A 8 -34.71 -8.80 7.41
N HIS A 9 -33.82 -8.53 8.36
CA HIS A 9 -32.46 -9.10 8.36
C HIS A 9 -32.34 -10.24 9.36
N GLU A 10 -31.49 -11.21 9.07
CA GLU A 10 -31.11 -12.23 10.06
C GLU A 10 -30.32 -11.69 11.26
N VAL A 11 -29.39 -10.74 11.03
CA VAL A 11 -28.55 -10.14 12.09
C VAL A 11 -28.58 -8.62 11.91
N LEU A 12 -29.08 -7.91 12.92
CA LEU A 12 -29.07 -6.47 12.95
C LEU A 12 -28.15 -6.14 14.12
N ALA A 13 -26.99 -5.60 13.77
CA ALA A 13 -25.98 -5.14 14.72
C ALA A 13 -26.04 -3.63 14.88
N ILE A 14 -25.75 -3.15 16.08
CA ILE A 14 -25.84 -1.76 16.41
C ILE A 14 -24.53 -1.37 17.06
N GLY A 15 -23.89 -0.32 16.56
CA GLY A 15 -22.79 0.31 17.31
C GLY A 15 -21.63 0.85 16.49
N ARG A 16 -20.42 0.61 16.98
CA ARG A 16 -19.19 1.31 16.51
C ARG A 16 -18.80 0.98 15.07
N LEU A 17 -18.42 2.02 14.32
CA LEU A 17 -17.93 1.89 12.95
C LEU A 17 -16.90 2.99 12.72
N GLY A 18 -15.78 2.62 12.14
CA GLY A 18 -14.69 3.56 11.98
C GLY A 18 -13.60 3.00 11.09
N VAL A 19 -12.60 3.83 10.80
CA VAL A 19 -11.46 3.41 9.97
C VAL A 19 -10.31 3.00 10.88
N ASP A 20 -9.80 1.80 10.64
CA ASP A 20 -8.61 1.30 11.32
C ASP A 20 -7.44 1.67 10.45
N ILE A 21 -6.51 2.41 11.04
CA ILE A 21 -5.25 2.82 10.40
C ILE A 21 -4.20 2.05 11.15
N TYR A 22 -3.88 0.86 10.64
CA TYR A 22 -3.04 -0.08 11.36
CA TYR A 22 -3.07 -0.19 11.28
C TYR A 22 -1.67 -0.23 10.67
N PRO A 23 -0.61 -0.49 11.48
CA PRO A 23 0.73 -0.54 10.92
C PRO A 23 0.99 -1.74 10.01
N LEU A 24 1.78 -1.49 8.98
CA LEU A 24 2.21 -2.49 7.99
C LEU A 24 3.58 -3.13 8.32
N GLN A 25 4.14 -2.75 9.49
CA GLN A 25 5.25 -3.38 10.15
C GLN A 25 4.79 -3.74 11.59
N SER A 26 5.05 -4.97 12.01
CA SER A 26 4.70 -5.41 13.37
C SER A 26 5.88 -5.33 14.29
N GLY A 27 5.61 -5.34 15.61
CA GLY A 27 6.63 -5.31 16.61
C GLY A 27 7.32 -3.98 16.78
N VAL A 28 6.70 -2.90 16.30
CA VAL A 28 7.25 -1.55 16.43
C VAL A 28 6.19 -0.60 16.99
N GLY A 29 6.64 0.34 17.83
CA GLY A 29 5.79 1.39 18.34
C GLY A 29 5.51 2.40 17.23
N LEU A 30 4.50 3.23 17.46
CA LEU A 30 4.06 4.25 16.47
C LEU A 30 5.19 5.13 15.97
N ALA A 31 6.15 5.49 16.84
CA ALA A 31 7.29 6.31 16.43
C ALA A 31 8.18 5.63 15.36
N ASP A 32 8.12 4.30 15.30
CA ASP A 32 8.89 3.50 14.33
C ASP A 32 8.12 2.94 13.14
N VAL A 33 6.79 3.13 13.13
CA VAL A 33 5.96 2.68 12.01
C VAL A 33 6.29 3.58 10.80
N GLN A 34 6.55 2.96 9.65
CA GLN A 34 6.87 3.67 8.40
C GLN A 34 5.70 3.80 7.47
N SER A 35 4.74 2.88 7.61
CA SER A 35 3.53 2.96 6.87
C SER A 35 2.38 2.25 7.55
N PHE A 36 1.17 2.73 7.22
CA PHE A 36 -0.10 2.22 7.76
C PHE A 36 -1.03 1.81 6.64
N GLY A 37 -1.80 0.76 6.85
CA GLY A 37 -2.90 0.45 5.95
C GLY A 37 -4.18 1.08 6.46
N LYS A 38 -5.26 0.76 5.78
CA LYS A 38 -6.57 1.35 6.02
C LYS A 38 -7.58 0.21 5.85
N TYR A 39 -8.43 -0.01 6.85
CA TYR A 39 -9.52 -0.98 6.79
C TYR A 39 -10.74 -0.54 7.60
N LEU A 40 -11.88 -1.13 7.22
CA LEU A 40 -13.11 -0.91 7.94
C LEU A 40 -12.92 -1.60 9.29
N GLY A 41 -13.39 -0.97 10.35
CA GLY A 41 -13.41 -1.59 11.66
C GLY A 41 -14.49 -1.01 12.55
N GLY A 42 -14.33 -1.22 13.84
CA GLY A 42 -15.34 -0.93 14.86
C GLY A 42 -16.06 -2.22 15.18
N SER A 43 -16.18 -2.54 16.47
CA SER A 43 -16.70 -3.83 16.92
C SER A 43 -18.03 -4.31 16.26
N ALA A 44 -19.06 -3.48 16.35
CA ALA A 44 -20.38 -3.80 15.80
C ALA A 44 -20.30 -4.05 14.28
N ALA A 45 -19.56 -3.18 13.58
CA ALA A 45 -19.33 -3.32 12.15
C ALA A 45 -18.61 -4.62 11.83
N ASN A 46 -17.57 -4.96 12.60
CA ASN A 46 -16.85 -6.23 12.43
C ASN A 46 -17.76 -7.45 12.61
N VAL A 47 -18.65 -7.40 13.61
CA VAL A 47 -19.61 -8.46 13.88
C VAL A 47 -20.60 -8.60 12.71
N SER A 48 -21.11 -7.48 12.20
CA SER A 48 -22.00 -7.50 11.01
C SER A 48 -21.30 -8.12 9.78
N VAL A 49 -20.01 -7.79 9.60
CA VAL A 49 -19.18 -8.44 8.54
C VAL A 49 -19.00 -9.96 8.74
N ALA A 50 -18.71 -10.37 9.98
CA ALA A 50 -18.46 -11.75 10.30
C ALA A 50 -19.70 -12.60 10.07
N ALA A 51 -20.87 -12.04 10.41
CA ALA A 51 -22.16 -12.70 10.19
C ALA A 51 -22.44 -12.85 8.69
N ALA A 52 -22.15 -11.80 7.92
CA ALA A 52 -22.26 -11.82 6.45
C ALA A 52 -21.38 -12.91 5.81
N ARG A 53 -20.15 -13.05 6.32
CA ARG A 53 -19.23 -14.10 5.83
C ARG A 53 -19.73 -15.52 6.10
N HIS A 54 -20.59 -15.70 7.12
CA HIS A 54 -21.31 -16.97 7.32
C HIS A 54 -22.62 -17.12 6.51
N GLY A 55 -22.81 -16.27 5.48
CA GLY A 55 -23.95 -16.34 4.59
C GLY A 55 -25.24 -15.77 5.12
N HIS A 56 -25.20 -15.00 6.22
CA HIS A 56 -26.42 -14.43 6.81
C HIS A 56 -26.64 -13.01 6.28
N ASN A 57 -27.91 -12.67 6.11
CA ASN A 57 -28.30 -11.34 5.69
C ASN A 57 -28.17 -10.40 6.90
N SER A 58 -27.16 -9.51 6.83
CA SER A 58 -26.73 -8.72 7.97
C SER A 58 -26.77 -7.23 7.67
N ALA A 59 -27.11 -6.44 8.70
CA ALA A 59 -27.23 -4.98 8.62
C ALA A 59 -26.62 -4.33 9.85
N LEU A 60 -26.14 -3.09 9.71
CA LEU A 60 -25.54 -2.32 10.78
C LEU A 60 -26.29 -1.00 10.95
N LEU A 61 -26.70 -0.68 12.18
CA LEU A 61 -27.18 0.61 12.57
C LEU A 61 -25.98 1.33 13.16
N SER A 62 -25.52 2.37 12.48
CA SER A 62 -24.38 3.18 12.94
C SER A 62 -24.41 4.45 12.16
N ARG A 63 -23.36 5.26 12.24
CA ARG A 63 -23.25 6.40 11.33
C ARG A 63 -21.81 6.53 10.88
N VAL A 64 -21.64 7.32 9.83
CA VAL A 64 -20.34 7.79 9.37
C VAL A 64 -20.39 9.30 9.35
N GLY A 65 -19.22 9.91 9.22
CA GLY A 65 -19.10 11.34 8.96
C GLY A 65 -19.33 11.69 7.50
N ASN A 66 -19.56 12.98 7.27
CA ASN A 66 -19.72 13.54 5.92
C ASN A 66 -18.34 13.90 5.33
N ASP A 67 -17.61 12.84 4.96
CA ASP A 67 -16.21 12.93 4.50
C ASP A 67 -15.78 11.66 3.74
N PRO A 68 -14.60 11.70 3.07
CA PRO A 68 -14.19 10.54 2.27
C PRO A 68 -14.00 9.24 3.01
N PHE A 69 -13.56 9.28 4.27
CA PHE A 69 -13.49 8.06 5.08
C PHE A 69 -14.87 7.47 5.33
N GLY A 70 -15.88 8.33 5.48
CA GLY A 70 -17.23 7.87 5.71
C GLY A 70 -17.79 7.24 4.46
N GLU A 71 -17.57 7.90 3.32
CA GLU A 71 -17.93 7.32 2.02
C GLU A 71 -17.23 5.98 1.76
N TYR A 72 -15.95 5.89 2.12
CA TYR A 72 -15.21 4.61 2.10
C TYR A 72 -15.91 3.48 2.90
N LEU A 73 -16.28 3.78 4.15
CA LEU A 73 -16.87 2.79 5.04
C LEU A 73 -18.22 2.33 4.52
N LEU A 74 -19.01 3.26 3.99
CA LEU A 74 -20.32 2.92 3.41
C LEU A 74 -20.14 1.94 2.24
N ALA A 75 -19.25 2.25 1.31
CA ALA A 75 -18.93 1.35 0.18
C ALA A 75 -18.32 0.01 0.63
N GLU A 76 -17.45 0.04 1.64
CA GLU A 76 -16.74 -1.17 2.12
C GLU A 76 -17.68 -2.13 2.83
N LEU A 77 -18.60 -1.61 3.64
CA LEU A 77 -19.63 -2.45 4.27
C LEU A 77 -20.35 -3.27 3.21
N GLU A 78 -20.79 -2.61 2.13
CA GLU A 78 -21.52 -3.28 1.02
C GLU A 78 -20.62 -4.27 0.30
N ARG A 79 -19.36 -3.88 0.03
CA ARG A 79 -18.36 -4.78 -0.58
C ARG A 79 -18.17 -6.04 0.27
N LEU A 80 -18.16 -5.88 1.59
CA LEU A 80 -18.03 -7.02 2.52
C LEU A 80 -19.36 -7.77 2.85
N GLY A 81 -20.43 -7.44 2.13
CA GLY A 81 -21.70 -8.16 2.22
C GLY A 81 -22.68 -7.74 3.29
N VAL A 82 -22.53 -6.54 3.83
CA VAL A 82 -23.39 -5.98 4.89
C VAL A 82 -24.30 -4.90 4.29
N ASP A 83 -25.59 -4.97 4.59
CA ASP A 83 -26.56 -3.96 4.17
C ASP A 83 -26.26 -2.67 4.94
N ASN A 84 -25.98 -1.60 4.21
CA ASN A 84 -25.62 -0.31 4.86
C ASN A 84 -26.77 0.70 5.02
N GLN A 85 -28.00 0.28 4.72
CA GLN A 85 -29.16 1.20 4.69
C GLN A 85 -29.43 1.98 5.98
N TYR A 86 -28.99 1.46 7.14
CA TYR A 86 -29.18 2.14 8.42
C TYR A 86 -27.91 2.82 8.92
N VAL A 87 -26.95 3.07 8.03
CA VAL A 87 -25.74 3.84 8.35
C VAL A 87 -25.92 5.22 7.74
N ALA A 88 -26.43 6.14 8.55
CA ALA A 88 -26.71 7.51 8.14
C ALA A 88 -25.40 8.32 8.13
N THR A 89 -25.36 9.38 7.33
CA THR A 89 -24.25 10.34 7.33
C THR A 89 -24.57 11.44 8.37
N ASP A 90 -23.73 11.53 9.40
CA ASP A 90 -23.78 12.61 10.40
C ASP A 90 -23.30 13.91 9.73
N GLN A 91 -23.99 15.01 10.00
CA GLN A 91 -23.64 16.31 9.40
C GLN A 91 -22.62 17.09 10.19
N THR A 92 -22.28 16.65 11.40
CA THR A 92 -21.44 17.41 12.32
C THR A 92 -20.12 16.71 12.63
N PHE A 93 -20.16 15.43 13.02
CA PHE A 93 -18.98 14.76 13.51
C PHE A 93 -18.23 14.01 12.41
N LYS A 94 -16.93 13.88 12.60
CA LYS A 94 -16.03 13.26 11.62
C LYS A 94 -16.07 11.77 11.81
N THR A 95 -15.80 11.05 10.73
CA THR A 95 -15.59 9.60 10.77
C THR A 95 -14.37 9.31 11.63
N PRO A 96 -14.50 8.43 12.64
CA PRO A 96 -13.38 8.18 13.52
C PRO A 96 -12.28 7.31 12.88
N VAL A 97 -11.05 7.60 13.29
CA VAL A 97 -9.91 6.74 13.00
C VAL A 97 -9.36 6.16 14.30
N THR A 98 -8.85 4.93 14.19
CA THR A 98 -8.19 4.24 15.31
C THR A 98 -6.82 3.73 14.84
N PHE A 99 -5.77 4.09 15.56
CA PHE A 99 -4.45 3.52 15.33
C PHE A 99 -4.22 2.39 16.30
N CYS A 100 -3.34 1.46 15.94
CA CYS A 100 -2.82 0.50 16.89
C CYS A 100 -1.32 0.28 16.72
N GLU A 101 -0.77 -0.43 17.69
CA GLU A 101 0.55 -1.05 17.56
C GLU A 101 0.35 -2.55 17.65
N ILE A 102 1.25 -3.32 17.04
CA ILE A 102 1.06 -4.77 16.91
C ILE A 102 2.26 -5.46 17.56
N PHE A 103 2.11 -5.86 18.82
CA PHE A 103 3.13 -6.60 19.57
C PHE A 103 2.58 -7.97 19.94
N PRO A 104 2.68 -8.95 19.02
CA PRO A 104 2.22 -10.29 19.38
C PRO A 104 3.04 -10.94 20.51
N PRO A 105 2.47 -11.96 21.18
CA PRO A 105 1.14 -12.53 20.95
C PRO A 105 -0.04 -11.83 21.63
N ASP A 106 0.18 -10.89 22.58
CA ASP A 106 -0.85 -10.44 23.55
C ASP A 106 -1.13 -8.92 23.70
N ASP A 107 -0.37 -8.08 22.97
CA ASP A 107 -0.31 -6.63 23.26
C ASP A 107 -0.59 -5.86 21.95
N PHE A 108 -1.82 -5.35 21.83
CA PHE A 108 -2.28 -4.60 20.65
C PHE A 108 -2.91 -3.27 21.11
N PRO A 109 -2.04 -2.31 21.56
CA PRO A 109 -2.52 -1.02 22.05
C PRO A 109 -3.32 -0.25 21.01
N LEU A 110 -4.42 0.36 21.43
CA LEU A 110 -5.36 1.10 20.55
C LEU A 110 -5.31 2.61 20.86
N TYR A 111 -5.33 3.45 19.82
CA TYR A 111 -5.29 4.91 19.94
C TYR A 111 -6.50 5.47 19.22
N PHE A 112 -7.58 5.76 19.97
CA PHE A 112 -8.87 6.11 19.36
C PHE A 112 -8.93 7.60 19.12
N TYR A 113 -9.37 7.99 17.93
CA TYR A 113 -9.68 9.38 17.65
C TYR A 113 -11.16 9.46 17.34
N ARG A 114 -11.95 9.66 18.41
CA ARG A 114 -13.43 9.64 18.37
C ARG A 114 -14.00 10.94 18.99
N GLU A 115 -13.26 12.05 18.87
CA GLU A 115 -13.59 13.29 19.55
C GLU A 115 -14.25 14.37 18.65
N PRO A 116 -15.11 15.22 19.24
CA PRO A 116 -15.66 15.15 20.61
C PRO A 116 -16.77 14.09 20.80
N LYS A 117 -17.35 13.61 19.70
CA LYS A 117 -18.33 12.53 19.73
C LYS A 117 -18.29 11.77 18.39
N ALA A 118 -18.31 10.44 18.42
CA ALA A 118 -18.31 9.66 17.19
C ALA A 118 -19.72 9.76 16.57
N PRO A 119 -19.80 9.83 15.23
CA PRO A 119 -21.08 9.60 14.53
C PRO A 119 -21.88 8.41 15.10
N ASP A 120 -21.21 7.30 15.38
CA ASP A 120 -21.93 6.09 15.90
C ASP A 120 -22.65 6.26 17.25
N LEU A 121 -22.25 7.25 18.04
CA LEU A 121 -22.95 7.60 19.28
C LEU A 121 -24.03 8.67 19.12
N ASN A 122 -24.27 9.08 17.88
CA ASN A 122 -25.28 10.03 17.50
C ASN A 122 -26.45 9.38 16.80
N ILE A 123 -26.57 8.06 16.88
CA ILE A 123 -27.68 7.32 16.29
C ILE A 123 -29.02 7.68 16.93
N GLU A 124 -30.05 7.73 16.08
CA GLU A 124 -31.42 8.08 16.47
C GLU A 124 -32.25 6.90 16.05
N SER A 125 -33.31 6.59 16.79
CA SER A 125 -34.18 5.47 16.40
C SER A 125 -34.85 5.69 15.03
N ALA A 126 -35.05 6.96 14.65
CA ALA A 126 -35.38 7.36 13.28
C ALA A 126 -34.45 6.79 12.20
N ASP A 127 -33.19 6.52 12.55
CA ASP A 127 -32.20 5.93 11.62
C ASP A 127 -32.46 4.47 11.23
N VAL A 128 -33.34 3.75 11.94
CA VAL A 128 -33.58 2.33 11.72
C VAL A 128 -35.07 2.03 11.54
N SER A 129 -35.36 0.89 10.92
CA SER A 129 -36.70 0.31 10.86
C SER A 129 -36.93 -0.44 12.14
N LEU A 130 -37.89 0.03 12.94
CA LEU A 130 -38.29 -0.65 14.17
C LEU A 130 -39.00 -1.98 13.88
N ASP A 131 -39.59 -2.11 12.69
CA ASP A 131 -40.14 -3.41 12.23
C ASP A 131 -39.01 -4.44 12.16
N ASP A 132 -37.89 -4.04 11.52
CA ASP A 132 -36.70 -4.88 11.43
C ASP A 132 -36.10 -5.16 12.83
N VAL A 133 -36.05 -4.15 13.69
CA VAL A 133 -35.61 -4.34 15.10
C VAL A 133 -36.38 -5.49 15.81
N ARG A 134 -37.70 -5.51 15.60
CA ARG A 134 -38.58 -6.54 16.15
CA ARG A 134 -38.54 -6.56 16.18
C ARG A 134 -38.43 -7.89 15.43
N GLU A 135 -38.32 -7.84 14.11
CA GLU A 135 -38.35 -9.07 13.30
C GLU A 135 -37.05 -9.81 13.15
N ALA A 136 -35.93 -9.10 13.25
CA ALA A 136 -34.62 -9.71 13.09
C ALA A 136 -34.43 -10.95 13.97
N ASP A 137 -33.86 -12.00 13.38
CA ASP A 137 -33.57 -13.23 14.09
C ASP A 137 -32.64 -12.91 15.27
N ILE A 138 -31.61 -12.08 15.01
CA ILE A 138 -30.65 -11.65 16.03
C ILE A 138 -30.49 -10.12 16.05
N LEU A 139 -30.61 -9.51 17.24
CA LEU A 139 -30.20 -8.12 17.45
C LEU A 139 -28.92 -8.16 18.26
N TRP A 140 -27.85 -7.53 17.75
CA TRP A 140 -26.54 -7.48 18.41
C TRP A 140 -26.24 -6.02 18.78
N PHE A 141 -25.84 -5.82 20.04
CA PHE A 141 -25.45 -4.51 20.53
C PHE A 141 -24.35 -4.56 21.59
N THR A 142 -23.84 -3.37 21.92
CA THR A 142 -22.65 -3.18 22.73
C THR A 142 -22.94 -2.28 23.92
N LEU A 143 -22.18 -2.47 25.00
CA LEU A 143 -22.22 -1.57 26.14
C LEU A 143 -21.79 -0.14 25.77
N THR A 144 -20.81 0.00 24.89
CA THR A 144 -20.38 1.33 24.39
C THR A 144 -21.55 2.18 23.84
N GLY A 145 -22.53 1.50 23.23
CA GLY A 145 -23.75 2.14 22.74
C GLY A 145 -24.52 2.95 23.79
N PHE A 146 -24.36 2.58 25.07
CA PHE A 146 -24.95 3.30 26.22
C PHE A 146 -24.04 4.39 26.85
N SER A 147 -22.87 4.64 26.27
CA SER A 147 -21.88 5.55 26.89
C SER A 147 -22.23 7.03 26.77
N GLU A 148 -22.99 7.39 25.74
CA GLU A 148 -23.38 8.78 25.47
C GLU A 148 -24.79 8.84 24.90
N GLU A 149 -25.49 9.94 25.19
CA GLU A 149 -26.71 10.33 24.49
C GLU A 149 -26.33 10.99 23.17
N PRO A 150 -27.18 10.87 22.12
CA PRO A 150 -28.51 10.20 22.07
C PRO A 150 -28.50 8.68 21.95
N SER A 151 -27.34 8.06 21.68
CA SER A 151 -27.26 6.60 21.49
C SER A 151 -27.81 5.78 22.67
N ARG A 152 -27.60 6.25 23.88
CA ARG A 152 -28.17 5.61 25.07
C ARG A 152 -29.69 5.51 25.01
N GLY A 153 -30.33 6.65 24.77
CA GLY A 153 -31.81 6.72 24.67
C GLY A 153 -32.32 5.91 23.49
N THR A 154 -31.54 5.92 22.40
CA THR A 154 -31.84 5.14 21.21
C THR A 154 -31.78 3.65 21.49
N HIS A 155 -30.72 3.22 22.18
CA HIS A 155 -30.59 1.82 22.63
C HIS A 155 -31.76 1.38 23.51
N ARG A 156 -32.14 2.23 24.46
CA ARG A 156 -33.27 1.93 25.35
C ARG A 156 -34.59 1.80 24.58
N GLU A 157 -34.81 2.70 23.61
CA GLU A 157 -36.01 2.59 22.76
C GLU A 157 -36.05 1.26 21.99
N ILE A 158 -34.94 0.96 21.33
CA ILE A 158 -34.78 -0.24 20.49
C ILE A 158 -34.97 -1.52 21.29
N LEU A 159 -34.30 -1.62 22.43
CA LEU A 159 -34.38 -2.78 23.31
C LEU A 159 -35.70 -2.95 24.03
N THR A 160 -36.41 -1.84 24.30
CA THR A 160 -37.79 -1.92 24.84
C THR A 160 -38.70 -2.54 23.78
N THR A 161 -38.67 -2.00 22.56
CA THR A 161 -39.51 -2.57 21.49
C THR A 161 -39.07 -4.00 21.09
N ARG A 162 -37.76 -4.26 21.09
CA ARG A 162 -37.25 -5.62 20.89
C ARG A 162 -37.90 -6.65 21.86
N ALA A 163 -38.10 -6.26 23.12
CA ALA A 163 -38.90 -7.01 24.09
C ALA A 163 -38.33 -8.41 24.41
N ASN A 164 -36.99 -8.50 24.44
CA ASN A 164 -36.24 -9.74 24.76
C ASN A 164 -36.51 -10.93 23.81
N ARG A 165 -36.84 -10.66 22.54
CA ARG A 165 -36.96 -11.75 21.57
C ARG A 165 -35.69 -12.54 21.43
N ARG A 166 -35.82 -13.84 21.25
CA ARG A 166 -34.69 -14.69 20.89
C ARG A 166 -34.19 -14.31 19.46
N HIS A 167 -32.92 -13.96 19.23
CA HIS A 167 -31.85 -13.77 20.21
C HIS A 167 -31.56 -12.27 20.30
N THR A 168 -31.32 -11.78 21.51
CA THR A 168 -30.96 -10.37 21.72
C THR A 168 -29.67 -10.41 22.51
N ILE A 169 -28.57 -10.09 21.81
CA ILE A 169 -27.24 -10.44 22.27
C ILE A 169 -26.51 -9.16 22.71
N PHE A 170 -26.10 -9.13 23.98
CA PHE A 170 -25.43 -7.99 24.59
C PHE A 170 -23.91 -8.28 24.68
N ASP A 171 -23.13 -7.58 23.86
CA ASP A 171 -21.66 -7.58 24.01
C ASP A 171 -21.33 -6.60 25.14
N LEU A 172 -20.80 -7.12 26.23
CA LEU A 172 -20.52 -6.33 27.44
C LEU A 172 -19.34 -5.34 27.29
N ASP A 173 -18.64 -5.36 26.15
CA ASP A 173 -17.79 -4.25 25.61
C ASP A 173 -17.50 -3.06 26.54
N TYR A 174 -16.57 -3.23 27.46
CA TYR A 174 -16.18 -2.19 28.45
C TYR A 174 -14.81 -1.69 28.08
N ARG A 175 -14.73 -0.39 27.80
CA ARG A 175 -13.45 0.33 27.64
C ARG A 175 -13.56 1.54 28.55
N PRO A 176 -12.73 1.62 29.64
CA PRO A 176 -12.91 2.67 30.65
C PRO A 176 -12.86 4.12 30.10
N MSE A 177 -11.98 4.34 29.12
CA MSE A 177 -11.85 5.65 28.46
CA MSE A 177 -11.87 5.68 28.50
CA MSE A 177 -11.83 5.59 28.34
C MSE A 177 -13.10 6.13 27.68
O MSE A 177 -13.20 7.32 27.36
CB MSE A 177 -10.62 5.65 27.52
CB MSE A 177 -10.57 5.80 27.70
CB MSE A 177 -10.78 5.39 27.22
CG MSE A 177 -9.27 5.60 28.27
CG MSE A 177 -9.31 5.90 28.59
CG MSE A 177 -10.81 4.00 26.53
SE MSE A 177 -7.70 5.58 27.10
SE MSE A 177 -9.33 7.37 29.89
SE MSE A 177 -10.47 4.04 24.67
CE MSE A 177 -7.69 3.69 26.64
CE MSE A 177 -9.63 8.86 28.65
CE MSE A 177 -10.02 5.94 24.52
N PHE A 178 -14.06 5.24 27.38
CA PHE A 178 -15.35 5.61 26.78
C PHE A 178 -16.39 6.07 27.80
N TRP A 179 -16.16 5.84 29.11
CA TRP A 179 -17.09 6.16 30.19
C TRP A 179 -16.53 7.22 31.13
N GLU A 180 -17.42 8.05 31.70
CA GLU A 180 -17.04 8.95 32.80
C GLU A 180 -16.62 8.21 34.08
N SER A 181 -17.21 7.04 34.33
CA SER A 181 -16.83 6.18 35.48
C SER A 181 -17.26 4.71 35.29
N PRO A 182 -16.63 3.76 36.02
CA PRO A 182 -17.14 2.36 36.07
C PRO A 182 -18.59 2.21 36.60
N GLU A 183 -18.97 3.08 37.52
CA GLU A 183 -20.30 3.11 38.13
C GLU A 183 -21.37 3.46 37.08
N GLU A 184 -21.04 4.41 36.20
CA GLU A 184 -21.88 4.83 35.07
C GLU A 184 -22.15 3.64 34.11
N ALA A 185 -21.08 2.92 33.75
CA ALA A 185 -21.16 1.74 32.89
C ALA A 185 -21.99 0.60 33.49
N THR A 186 -21.77 0.31 34.77
CA THR A 186 -22.55 -0.72 35.50
C THR A 186 -24.06 -0.46 35.53
N LYS A 187 -24.44 0.79 35.81
CA LYS A 187 -25.87 1.21 35.76
C LYS A 187 -26.52 0.88 34.40
N GLN A 188 -25.82 1.23 33.33
CA GLN A 188 -26.34 0.99 31.98
C GLN A 188 -26.37 -0.49 31.63
N ALA A 189 -25.28 -1.20 31.94
CA ALA A 189 -25.22 -2.65 31.76
C ALA A 189 -26.34 -3.41 32.50
N GLU A 190 -26.67 -2.99 33.74
CA GLU A 190 -27.74 -3.63 34.51
CA GLU A 190 -27.75 -3.60 34.53
C GLU A 190 -29.10 -3.51 33.79
N TRP A 191 -29.41 -2.32 33.25
CA TRP A 191 -30.64 -2.10 32.49
C TRP A 191 -30.66 -2.99 31.26
N ALA A 192 -29.58 -2.96 30.48
CA ALA A 192 -29.46 -3.71 29.22
C ALA A 192 -29.56 -5.22 29.42
N LEU A 193 -29.02 -5.73 30.54
CA LEU A 193 -29.10 -7.17 30.84
C LEU A 193 -30.55 -7.65 31.03
N GLN A 194 -31.41 -6.78 31.57
CA GLN A 194 -32.82 -7.08 31.81
CA GLN A 194 -32.82 -7.09 31.81
C GLN A 194 -33.63 -7.11 30.51
N HIS A 195 -33.03 -6.59 29.43
CA HIS A 195 -33.61 -6.60 28.09
C HIS A 195 -32.82 -7.45 27.08
N SER A 196 -32.02 -8.44 27.57
CA SER A 196 -31.16 -9.30 26.73
C SER A 196 -31.45 -10.79 26.94
N THR A 197 -31.28 -11.59 25.89
CA THR A 197 -31.35 -13.07 25.97
C THR A 197 -29.99 -13.72 26.01
N VAL A 198 -28.96 -13.05 25.48
CA VAL A 198 -27.58 -13.54 25.54
C VAL A 198 -26.69 -12.41 26.03
N ALA A 199 -25.71 -12.75 26.88
CA ALA A 199 -24.66 -11.83 27.33
C ALA A 199 -23.28 -12.47 27.09
N VAL A 200 -22.37 -11.69 26.50
CA VAL A 200 -20.98 -12.07 26.18
C VAL A 200 -20.01 -11.05 26.78
N GLY A 201 -19.15 -11.50 27.68
CA GLY A 201 -18.07 -10.64 28.17
C GLY A 201 -16.91 -11.40 28.73
N ASN A 202 -15.76 -10.73 28.77
CA ASN A 202 -14.55 -11.22 29.42
C ASN A 202 -14.60 -10.90 30.93
N LYS A 203 -13.48 -11.06 31.64
CA LYS A 203 -13.47 -10.96 33.11
C LYS A 203 -13.73 -9.54 33.63
N GLU A 204 -12.99 -8.56 33.10
CA GLU A 204 -13.22 -7.12 33.38
C GLU A 204 -14.67 -6.71 33.05
N GLU A 205 -15.14 -7.16 31.89
CA GLU A 205 -16.51 -6.87 31.40
C GLU A 205 -17.61 -7.42 32.31
N CYS A 206 -17.46 -8.69 32.70
CA CYS A 206 -18.42 -9.33 33.61
C CYS A 206 -18.38 -8.72 35.02
N GLU A 207 -17.18 -8.26 35.43
CA GLU A 207 -16.99 -7.50 36.67
C GLU A 207 -17.79 -6.19 36.64
N ILE A 208 -17.58 -5.40 35.58
CA ILE A 208 -18.39 -4.19 35.36
C ILE A 208 -19.89 -4.47 35.38
N ALA A 209 -20.32 -5.49 34.63
CA ALA A 209 -21.75 -5.78 34.41
C ALA A 209 -22.48 -6.36 35.63
N VAL A 210 -21.88 -7.33 36.34
CA VAL A 210 -22.54 -8.01 37.47
C VAL A 210 -21.78 -8.08 38.82
N GLY A 211 -20.59 -7.47 38.91
CA GLY A 211 -19.80 -7.47 40.16
C GLY A 211 -19.28 -8.85 40.59
N GLU A 212 -18.77 -9.61 39.61
CA GLU A 212 -18.32 -10.99 39.80
C GLU A 212 -17.09 -11.29 38.93
N THR A 213 -15.94 -11.53 39.57
CA THR A 213 -14.66 -11.81 38.90
CA THR A 213 -14.68 -11.81 38.87
C THR A 213 -14.53 -13.28 38.47
N GLU A 214 -15.11 -14.19 39.25
CA GLU A 214 -15.01 -15.63 38.99
C GLU A 214 -16.04 -16.11 37.96
N PRO A 215 -15.61 -16.82 36.87
CA PRO A 215 -16.46 -17.18 35.71
C PRO A 215 -17.83 -17.78 36.02
N GLU A 216 -17.87 -18.77 36.90
CA GLU A 216 -19.09 -19.47 37.30
C GLU A 216 -20.08 -18.52 38.00
N ARG A 217 -19.56 -17.70 38.91
CA ARG A 217 -20.34 -16.65 39.60
C ARG A 217 -20.77 -15.53 38.64
N ALA A 218 -19.92 -15.20 37.68
CA ALA A 218 -20.25 -14.27 36.59
C ALA A 218 -21.49 -14.73 35.83
N GLY A 219 -21.45 -15.96 35.29
CA GLY A 219 -22.55 -16.54 34.51
C GLY A 219 -23.86 -16.62 35.26
N ARG A 220 -23.78 -17.11 36.49
CA ARG A 220 -24.90 -17.11 37.44
C ARG A 220 -25.51 -15.73 37.64
N ALA A 221 -24.67 -14.74 37.93
CA ALA A 221 -25.12 -13.35 38.10
C ALA A 221 -25.81 -12.81 36.83
N LEU A 222 -25.28 -13.17 35.66
CA LEU A 222 -25.89 -12.80 34.36
C LEU A 222 -27.25 -13.47 34.14
N LEU A 223 -27.35 -14.78 34.41
CA LEU A 223 -28.61 -15.52 34.26
C LEU A 223 -29.71 -15.00 35.21
N GLU A 224 -29.33 -14.59 36.42
CA GLU A 224 -30.23 -13.92 37.36
C GLU A 224 -30.92 -12.67 36.81
N ARG A 225 -30.22 -11.89 35.97
CA ARG A 225 -30.86 -10.75 35.24
C ARG A 225 -31.92 -11.15 34.22
N GLY A 226 -31.99 -12.44 33.86
CA GLY A 226 -33.02 -12.95 32.94
C GLY A 226 -32.45 -13.37 31.58
N VAL A 227 -31.16 -13.11 31.36
CA VAL A 227 -30.41 -13.64 30.20
C VAL A 227 -30.50 -15.18 30.26
N GLU A 228 -30.68 -15.83 29.09
CA GLU A 228 -30.80 -17.31 29.05
CA GLU A 228 -30.84 -17.29 28.94
C GLU A 228 -29.52 -18.03 28.60
N LEU A 229 -28.53 -17.28 28.10
CA LEU A 229 -27.21 -17.79 27.73
C LEU A 229 -26.15 -16.77 28.14
N ALA A 230 -25.29 -17.13 29.09
CA ALA A 230 -24.12 -16.32 29.48
C ALA A 230 -22.89 -16.94 28.83
N ILE A 231 -22.05 -16.10 28.23
CA ILE A 231 -20.78 -16.52 27.65
C ILE A 231 -19.69 -15.70 28.31
N VAL A 232 -18.86 -16.38 29.10
CA VAL A 232 -17.80 -15.74 29.86
C VAL A 232 -16.47 -16.13 29.22
N LYS A 233 -15.84 -15.17 28.55
CA LYS A 233 -14.52 -15.35 27.97
C LYS A 233 -13.49 -15.30 29.10
N GLN A 234 -12.56 -16.25 29.09
CA GLN A 234 -11.56 -16.44 30.18
C GLN A 234 -10.08 -16.38 29.74
N GLY A 235 -9.82 -16.14 28.45
CA GLY A 235 -8.48 -15.97 27.90
C GLY A 235 -7.59 -17.19 28.05
N PRO A 236 -6.71 -17.22 29.10
CA PRO A 236 -5.98 -18.43 29.49
C PRO A 236 -6.82 -19.70 29.73
N LYS A 237 -7.86 -19.62 30.57
CA LYS A 237 -8.74 -20.78 30.84
C LYS A 237 -9.82 -21.05 29.74
N GLY A 238 -9.79 -20.29 28.64
CA GLY A 238 -10.64 -20.55 27.47
C GLY A 238 -11.94 -19.76 27.50
N VAL A 239 -13.07 -20.46 27.45
CA VAL A 239 -14.40 -19.83 27.39
C VAL A 239 -15.50 -20.80 27.84
N MSE A 240 -16.44 -20.28 28.64
CA MSE A 240 -17.57 -21.03 29.20
C MSE A 240 -18.86 -20.49 28.63
O MSE A 240 -19.01 -19.29 28.48
CB MSE A 240 -17.59 -20.86 30.72
CG MSE A 240 -18.81 -21.43 31.49
SE MSE A 240 -18.85 -20.60 33.25
CE MSE A 240 -19.69 -18.92 32.78
N ALA A 241 -19.80 -21.39 28.33
CA ALA A 241 -21.18 -21.04 27.98
C ALA A 241 -22.09 -21.68 29.02
N MSE A 242 -23.04 -20.91 29.55
CA MSE A 242 -23.92 -21.37 30.63
C MSE A 242 -25.38 -21.06 30.29
O MSE A 242 -25.67 -19.93 29.93
CB MSE A 242 -23.57 -20.67 31.95
CG MSE A 242 -24.40 -21.09 33.14
SE MSE A 242 -23.89 -20.14 34.73
CE MSE A 242 -24.14 -21.58 36.03
N THR A 243 -26.24 -22.06 30.40
CA THR A 243 -27.69 -21.88 30.39
C THR A 243 -28.26 -22.42 31.71
N LYS A 244 -29.58 -22.32 31.88
CA LYS A 244 -30.25 -23.02 32.99
C LYS A 244 -30.12 -24.55 32.88
N ASP A 245 -29.98 -25.08 31.66
CA ASP A 245 -29.93 -26.55 31.40
C ASP A 245 -28.54 -27.18 31.41
N GLU A 246 -27.49 -26.39 31.10
CA GLU A 246 -26.12 -26.92 31.04
C GLU A 246 -25.04 -25.83 31.12
N THR A 247 -23.87 -26.19 31.66
CA THR A 247 -22.64 -25.38 31.63
C THR A 247 -21.62 -26.16 30.76
N VAL A 248 -21.09 -25.47 29.74
CA VAL A 248 -20.15 -26.02 28.79
C VAL A 248 -18.89 -25.17 28.83
N GLU A 249 -17.72 -25.81 28.72
CA GLU A 249 -16.44 -25.12 28.63
C GLU A 249 -15.57 -25.68 27.49
N VAL A 250 -14.74 -24.81 26.90
CA VAL A 250 -13.87 -25.15 25.75
C VAL A 250 -12.46 -24.60 26.03
N PRO A 251 -11.38 -25.40 25.78
CA PRO A 251 -10.03 -24.85 25.97
C PRO A 251 -9.67 -23.80 24.89
N PRO A 252 -8.60 -23.00 25.11
CA PRO A 252 -8.23 -22.00 24.09
C PRO A 252 -7.65 -22.67 22.84
N PHE A 253 -8.07 -22.20 21.66
CA PHE A 253 -7.57 -22.70 20.38
C PHE A 253 -6.24 -21.97 20.11
N PHE A 254 -5.12 -22.63 20.42
CA PHE A 254 -3.77 -22.05 20.28
C PHE A 254 -3.43 -21.85 18.80
N VAL A 255 -3.02 -20.63 18.43
CA VAL A 255 -2.46 -20.32 17.08
C VAL A 255 -1.23 -19.40 17.19
N ASP A 256 -0.60 -19.16 16.04
CA ASP A 256 0.44 -18.13 15.91
C ASP A 256 -0.31 -16.82 15.67
N VAL A 257 -0.40 -15.99 16.71
CA VAL A 257 -1.17 -14.73 16.65
C VAL A 257 -0.34 -13.70 15.89
N ILE A 258 -0.93 -13.13 14.83
CA ILE A 258 -0.33 -12.04 14.08
C ILE A 258 -0.92 -10.72 14.61
N ASN A 259 -2.24 -10.61 14.58
CA ASN A 259 -2.97 -9.45 15.13
C ASN A 259 -4.28 -9.90 15.76
N GLY A 260 -4.34 -9.86 17.09
CA GLY A 260 -5.52 -10.28 17.84
C GLY A 260 -6.71 -9.34 17.84
N LEU A 261 -6.54 -8.12 17.33
CA LEU A 261 -7.63 -7.12 17.33
C LEU A 261 -8.79 -7.57 16.44
N GLY A 262 -9.99 -7.51 17.02
CA GLY A 262 -11.22 -8.01 16.40
C GLY A 262 -11.44 -9.52 16.43
N ALA A 263 -10.56 -10.28 17.10
CA ALA A 263 -10.78 -11.73 17.38
C ALA A 263 -12.16 -12.02 17.98
N GLY A 264 -12.54 -11.21 18.97
CA GLY A 264 -13.88 -11.30 19.61
C GLY A 264 -15.07 -10.96 18.71
N ASP A 265 -14.86 -10.14 17.69
CA ASP A 265 -15.93 -9.79 16.73
C ASP A 265 -16.15 -10.94 15.76
N ALA A 266 -15.09 -11.64 15.35
CA ALA A 266 -15.23 -12.88 14.56
C ALA A 266 -15.87 -13.99 15.37
N PHE A 267 -15.52 -14.06 16.66
CA PHE A 267 -16.18 -14.94 17.64
C PHE A 267 -17.69 -14.63 17.67
N GLY A 268 -18.03 -13.34 17.78
CA GLY A 268 -19.41 -12.86 17.86
C GLY A 268 -20.22 -13.19 16.60
N GLY A 269 -19.64 -12.95 15.42
CA GLY A 269 -20.24 -13.37 14.15
C GLY A 269 -20.48 -14.88 14.04
N ALA A 270 -19.49 -15.67 14.50
CA ALA A 270 -19.57 -17.13 14.48
C ALA A 270 -20.56 -17.68 15.53
N LEU A 271 -20.67 -16.98 16.68
CA LEU A 271 -21.75 -17.21 17.67
C LEU A 271 -23.12 -17.03 17.02
N CYS A 272 -23.31 -15.93 16.26
CA CYS A 272 -24.57 -15.69 15.54
C CYS A 272 -24.93 -16.82 14.59
N HIS A 273 -23.95 -17.31 13.81
CA HIS A 273 -24.13 -18.43 12.90
C HIS A 273 -24.54 -19.73 13.61
N GLY A 274 -23.82 -20.09 14.68
CA GLY A 274 -24.16 -21.28 15.49
C GLY A 274 -25.55 -21.24 16.12
N LEU A 275 -25.96 -20.04 16.58
CA LEU A 275 -27.29 -19.83 17.17
C LEU A 275 -28.42 -19.88 16.12
N LEU A 276 -28.19 -19.30 14.94
CA LEU A 276 -29.13 -19.42 13.81
C LEU A 276 -29.20 -20.85 13.25
N SER A 277 -28.10 -21.58 13.34
CA SER A 277 -28.04 -22.97 12.91
C SER A 277 -28.70 -23.97 13.88
N GLU A 278 -29.11 -23.52 15.08
CA GLU A 278 -29.77 -24.34 16.12
C GLU A 278 -28.86 -25.49 16.63
N TRP A 279 -27.55 -25.26 16.64
CA TRP A 279 -26.57 -26.29 17.03
C TRP A 279 -26.55 -26.46 18.56
N PRO A 280 -25.99 -27.61 19.05
CA PRO A 280 -25.75 -27.73 20.50
C PRO A 280 -24.74 -26.70 21.02
N LEU A 281 -24.87 -26.37 22.30
CA LEU A 281 -24.12 -25.27 22.93
C LEU A 281 -22.60 -25.51 22.87
N GLU A 282 -22.16 -26.75 23.08
CA GLU A 282 -20.74 -27.12 22.91
C GLU A 282 -20.21 -26.88 21.48
N LYS A 283 -21.00 -27.23 20.47
CA LYS A 283 -20.66 -26.96 19.06
C LYS A 283 -20.66 -25.45 18.72
N VAL A 284 -21.61 -24.69 19.27
CA VAL A 284 -21.67 -23.22 19.11
C VAL A 284 -20.38 -22.56 19.64
N LEU A 285 -20.00 -22.94 20.85
CA LEU A 285 -18.84 -22.40 21.56
C LEU A 285 -17.53 -22.83 20.89
N ARG A 286 -17.39 -24.11 20.52
CA ARG A 286 -16.26 -24.59 19.68
C ARG A 286 -16.10 -23.83 18.36
N PHE A 287 -17.21 -23.62 17.67
CA PHE A 287 -17.22 -22.95 16.36
C PHE A 287 -16.84 -21.48 16.52
N ALA A 288 -17.45 -20.83 17.51
CA ALA A 288 -17.16 -19.44 17.81
C ALA A 288 -15.70 -19.25 18.25
N ASN A 289 -15.22 -20.16 19.11
CA ASN A 289 -13.85 -20.11 19.63
C ASN A 289 -12.78 -20.25 18.52
N THR A 290 -13.05 -21.14 17.56
CA THR A 290 -12.17 -21.35 16.36
C THR A 290 -12.16 -20.18 15.39
N ALA A 291 -13.32 -19.56 15.19
CA ALA A 291 -13.44 -18.41 14.28
C ALA A 291 -12.54 -17.25 14.73
N GLY A 292 -12.55 -16.96 16.04
CA GLY A 292 -11.73 -15.89 16.64
C GLY A 292 -10.23 -16.15 16.53
N ALA A 293 -9.81 -17.37 16.77
CA ALA A 293 -8.41 -17.80 16.54
C ALA A 293 -7.93 -17.63 15.08
N LEU A 294 -8.82 -17.89 14.11
CA LEU A 294 -8.48 -17.72 12.68
C LEU A 294 -8.19 -16.26 12.32
N VAL A 295 -9.03 -15.35 12.80
CA VAL A 295 -8.81 -13.90 12.62
C VAL A 295 -7.55 -13.42 13.35
N ALA A 296 -7.29 -13.97 14.55
CA ALA A 296 -6.10 -13.61 15.32
C ALA A 296 -4.80 -14.04 14.63
N SER A 297 -4.86 -15.16 13.88
CA SER A 297 -3.73 -15.67 13.11
C SER A 297 -3.42 -14.93 11.81
N ARG A 298 -4.21 -13.90 11.44
CA ARG A 298 -3.93 -13.02 10.29
CA ARG A 298 -3.92 -13.01 10.29
C ARG A 298 -3.72 -11.56 10.76
N LEU A 299 -3.04 -10.78 9.93
CA LEU A 299 -2.83 -9.33 10.18
C LEU A 299 -4.16 -8.53 10.07
N GLU A 300 -5.07 -8.99 9.21
CA GLU A 300 -6.30 -8.26 8.90
C GLU A 300 -7.45 -8.78 9.78
N CYS A 301 -8.56 -8.05 9.79
CA CYS A 301 -9.78 -8.43 10.54
C CYS A 301 -11.01 -8.39 9.62
N SER A 302 -11.55 -7.19 9.37
CA SER A 302 -12.81 -7.02 8.58
C SER A 302 -12.71 -7.66 7.20
N THR A 303 -11.57 -7.45 6.54
CA THR A 303 -11.31 -8.11 5.23
C THR A 303 -10.99 -9.62 5.33
N ALA A 304 -10.62 -10.10 6.53
CA ALA A 304 -10.17 -11.47 6.78
C ALA A 304 -11.15 -12.34 7.59
N MSE A 305 -12.45 -12.00 7.58
CA MSE A 305 -13.43 -12.73 8.42
C MSE A 305 -13.66 -14.13 7.85
O MSE A 305 -13.84 -14.26 6.63
CB MSE A 305 -14.76 -11.95 8.54
CG MSE A 305 -14.74 -10.76 9.48
SE MSE A 305 -14.23 -11.13 11.30
CE MSE A 305 -14.61 -9.53 12.14
N PRO A 306 -13.60 -15.18 8.70
CA PRO A 306 -13.59 -16.54 8.16
C PRO A 306 -14.96 -16.99 7.66
N THR A 307 -14.97 -17.69 6.54
CA THR A 307 -16.18 -18.32 6.03
C THR A 307 -16.46 -19.57 6.87
N THR A 308 -17.70 -20.06 6.80
CA THR A 308 -18.13 -21.26 7.55
C THR A 308 -17.30 -22.53 7.20
N ASP A 309 -16.95 -22.67 5.92
CA ASP A 309 -16.07 -23.76 5.47
C ASP A 309 -14.64 -23.67 6.03
N GLU A 310 -14.10 -22.46 6.14
CA GLU A 310 -12.76 -22.25 6.76
C GLU A 310 -12.74 -22.53 8.27
N VAL A 311 -13.85 -22.25 8.96
CA VAL A 311 -13.99 -22.54 10.39
C VAL A 311 -14.21 -24.03 10.63
N GLU A 312 -15.10 -24.64 9.84
CA GLU A 312 -15.40 -26.09 9.92
C GLU A 312 -14.17 -26.97 9.61
N ALA A 313 -13.35 -26.53 8.66
CA ALA A 313 -12.06 -27.17 8.32
C ALA A 313 -11.09 -27.15 9.49
N SER A 314 -10.91 -25.96 10.10
CA SER A 314 -10.01 -25.79 11.26
C SER A 314 -10.51 -26.42 12.55
N LEU A 315 -11.80 -26.73 12.65
CA LEU A 315 -12.39 -27.33 13.85
C LEU A 315 -11.95 -28.79 13.91
N ASN A 316 -11.01 -29.08 14.83
CA ASN A 316 -10.35 -30.39 14.97
C ASN A 316 -10.71 -31.07 16.29
N SER B 7 20.58 30.88 25.75
CA SER B 7 20.07 30.19 24.52
C SER B 7 19.07 31.13 23.80
N THR B 8 19.55 31.87 22.79
CA THR B 8 18.72 32.72 21.91
C THR B 8 18.76 32.10 20.51
N HIS B 9 17.59 31.96 19.87
CA HIS B 9 17.52 31.38 18.52
C HIS B 9 17.48 32.48 17.46
N GLU B 10 17.85 32.13 16.23
CA GLU B 10 17.62 32.97 15.06
C GLU B 10 16.16 33.00 14.61
N VAL B 11 15.47 31.87 14.73
CA VAL B 11 14.08 31.78 14.34
C VAL B 11 13.33 31.07 15.46
N LEU B 12 12.40 31.77 16.07
CA LEU B 12 11.48 31.21 17.06
C LEU B 12 10.10 31.21 16.42
N ALA B 13 9.62 30.02 16.04
CA ALA B 13 8.29 29.80 15.44
C ALA B 13 7.32 29.37 16.54
N ILE B 14 6.09 29.82 16.41
CA ILE B 14 5.02 29.49 17.29
C ILE B 14 3.86 28.96 16.51
N GLY B 15 3.32 27.81 16.95
CA GLY B 15 2.06 27.33 16.43
C GLY B 15 1.93 25.83 16.25
N ARG B 16 1.18 25.42 15.23
CA ARG B 16 0.76 24.03 15.14
C ARG B 16 1.84 23.01 14.76
N LEU B 17 1.63 21.79 15.29
CA LEU B 17 2.54 20.67 15.26
C LEU B 17 1.64 19.44 15.38
N GLY B 18 1.84 18.49 14.49
CA GLY B 18 0.97 17.29 14.45
C GLY B 18 1.69 16.21 13.65
N VAL B 19 1.07 15.04 13.57
CA VAL B 19 1.53 13.96 12.71
C VAL B 19 0.75 14.02 11.43
N ASP B 20 1.46 14.11 10.31
CA ASP B 20 0.86 13.97 8.99
C ASP B 20 0.75 12.50 8.63
N ILE B 21 -0.48 12.05 8.42
CA ILE B 21 -0.75 10.67 7.94
C ILE B 21 -1.21 10.84 6.47
N TYR B 22 -0.24 10.95 5.58
CA TYR B 22 -0.51 11.28 4.16
C TYR B 22 -0.39 10.06 3.26
N PRO B 23 -1.21 9.98 2.18
CA PRO B 23 -1.17 8.86 1.29
C PRO B 23 0.20 8.63 0.62
N LEU B 24 0.56 7.38 0.42
CA LEU B 24 1.76 6.99 -0.33
C LEU B 24 1.41 6.75 -1.80
N GLN B 25 0.12 6.85 -2.16
CA GLN B 25 -0.37 6.85 -3.54
C GLN B 25 -1.05 8.22 -3.80
N SER B 26 -0.81 8.79 -4.98
CA SER B 26 -1.34 10.11 -5.36
C SER B 26 -2.39 9.95 -6.45
N GLY B 27 -3.19 11.00 -6.64
CA GLY B 27 -4.26 10.99 -7.63
C GLY B 27 -5.41 10.08 -7.29
N VAL B 28 -5.54 9.66 -6.02
CA VAL B 28 -6.60 8.77 -5.56
C VAL B 28 -7.21 9.37 -4.28
N GLY B 29 -8.52 9.24 -4.13
CA GLY B 29 -9.19 9.61 -2.88
C GLY B 29 -8.84 8.63 -1.77
N LEU B 30 -9.26 8.99 -0.55
CA LEU B 30 -8.96 8.19 0.65
C LEU B 30 -9.53 6.77 0.55
N ALA B 31 -10.70 6.63 -0.09
CA ALA B 31 -11.29 5.29 -0.37
C ALA B 31 -10.36 4.35 -1.15
N ASP B 32 -9.49 4.92 -2.01
CA ASP B 32 -8.56 4.15 -2.84
C ASP B 32 -7.10 4.18 -2.38
N VAL B 33 -6.78 4.84 -1.27
CA VAL B 33 -5.42 4.87 -0.73
C VAL B 33 -5.20 3.51 -0.04
N GLN B 34 -4.09 2.84 -0.38
CA GLN B 34 -3.73 1.57 0.21
C GLN B 34 -2.77 1.69 1.37
N SER B 35 -1.87 2.67 1.35
CA SER B 35 -1.05 2.94 2.51
C SER B 35 -0.75 4.45 2.70
N PHE B 36 -0.47 4.81 3.95
CA PHE B 36 -0.14 6.15 4.38
C PHE B 36 1.22 6.11 5.05
N GLY B 37 1.99 7.18 4.84
CA GLY B 37 3.16 7.46 5.65
C GLY B 37 2.84 8.28 6.89
N LYS B 38 3.86 8.50 7.69
CA LYS B 38 3.81 9.13 8.99
C LYS B 38 4.96 10.14 9.01
N TYR B 39 4.64 11.44 9.10
CA TYR B 39 5.64 12.56 9.08
C TYR B 39 5.32 13.54 10.18
N LEU B 40 6.34 14.26 10.65
CA LEU B 40 6.10 15.50 11.38
C LEU B 40 5.50 16.50 10.41
N GLY B 41 4.47 17.21 10.86
CA GLY B 41 3.84 18.32 10.11
C GLY B 41 3.24 19.37 11.01
N GLY B 42 2.34 20.19 10.45
CA GLY B 42 1.83 21.40 11.09
C GLY B 42 2.67 22.59 10.61
N SER B 43 2.00 23.67 10.24
CA SER B 43 2.60 24.79 9.53
C SER B 43 3.75 25.43 10.25
N ALA B 44 3.60 25.80 11.53
CA ALA B 44 4.72 26.41 12.28
C ALA B 44 5.92 25.43 12.46
N ALA B 45 5.62 24.15 12.72
CA ALA B 45 6.64 23.11 12.82
C ALA B 45 7.36 23.01 11.50
N ASN B 46 6.63 23.01 10.38
CA ASN B 46 7.29 22.96 9.08
C ASN B 46 8.24 24.15 8.81
N VAL B 47 7.80 25.37 9.15
CA VAL B 47 8.62 26.58 9.00
C VAL B 47 9.90 26.50 9.85
N SER B 48 9.79 26.01 11.07
CA SER B 48 10.98 25.81 11.93
C SER B 48 12.00 24.82 11.31
N VAL B 49 11.50 23.72 10.72
CA VAL B 49 12.35 22.74 9.99
C VAL B 49 13.00 23.35 8.75
N ALA B 50 12.19 24.02 7.94
CA ALA B 50 12.68 24.75 6.77
C ALA B 50 13.80 25.78 7.07
N ALA B 51 13.62 26.60 8.12
CA ALA B 51 14.67 27.52 8.63
C ALA B 51 15.96 26.81 9.05
N ALA B 52 15.80 25.69 9.76
CA ALA B 52 16.88 24.81 10.15
C ALA B 52 17.67 24.26 8.96
N ARG B 53 16.97 23.85 7.91
CA ARG B 53 17.62 23.33 6.68
C ARG B 53 18.38 24.40 5.87
N HIS B 54 18.15 25.68 6.13
CA HIS B 54 19.01 26.75 5.64
C HIS B 54 20.10 27.13 6.65
N GLY B 55 20.34 26.26 7.62
CA GLY B 55 21.44 26.37 8.57
C GLY B 55 21.19 27.29 9.74
N HIS B 56 19.94 27.67 10.00
CA HIS B 56 19.64 28.65 11.04
C HIS B 56 19.24 27.96 12.33
N ASN B 57 19.61 28.60 13.43
CA ASN B 57 19.31 28.06 14.74
C ASN B 57 17.82 28.31 15.05
N SER B 58 16.99 27.26 15.00
CA SER B 58 15.55 27.42 15.12
C SER B 58 14.92 26.60 16.26
N ALA B 59 13.83 27.16 16.79
CA ALA B 59 13.04 26.58 17.90
C ALA B 59 11.56 26.74 17.60
N LEU B 60 10.74 25.84 18.16
CA LEU B 60 9.28 25.87 18.00
C LEU B 60 8.63 25.92 19.36
N LEU B 61 7.77 26.91 19.58
CA LEU B 61 6.86 26.92 20.73
C LEU B 61 5.56 26.25 20.26
N SER B 62 5.26 25.11 20.86
CA SER B 62 4.02 24.35 20.59
C SER B 62 3.83 23.37 21.73
N ARG B 63 2.94 22.40 21.57
CA ARG B 63 2.91 21.26 22.47
C ARG B 63 2.58 20.00 21.68
N VAL B 64 2.83 18.89 22.35
CA VAL B 64 2.41 17.56 21.95
C VAL B 64 1.51 16.95 23.02
N GLY B 65 0.84 15.88 22.63
CA GLY B 65 0.05 15.08 23.56
C GLY B 65 0.93 14.09 24.31
N ASN B 66 0.44 13.57 25.43
CA ASN B 66 1.17 12.56 26.23
C ASN B 66 0.85 11.19 25.67
N ASP B 67 1.43 10.91 24.49
CA ASP B 67 1.15 9.67 23.76
C ASP B 67 2.34 9.32 22.85
N PRO B 68 2.31 8.12 22.24
CA PRO B 68 3.47 7.78 21.39
C PRO B 68 3.69 8.68 20.18
N PHE B 69 2.60 9.17 19.56
CA PHE B 69 2.77 10.14 18.47
C PHE B 69 3.41 11.46 18.94
N GLY B 70 3.08 11.94 20.14
CA GLY B 70 3.73 13.12 20.69
C GLY B 70 5.21 12.91 20.95
N GLU B 71 5.56 11.77 21.54
CA GLU B 71 6.97 11.41 21.79
C GLU B 71 7.74 11.33 20.46
N TYR B 72 7.12 10.75 19.44
CA TYR B 72 7.67 10.77 18.08
C TYR B 72 8.01 12.18 17.60
N LEU B 73 7.04 13.09 17.72
CA LEU B 73 7.21 14.48 17.26
C LEU B 73 8.31 15.23 17.99
N LEU B 74 8.43 15.02 19.31
CA LEU B 74 9.60 15.54 20.05
C LEU B 74 10.95 15.05 19.47
N ALA B 75 11.04 13.74 19.22
CA ALA B 75 12.27 13.14 18.65
C ALA B 75 12.49 13.54 17.18
N GLU B 76 11.42 13.68 16.41
CA GLU B 76 11.53 14.09 14.99
C GLU B 76 11.96 15.54 14.81
N LEU B 77 11.43 16.44 15.63
CA LEU B 77 11.88 17.84 15.59
C LEU B 77 13.38 17.95 15.72
N GLU B 78 13.93 17.25 16.72
CA GLU B 78 15.34 17.27 17.00
C GLU B 78 16.13 16.57 15.90
N ARG B 79 15.62 15.45 15.39
CA ARG B 79 16.28 14.77 14.25
C ARG B 79 16.35 15.71 13.01
N LEU B 80 15.29 16.49 12.81
CA LEU B 80 15.21 17.46 11.69
C LEU B 80 15.97 18.77 11.92
N GLY B 81 16.63 18.91 13.07
CA GLY B 81 17.49 20.05 13.34
C GLY B 81 16.84 21.20 14.08
N VAL B 82 15.68 20.98 14.72
CA VAL B 82 14.93 22.05 15.41
C VAL B 82 15.03 21.80 16.91
N ASP B 83 15.27 22.87 17.65
CA ASP B 83 15.33 22.81 19.13
C ASP B 83 13.88 22.61 19.64
N ASN B 84 13.66 21.51 20.36
CA ASN B 84 12.33 21.16 20.91
C ASN B 84 12.08 21.66 22.34
N GLN B 85 12.97 22.49 22.89
CA GLN B 85 12.91 22.86 24.32
C GLN B 85 11.59 23.52 24.74
N TYR B 86 10.93 24.21 23.80
CA TYR B 86 9.67 24.88 24.07
C TYR B 86 8.44 24.09 23.59
N VAL B 87 8.59 22.77 23.43
CA VAL B 87 7.47 21.86 23.13
C VAL B 87 7.16 21.03 24.35
N ALA B 88 6.20 21.50 25.15
CA ALA B 88 5.81 20.82 26.36
C ALA B 88 4.84 19.69 26.02
N THR B 89 4.73 18.72 26.92
CA THR B 89 3.72 17.64 26.83
C THR B 89 2.43 18.08 27.54
N ASP B 90 1.35 18.22 26.77
CA ASP B 90 0.04 18.54 27.31
C ASP B 90 -0.49 17.30 28.05
N GLN B 91 -1.08 17.49 29.24
CA GLN B 91 -1.60 16.38 30.05
C GLN B 91 -3.03 15.95 29.72
N THR B 92 -3.73 16.69 28.86
CA THR B 92 -5.12 16.40 28.55
C THR B 92 -5.36 15.91 27.13
N PHE B 93 -4.91 16.68 26.15
CA PHE B 93 -5.33 16.48 24.77
C PHE B 93 -4.30 15.64 23.99
N LYS B 94 -4.81 14.95 22.97
CA LYS B 94 -4.03 14.00 22.15
C LYS B 94 -3.24 14.71 21.09
N THR B 95 -2.13 14.10 20.67
CA THR B 95 -1.37 14.60 19.55
C THR B 95 -2.27 14.52 18.32
N PRO B 96 -2.45 15.64 17.60
CA PRO B 96 -3.34 15.60 16.43
C PRO B 96 -2.73 14.89 15.22
N VAL B 97 -3.61 14.36 14.38
CA VAL B 97 -3.22 13.78 13.11
C VAL B 97 -3.97 14.52 12.03
N THR B 98 -3.33 14.58 10.86
CA THR B 98 -3.93 15.14 9.67
C THR B 98 -3.79 14.22 8.50
N PHE B 99 -4.86 14.00 7.75
CA PHE B 99 -4.86 13.26 6.51
C PHE B 99 -5.02 14.25 5.37
N CYS B 100 -4.63 13.82 4.18
CA CYS B 100 -4.94 14.55 2.97
C CYS B 100 -5.23 13.62 1.81
N GLU B 101 -5.73 14.19 0.71
CA GLU B 101 -5.78 13.50 -0.61
C GLU B 101 -4.88 14.32 -1.53
N ILE B 102 -4.25 13.66 -2.50
CA ILE B 102 -3.23 14.30 -3.32
C ILE B 102 -3.72 14.29 -4.77
N PHE B 103 -4.34 15.40 -5.20
CA PHE B 103 -4.90 15.53 -6.57
C PHE B 103 -4.20 16.71 -7.29
N PRO B 104 -2.98 16.49 -7.81
CA PRO B 104 -2.31 17.57 -8.52
C PRO B 104 -3.04 17.92 -9.83
N PRO B 105 -2.82 19.14 -10.38
CA PRO B 105 -1.88 20.17 -9.95
C PRO B 105 -2.30 21.04 -8.74
N ASP B 106 -3.60 21.03 -8.37
CA ASP B 106 -4.17 22.13 -7.56
C ASP B 106 -5.05 21.76 -6.33
N ASP B 107 -5.31 20.46 -6.08
CA ASP B 107 -6.36 20.04 -5.12
C ASP B 107 -5.73 19.08 -4.09
N PHE B 108 -5.48 19.60 -2.88
CA PHE B 108 -4.86 18.87 -1.76
C PHE B 108 -5.70 19.03 -0.51
N PRO B 109 -6.91 18.41 -0.50
CA PRO B 109 -7.80 18.61 0.63
C PRO B 109 -7.21 18.02 1.90
N LEU B 110 -7.48 18.70 3.01
CA LEU B 110 -6.91 18.38 4.32
C LEU B 110 -8.03 17.89 5.21
N TYR B 111 -7.75 16.87 6.05
CA TYR B 111 -8.67 16.28 7.03
C TYR B 111 -7.97 16.27 8.39
N PHE B 112 -8.27 17.29 9.19
CA PHE B 112 -7.63 17.53 10.47
C PHE B 112 -8.41 16.83 11.55
N TYR B 113 -7.69 16.19 12.48
CA TYR B 113 -8.26 15.58 13.68
C TYR B 113 -7.58 16.33 14.83
N ARG B 114 -8.18 17.46 15.20
CA ARG B 114 -7.66 18.37 16.23
C ARG B 114 -8.67 18.57 17.38
N GLU B 115 -9.47 17.54 17.65
CA GLU B 115 -10.59 17.59 18.58
C GLU B 115 -10.31 17.00 19.99
N PRO B 116 -10.97 17.56 21.05
CA PRO B 116 -11.78 18.78 21.10
C PRO B 116 -10.92 20.03 21.05
N LYS B 117 -9.63 19.87 21.36
CA LYS B 117 -8.65 20.90 21.30
C LYS B 117 -7.29 20.24 20.97
N ALA B 118 -6.46 20.96 20.21
CA ALA B 118 -5.08 20.55 19.91
C ALA B 118 -4.16 21.04 21.04
N PRO B 119 -3.16 20.22 21.46
CA PRO B 119 -2.15 20.64 22.44
C PRO B 119 -1.47 21.99 22.10
N ASP B 120 -1.23 22.22 20.81
CA ASP B 120 -0.68 23.51 20.33
C ASP B 120 -1.49 24.77 20.64
N LEU B 121 -2.79 24.65 20.84
CA LEU B 121 -3.65 25.76 21.26
C LEU B 121 -3.71 25.91 22.78
N ASN B 122 -2.99 25.07 23.52
CA ASN B 122 -2.88 25.11 24.97
C ASN B 122 -1.57 25.72 25.48
N ILE B 123 -0.79 26.31 24.57
CA ILE B 123 0.46 26.95 24.94
C ILE B 123 0.22 28.09 25.94
N GLU B 124 1.13 28.13 26.92
CA GLU B 124 1.14 29.12 28.01
CA GLU B 124 1.12 29.13 27.99
C GLU B 124 2.44 29.91 27.87
N SER B 125 2.45 31.15 28.31
CA SER B 125 3.66 31.99 28.26
CA SER B 125 3.67 31.98 28.27
C SER B 125 4.83 31.39 29.08
N ALA B 126 4.51 30.67 30.14
CA ALA B 126 5.50 29.89 30.93
C ALA B 126 6.22 28.81 30.11
N ASP B 127 5.63 28.36 29.00
CA ASP B 127 6.24 27.35 28.08
C ASP B 127 7.51 27.80 27.33
N VAL B 128 7.78 29.09 27.31
CA VAL B 128 8.83 29.65 26.48
C VAL B 128 9.66 30.59 27.33
N SER B 129 10.90 30.80 26.88
CA SER B 129 11.75 31.83 27.41
C SER B 129 11.29 33.17 26.82
N LEU B 130 10.76 34.06 27.66
CA LEU B 130 10.41 35.41 27.22
C LEU B 130 11.64 36.27 26.82
N ASP B 131 12.82 35.95 27.35
CA ASP B 131 14.10 36.54 26.84
C ASP B 131 14.37 36.20 25.36
N ASP B 132 14.18 34.92 25.02
CA ASP B 132 14.28 34.47 23.60
C ASP B 132 13.21 35.16 22.71
N VAL B 133 11.98 35.26 23.21
CA VAL B 133 10.88 36.05 22.56
C VAL B 133 11.36 37.48 22.19
N ARG B 134 11.98 38.16 23.13
CA ARG B 134 12.47 39.53 22.95
C ARG B 134 13.71 39.70 22.07
N GLU B 135 14.57 38.69 22.05
CA GLU B 135 15.89 38.79 21.41
C GLU B 135 16.05 37.98 20.14
N ALA B 136 15.16 37.03 19.85
CA ALA B 136 15.34 36.18 18.67
C ALA B 136 15.31 37.07 17.41
N ASP B 137 16.16 36.76 16.43
CA ASP B 137 16.26 37.57 15.21
C ASP B 137 14.92 37.63 14.48
N ILE B 138 14.21 36.48 14.48
CA ILE B 138 12.89 36.33 13.87
C ILE B 138 11.93 35.60 14.81
N LEU B 139 10.77 36.20 15.05
CA LEU B 139 9.64 35.51 15.66
C LEU B 139 8.59 35.31 14.56
N TRP B 140 8.14 34.07 14.40
CA TRP B 140 7.22 33.64 13.32
C TRP B 140 5.99 33.07 14.02
N PHE B 141 4.79 33.50 13.62
CA PHE B 141 3.53 33.06 14.24
C PHE B 141 2.43 33.06 13.18
N THR B 142 1.31 32.45 13.55
CA THR B 142 0.22 32.17 12.66
C THR B 142 -1.08 32.80 13.19
N LEU B 143 -1.99 33.07 12.27
CA LEU B 143 -3.35 33.49 12.67
C LEU B 143 -4.09 32.41 13.45
N THR B 144 -3.84 31.15 13.12
CA THR B 144 -4.47 30.01 13.82
C THR B 144 -4.13 30.00 15.31
N GLY B 145 -2.94 30.46 15.65
CA GLY B 145 -2.54 30.67 17.04
C GLY B 145 -3.51 31.56 17.88
N PHE B 146 -4.27 32.43 17.21
CA PHE B 146 -5.29 33.29 17.86
C PHE B 146 -6.69 32.68 17.92
N SER B 147 -6.86 31.49 17.34
CA SER B 147 -8.18 30.89 17.19
C SER B 147 -8.85 30.45 18.48
N GLU B 148 -8.05 30.07 19.50
CA GLU B 148 -8.58 29.60 20.81
CA GLU B 148 -8.60 29.64 20.80
C GLU B 148 -7.64 30.06 21.93
N GLU B 149 -8.21 30.25 23.10
CA GLU B 149 -7.45 30.39 24.35
C GLU B 149 -6.98 29.04 24.88
N PRO B 150 -5.88 29.04 25.67
CA PRO B 150 -5.01 30.16 26.03
C PRO B 150 -3.99 30.57 24.99
N SER B 151 -3.92 29.91 23.82
CA SER B 151 -2.97 30.32 22.77
C SER B 151 -3.12 31.78 22.36
N ARG B 152 -4.36 32.28 22.22
CA ARG B 152 -4.60 33.67 21.91
C ARG B 152 -3.94 34.62 22.90
N GLY B 153 -4.27 34.44 24.19
CA GLY B 153 -3.62 35.20 25.27
C GLY B 153 -2.11 35.06 25.29
N THR B 154 -1.63 33.84 25.03
CA THR B 154 -0.18 33.61 25.00
C THR B 154 0.50 34.38 23.88
N HIS B 155 -0.05 34.30 22.67
CA HIS B 155 0.39 35.13 21.54
C HIS B 155 0.38 36.61 21.87
N ARG B 156 -0.70 37.09 22.51
CA ARG B 156 -0.80 38.52 22.86
C ARG B 156 0.31 38.96 23.81
N GLU B 157 0.53 38.18 24.87
CA GLU B 157 1.55 38.48 25.87
C GLU B 157 2.94 38.47 25.22
N ILE B 158 3.21 37.41 24.44
CA ILE B 158 4.44 37.30 23.64
C ILE B 158 4.69 38.49 22.70
N LEU B 159 3.71 38.81 21.86
CA LEU B 159 3.81 39.92 20.88
C LEU B 159 3.87 41.30 21.49
N THR B 160 3.20 41.52 22.63
CA THR B 160 3.38 42.75 23.40
C THR B 160 4.82 42.92 23.92
N THR B 161 5.37 41.88 24.55
CA THR B 161 6.76 41.97 25.03
C THR B 161 7.81 42.05 23.90
N ARG B 162 7.54 41.43 22.76
CA ARG B 162 8.46 41.56 21.60
C ARG B 162 8.54 43.01 21.04
N ALA B 163 7.48 43.77 21.21
CA ALA B 163 7.42 45.21 20.92
C ALA B 163 7.83 45.55 19.46
N ASN B 164 7.40 44.71 18.51
CA ASN B 164 7.58 44.93 17.05
C ASN B 164 9.01 45.04 16.55
N ARG B 165 9.95 44.39 17.22
CA ARG B 165 11.30 44.36 16.74
C ARG B 165 11.43 43.56 15.44
N ARG B 166 12.36 44.02 14.60
CA ARG B 166 12.68 43.30 13.37
C ARG B 166 13.26 41.95 13.74
N HIS B 167 12.80 40.82 13.18
CA HIS B 167 11.63 40.67 12.31
C HIS B 167 10.55 39.92 13.11
N THR B 168 9.31 40.39 13.05
CA THR B 168 8.18 39.73 13.72
C THR B 168 7.18 39.38 12.60
N ILE B 169 7.08 38.10 12.24
CA ILE B 169 6.49 37.68 10.98
C ILE B 169 5.16 36.97 11.24
N PHE B 170 4.11 37.52 10.65
CA PHE B 170 2.73 37.09 10.79
C PHE B 170 2.28 36.38 9.52
N ASP B 171 2.15 35.07 9.64
CA ASP B 171 1.58 34.22 8.58
C ASP B 171 0.09 34.32 8.78
N LEU B 172 -0.60 34.85 7.77
CA LEU B 172 -2.03 35.15 7.85
C LEU B 172 -2.89 33.88 7.76
N ASP B 173 -2.27 32.71 7.56
CA ASP B 173 -2.77 31.38 7.86
C ASP B 173 -4.25 31.32 8.25
N TYR B 174 -5.11 31.25 7.25
CA TYR B 174 -6.54 31.22 7.47
C TYR B 174 -7.11 29.87 7.05
N ARG B 175 -7.68 29.20 8.04
CA ARG B 175 -8.40 27.94 7.88
CA ARG B 175 -8.41 27.95 7.84
C ARG B 175 -9.80 28.18 8.44
N PRO B 176 -10.84 28.32 7.57
CA PRO B 176 -12.20 28.65 8.12
C PRO B 176 -12.75 27.74 9.23
N MSE B 177 -12.38 26.47 9.16
CA MSE B 177 -12.87 25.46 10.10
CA MSE B 177 -12.79 25.39 10.07
C MSE B 177 -12.26 25.61 11.51
O MSE B 177 -12.78 25.04 12.48
CB MSE B 177 -12.63 24.05 9.52
CB MSE B 177 -12.30 24.02 9.54
CG MSE B 177 -13.40 23.77 8.23
CG MSE B 177 -10.75 23.76 9.52
SE MSE B 177 -15.03 22.81 8.56
SE MSE B 177 -9.77 23.82 7.82
CE MSE B 177 -16.07 24.17 9.49
CE MSE B 177 -11.14 24.54 6.64
N PHE B 178 -11.18 26.40 11.62
CA PHE B 178 -10.53 26.66 12.93
C PHE B 178 -11.17 27.83 13.69
N TRP B 179 -12.11 28.54 13.07
CA TRP B 179 -12.75 29.72 13.61
C TRP B 179 -14.27 29.54 13.66
N GLU B 180 -14.92 30.23 14.60
CA GLU B 180 -16.38 30.27 14.69
C GLU B 180 -16.98 31.11 13.58
N SER B 181 -16.26 32.16 13.16
CA SER B 181 -16.66 33.00 12.04
C SER B 181 -15.45 33.67 11.36
N PRO B 182 -15.58 34.09 10.08
CA PRO B 182 -14.53 34.95 9.49
C PRO B 182 -14.31 36.27 10.22
N GLU B 183 -15.39 36.82 10.78
CA GLU B 183 -15.33 38.09 11.53
CA GLU B 183 -15.35 38.09 11.57
C GLU B 183 -14.46 38.01 12.81
N GLU B 184 -14.56 36.89 13.54
CA GLU B 184 -13.67 36.58 14.69
C GLU B 184 -12.19 36.48 14.24
N ALA B 185 -11.91 35.86 13.09
CA ALA B 185 -10.52 35.80 12.55
C ALA B 185 -9.99 37.18 12.22
N THR B 186 -10.79 37.94 11.47
CA THR B 186 -10.45 39.33 11.13
C THR B 186 -10.09 40.18 12.35
N LYS B 187 -10.91 40.12 13.39
CA LYS B 187 -10.65 40.87 14.64
C LYS B 187 -9.28 40.53 15.25
N GLN B 188 -8.94 39.25 15.33
CA GLN B 188 -7.62 38.85 15.87
C GLN B 188 -6.47 39.24 14.94
N ALA B 189 -6.69 39.10 13.64
CA ALA B 189 -5.69 39.52 12.62
C ALA B 189 -5.38 41.03 12.69
N GLU B 190 -6.38 41.88 12.96
CA GLU B 190 -6.13 43.31 13.12
C GLU B 190 -5.22 43.63 14.33
N TRP B 191 -5.44 42.95 15.45
CA TRP B 191 -4.55 43.14 16.60
C TRP B 191 -3.15 42.64 16.27
N ALA B 192 -3.04 41.44 15.70
CA ALA B 192 -1.71 40.87 15.33
C ALA B 192 -0.94 41.76 14.38
N LEU B 193 -1.64 42.31 13.36
CA LEU B 193 -0.96 43.19 12.39
C LEU B 193 -0.34 44.44 13.01
N GLN B 194 -1.00 44.97 14.06
CA GLN B 194 -0.48 46.11 14.84
CA GLN B 194 -0.48 46.10 14.85
C GLN B 194 0.75 45.74 15.68
N HIS B 195 1.03 44.43 15.82
CA HIS B 195 2.18 43.93 16.56
C HIS B 195 3.20 43.13 15.73
N SER B 196 3.16 43.33 14.41
CA SER B 196 4.03 42.64 13.44
C SER B 196 4.86 43.61 12.57
N THR B 197 5.98 43.11 12.07
CA THR B 197 6.78 43.83 11.06
C THR B 197 6.62 43.29 9.63
N VAL B 198 6.23 42.01 9.50
CA VAL B 198 6.05 41.38 8.19
C VAL B 198 4.74 40.58 8.21
N ALA B 199 3.94 40.70 7.15
CA ALA B 199 2.78 39.88 6.98
C ALA B 199 2.87 39.13 5.68
N VAL B 200 2.49 37.84 5.72
CA VAL B 200 2.55 36.94 4.57
C VAL B 200 1.24 36.20 4.41
N GLY B 201 0.59 36.33 3.26
CA GLY B 201 -0.62 35.56 3.00
C GLY B 201 -1.00 35.50 1.54
N ASN B 202 -1.85 34.54 1.22
CA ASN B 202 -2.44 34.42 -0.07
C ASN B 202 -3.67 35.36 -0.19
N LYS B 203 -4.37 35.31 -1.31
CA LYS B 203 -5.49 36.20 -1.58
C LYS B 203 -6.61 36.15 -0.54
N GLU B 204 -7.05 34.93 -0.24
CA GLU B 204 -8.13 34.68 0.72
C GLU B 204 -7.75 35.09 2.14
N GLU B 205 -6.48 34.92 2.46
CA GLU B 205 -5.94 35.37 3.77
C GLU B 205 -5.86 36.90 3.89
N CYS B 206 -5.46 37.57 2.82
CA CYS B 206 -5.50 39.04 2.77
C CYS B 206 -6.93 39.58 2.84
N GLU B 207 -7.90 38.87 2.23
CA GLU B 207 -9.32 39.23 2.33
C GLU B 207 -9.78 39.18 3.80
N ILE B 208 -9.45 38.08 4.50
CA ILE B 208 -9.75 38.00 5.94
C ILE B 208 -9.07 39.11 6.75
N ALA B 209 -7.78 39.34 6.50
CA ALA B 209 -6.97 40.28 7.30
C ALA B 209 -7.31 41.77 7.12
N VAL B 210 -7.47 42.22 5.86
CA VAL B 210 -7.62 43.64 5.50
C VAL B 210 -8.73 43.94 4.45
N GLY B 211 -9.55 42.95 4.10
CA GLY B 211 -10.64 43.15 3.16
C GLY B 211 -10.29 43.56 1.75
N GLU B 212 -9.07 43.21 1.30
CA GLU B 212 -8.66 43.38 -0.10
C GLU B 212 -8.21 42.03 -0.67
N THR B 213 -8.58 41.80 -1.94
CA THR B 213 -8.26 40.57 -2.67
C THR B 213 -7.18 40.81 -3.76
N GLU B 214 -7.18 42.01 -4.38
CA GLU B 214 -6.14 42.41 -5.35
C GLU B 214 -4.83 42.66 -4.62
N PRO B 215 -3.71 42.03 -5.06
CA PRO B 215 -2.46 42.05 -4.25
C PRO B 215 -1.83 43.43 -3.99
N GLU B 216 -1.98 44.39 -4.92
CA GLU B 216 -1.46 45.76 -4.69
C GLU B 216 -2.22 46.53 -3.58
N ARG B 217 -3.55 46.44 -3.60
CA ARG B 217 -4.39 47.08 -2.58
C ARG B 217 -4.26 46.43 -1.19
N ALA B 218 -4.18 45.10 -1.19
CA ALA B 218 -3.91 44.31 0.03
C ALA B 218 -2.59 44.69 0.67
N GLY B 219 -1.55 44.82 -0.17
CA GLY B 219 -0.23 45.22 0.29
C GLY B 219 -0.24 46.61 0.91
N ARG B 220 -0.85 47.59 0.22
CA ARG B 220 -1.01 48.95 0.79
C ARG B 220 -1.84 48.96 2.11
N ALA B 221 -2.89 48.14 2.15
CA ALA B 221 -3.75 47.98 3.33
C ALA B 221 -2.94 47.40 4.51
N LEU B 222 -2.14 46.39 4.26
CA LEU B 222 -1.27 45.74 5.28
C LEU B 222 -0.20 46.70 5.81
N LEU B 223 0.38 47.52 4.92
CA LEU B 223 1.32 48.59 5.32
C LEU B 223 0.69 49.65 6.24
N GLU B 224 -0.55 50.04 5.93
CA GLU B 224 -1.33 50.97 6.77
C GLU B 224 -1.60 50.45 8.18
N ARG B 225 -1.79 49.13 8.31
CA ARG B 225 -1.97 48.48 9.63
CA ARG B 225 -1.97 48.48 9.63
C ARG B 225 -0.69 48.50 10.46
N GLY B 226 0.46 48.63 9.80
CA GLY B 226 1.73 48.87 10.50
C GLY B 226 2.90 47.99 10.14
N VAL B 227 2.70 46.94 9.33
CA VAL B 227 3.85 46.12 8.88
C VAL B 227 4.76 46.91 7.93
N GLU B 228 6.06 46.58 7.94
CA GLU B 228 7.08 47.21 7.11
CA GLU B 228 7.03 47.24 7.07
C GLU B 228 7.22 46.48 5.75
N LEU B 229 6.77 45.22 5.70
CA LEU B 229 6.90 44.35 4.52
C LEU B 229 5.64 43.47 4.42
N ALA B 230 4.91 43.59 3.31
CA ALA B 230 3.69 42.82 3.06
C ALA B 230 4.06 41.90 1.91
N ILE B 231 3.81 40.60 2.09
CA ILE B 231 4.11 39.59 1.07
C ILE B 231 2.79 38.92 0.67
N VAL B 232 2.34 39.14 -0.57
CA VAL B 232 1.08 38.61 -1.08
C VAL B 232 1.38 37.52 -2.09
N LYS B 233 0.98 36.28 -1.75
CA LYS B 233 1.17 35.14 -2.63
C LYS B 233 0.00 35.07 -3.60
N GLN B 234 0.30 35.01 -4.90
CA GLN B 234 -0.69 35.11 -5.98
C GLN B 234 -0.82 33.82 -6.85
N GLY B 235 -0.36 32.67 -6.33
CA GLY B 235 -0.52 31.38 -7.02
C GLY B 235 0.32 31.32 -8.30
N PRO B 236 -0.30 30.98 -9.46
CA PRO B 236 0.46 30.93 -10.70
C PRO B 236 1.00 32.28 -11.20
N LYS B 237 0.53 33.40 -10.65
CA LYS B 237 1.04 34.74 -10.99
C LYS B 237 2.24 35.17 -10.09
N GLY B 238 2.73 34.27 -9.23
CA GLY B 238 3.97 34.46 -8.45
C GLY B 238 3.71 34.98 -7.04
N VAL B 239 4.56 35.95 -6.63
CA VAL B 239 4.42 36.63 -5.33
CA VAL B 239 4.43 36.63 -5.32
C VAL B 239 4.74 38.11 -5.50
N MSE B 240 4.06 38.95 -4.72
CA MSE B 240 4.37 40.37 -4.62
C MSE B 240 4.92 40.68 -3.24
O MSE B 240 4.36 40.21 -2.25
CB MSE B 240 3.13 41.22 -4.82
CG MSE B 240 3.37 42.72 -4.49
SE MSE B 240 1.85 43.81 -4.48
CE MSE B 240 1.19 43.36 -6.26
N ALA B 241 5.96 41.51 -3.18
CA ALA B 241 6.45 42.10 -1.92
C ALA B 241 6.36 43.63 -2.02
N MSE B 242 5.86 44.26 -0.95
CA MSE B 242 5.72 45.70 -0.87
CA MSE B 242 5.71 45.72 -0.86
C MSE B 242 6.25 46.26 0.46
O MSE B 242 5.96 45.72 1.50
CB MSE B 242 4.26 46.08 -1.02
CB MSE B 242 4.24 46.10 -0.95
CG MSE B 242 4.08 47.51 -1.47
CG MSE B 242 3.64 45.84 -2.27
SE MSE B 242 2.35 48.21 -1.04
SE MSE B 242 1.87 46.66 -2.52
CE MSE B 242 2.69 50.07 -1.53
CE MSE B 242 2.24 48.51 -2.13
N THR B 243 7.04 47.33 0.37
CA THR B 243 7.46 48.16 1.51
C THR B 243 7.03 49.61 1.21
N LYS B 244 7.32 50.52 2.13
CA LYS B 244 7.10 51.95 1.94
C LYS B 244 7.93 52.60 0.84
N ASP B 245 9.02 51.96 0.42
CA ASP B 245 9.95 52.44 -0.60
C ASP B 245 9.90 51.68 -1.93
N GLU B 246 9.34 50.47 -1.93
CA GLU B 246 9.61 49.45 -2.94
C GLU B 246 8.35 48.60 -3.17
N THR B 247 8.07 48.27 -4.43
CA THR B 247 7.07 47.24 -4.80
C THR B 247 7.72 46.34 -5.84
N VAL B 248 7.73 45.03 -5.56
CA VAL B 248 8.45 44.03 -6.34
C VAL B 248 7.50 42.85 -6.58
N GLU B 249 7.44 42.40 -7.85
CA GLU B 249 6.73 41.17 -8.24
C GLU B 249 7.77 40.17 -8.79
N VAL B 250 7.74 38.93 -8.31
CA VAL B 250 8.53 37.82 -8.87
C VAL B 250 7.59 36.72 -9.38
N PRO B 251 7.77 36.23 -10.64
CA PRO B 251 6.98 35.08 -11.11
C PRO B 251 7.31 33.76 -10.40
N PRO B 252 6.47 32.71 -10.58
CA PRO B 252 6.73 31.43 -9.93
C PRO B 252 7.88 30.63 -10.55
N PHE B 253 8.30 29.59 -9.83
CA PHE B 253 9.23 28.58 -10.37
C PHE B 253 8.38 27.40 -10.85
N PHE B 254 8.44 27.10 -12.15
CA PHE B 254 7.64 26.03 -12.75
C PHE B 254 8.21 24.64 -12.41
N VAL B 255 7.31 23.75 -11.98
CA VAL B 255 7.61 22.36 -11.61
C VAL B 255 6.41 21.44 -11.88
N ASP B 256 6.68 20.14 -12.02
CA ASP B 256 5.62 19.12 -12.06
C ASP B 256 5.21 18.84 -10.62
N VAL B 257 4.00 19.26 -10.24
CA VAL B 257 3.52 19.23 -8.83
C VAL B 257 3.00 17.82 -8.50
N ILE B 258 3.41 17.29 -7.34
CA ILE B 258 2.83 16.05 -6.78
C ILE B 258 1.94 16.41 -5.61
N ASN B 259 2.54 16.92 -4.53
CA ASN B 259 1.81 17.37 -3.33
C ASN B 259 2.20 18.82 -3.03
N GLY B 260 1.29 19.77 -3.29
CA GLY B 260 1.50 21.20 -3.00
C GLY B 260 1.50 21.57 -1.50
N LEU B 261 1.02 20.66 -0.64
CA LEU B 261 0.98 20.91 0.80
C LEU B 261 2.36 21.16 1.37
N GLY B 262 2.41 22.12 2.29
CA GLY B 262 3.66 22.60 2.89
C GLY B 262 4.50 23.50 2.01
N ALA B 263 4.06 23.85 0.80
CA ALA B 263 4.87 24.68 -0.10
C ALA B 263 5.03 26.07 0.53
N GLY B 264 3.93 26.59 1.11
CA GLY B 264 3.95 27.82 1.85
C GLY B 264 4.93 27.84 3.00
N ASP B 265 5.11 26.69 3.64
CA ASP B 265 6.01 26.57 4.78
C ASP B 265 7.48 26.61 4.36
N ALA B 266 7.79 25.90 3.28
CA ALA B 266 9.12 25.99 2.67
C ALA B 266 9.40 27.41 2.24
N PHE B 267 8.44 28.05 1.57
CA PHE B 267 8.49 29.51 1.29
C PHE B 267 8.90 30.33 2.54
N GLY B 268 8.23 30.06 3.67
CA GLY B 268 8.42 30.80 4.92
C GLY B 268 9.81 30.63 5.53
N GLY B 269 10.27 29.39 5.60
CA GLY B 269 11.63 29.12 6.08
C GLY B 269 12.68 29.76 5.16
N ALA B 270 12.42 29.76 3.84
CA ALA B 270 13.31 30.36 2.86
C ALA B 270 13.27 31.91 2.97
N LEU B 271 12.07 32.46 3.23
CA LEU B 271 11.91 33.91 3.53
C LEU B 271 12.73 34.28 4.77
N CYS B 272 12.60 33.47 5.84
CA CYS B 272 13.47 33.64 7.03
C CYS B 272 14.98 33.71 6.65
N HIS B 273 15.47 32.74 5.87
CA HIS B 273 16.85 32.79 5.35
C HIS B 273 17.20 34.07 4.59
N GLY B 274 16.33 34.51 3.67
CA GLY B 274 16.55 35.73 2.89
C GLY B 274 16.62 36.99 3.74
N LEU B 275 15.68 37.13 4.68
CA LEU B 275 15.71 38.25 5.65
C LEU B 275 16.95 38.27 6.54
N LEU B 276 17.30 37.12 7.10
CA LEU B 276 18.52 36.97 7.95
C LEU B 276 19.81 37.23 7.16
N SER B 277 19.81 36.87 5.87
CA SER B 277 20.96 37.16 4.99
C SER B 277 21.03 38.61 4.51
N GLU B 278 19.99 39.41 4.76
CA GLU B 278 19.86 40.80 4.30
C GLU B 278 19.98 40.91 2.78
N TRP B 279 19.37 39.95 2.10
CA TRP B 279 19.37 39.91 0.63
C TRP B 279 18.42 41.01 0.11
N PRO B 280 18.61 41.47 -1.13
CA PRO B 280 17.60 42.34 -1.75
C PRO B 280 16.25 41.59 -1.89
N LEU B 281 15.12 42.31 -1.78
CA LEU B 281 13.76 41.69 -1.83
C LEU B 281 13.56 40.72 -2.98
N GLU B 282 14.01 41.10 -4.18
CA GLU B 282 13.79 40.27 -5.39
C GLU B 282 14.55 38.92 -5.29
N LYS B 283 15.77 38.93 -4.75
CA LYS B 283 16.50 37.69 -4.46
C LYS B 283 15.77 36.86 -3.39
N VAL B 284 15.29 37.53 -2.33
CA VAL B 284 14.55 36.86 -1.23
C VAL B 284 13.31 36.13 -1.76
N LEU B 285 12.56 36.80 -2.66
CA LEU B 285 11.30 36.23 -3.21
C LEU B 285 11.59 35.07 -4.15
N ARG B 286 12.60 35.24 -5.03
CA ARG B 286 12.99 34.20 -6.01
C ARG B 286 13.44 32.93 -5.33
N PHE B 287 14.34 33.10 -4.36
CA PHE B 287 14.79 32.00 -3.52
C PHE B 287 13.60 31.32 -2.81
N ALA B 288 12.69 32.12 -2.26
CA ALA B 288 11.58 31.56 -1.46
C ALA B 288 10.55 30.86 -2.35
N ASN B 289 10.27 31.46 -3.53
CA ASN B 289 9.41 30.81 -4.55
C ASN B 289 9.92 29.47 -5.03
N THR B 290 11.23 29.41 -5.30
CA THR B 290 11.87 28.18 -5.75
C THR B 290 11.80 27.11 -4.69
N ALA B 291 12.11 27.49 -3.43
CA ALA B 291 12.02 26.59 -2.29
C ALA B 291 10.63 25.99 -2.15
N GLY B 292 9.60 26.81 -2.26
CA GLY B 292 8.19 26.33 -2.21
C GLY B 292 7.88 25.36 -3.34
N ALA B 293 8.26 25.72 -4.57
CA ALA B 293 8.09 24.87 -5.77
C ALA B 293 8.72 23.47 -5.63
N LEU B 294 9.91 23.39 -5.02
CA LEU B 294 10.57 22.09 -4.75
C LEU B 294 9.84 21.17 -3.79
N VAL B 295 9.21 21.72 -2.73
CA VAL B 295 8.38 20.92 -1.86
C VAL B 295 7.14 20.49 -2.63
N ALA B 296 6.54 21.40 -3.40
CA ALA B 296 5.39 21.08 -4.26
C ALA B 296 5.67 19.91 -5.22
N SER B 297 6.92 19.78 -5.68
CA SER B 297 7.35 18.72 -6.61
CA SER B 297 7.33 18.72 -6.62
C SER B 297 7.38 17.30 -6.03
N ARG B 298 7.33 17.17 -4.70
CA ARG B 298 7.50 15.90 -4.02
C ARG B 298 6.26 15.44 -3.25
N LEU B 299 6.21 14.14 -3.00
CA LEU B 299 5.14 13.52 -2.22
C LEU B 299 5.15 14.01 -0.77
N GLU B 300 6.35 14.25 -0.24
CA GLU B 300 6.60 14.57 1.16
C GLU B 300 6.53 16.06 1.39
N CYS B 301 6.40 16.41 2.67
CA CYS B 301 6.26 17.78 3.14
C CYS B 301 7.48 18.12 4.03
N SER B 302 7.47 17.84 5.35
CA SER B 302 8.59 18.24 6.27
C SER B 302 9.97 17.64 5.91
N THR B 303 9.95 16.38 5.48
CA THR B 303 11.19 15.69 5.06
C THR B 303 11.68 16.15 3.66
N ALA B 304 10.85 16.86 2.90
CA ALA B 304 11.20 17.44 1.58
C ALA B 304 11.61 18.92 1.62
N MSE B 305 11.69 19.53 2.81
CA MSE B 305 12.10 20.94 2.92
C MSE B 305 13.53 21.06 2.36
O MSE B 305 14.40 20.29 2.79
CB MSE B 305 12.05 21.50 4.34
CG MSE B 305 10.70 21.53 4.98
SE MSE B 305 9.41 22.83 4.29
CE MSE B 305 7.77 21.73 4.20
N PRO B 306 13.75 21.97 1.39
CA PRO B 306 15.02 21.98 0.70
C PRO B 306 16.12 22.72 1.45
N THR B 307 17.34 22.29 1.16
CA THR B 307 18.54 22.94 1.68
CA THR B 307 18.57 22.92 1.64
C THR B 307 18.82 24.14 0.78
N THR B 308 19.68 25.04 1.25
CA THR B 308 20.13 26.20 0.46
C THR B 308 20.82 25.80 -0.85
N ASP B 309 21.67 24.77 -0.78
CA ASP B 309 22.33 24.21 -1.99
C ASP B 309 21.36 23.62 -3.03
N GLU B 310 20.31 22.96 -2.55
CA GLU B 310 19.22 22.44 -3.41
C GLU B 310 18.44 23.56 -4.10
N VAL B 311 18.12 24.63 -3.38
CA VAL B 311 17.45 25.81 -3.95
C VAL B 311 18.38 26.50 -4.97
N GLU B 312 19.61 26.77 -4.56
CA GLU B 312 20.69 27.26 -5.45
C GLU B 312 20.81 26.45 -6.76
N ALA B 313 20.79 25.13 -6.66
CA ALA B 313 20.91 24.24 -7.84
C ALA B 313 19.72 24.38 -8.81
N SER B 314 18.52 24.53 -8.24
CA SER B 314 17.29 24.73 -9.01
CA SER B 314 17.30 24.74 -9.03
C SER B 314 17.27 26.11 -9.67
N LEU B 315 17.71 27.14 -8.92
CA LEU B 315 17.87 28.49 -9.49
C LEU B 315 18.93 28.49 -10.60
N ASN B 316 20.05 27.77 -10.38
CA ASN B 316 21.18 27.71 -11.33
C ASN B 316 21.12 26.47 -12.20
N SER C 7 25.75 17.69 -23.43
CA SER C 7 25.69 16.99 -22.10
C SER C 7 26.92 16.10 -21.81
N THR C 8 27.88 16.65 -21.05
CA THR C 8 28.81 15.83 -20.25
C THR C 8 28.26 15.74 -18.81
N HIS C 9 28.33 14.55 -18.20
CA HIS C 9 27.79 14.28 -16.83
C HIS C 9 28.92 14.08 -15.82
N GLU C 10 28.63 14.35 -14.55
CA GLU C 10 29.56 14.04 -13.45
C GLU C 10 29.64 12.53 -13.16
N VAL C 11 28.50 11.86 -13.21
CA VAL C 11 28.39 10.42 -12.96
C VAL C 11 27.64 9.79 -14.11
N LEU C 12 28.29 8.87 -14.81
CA LEU C 12 27.69 8.10 -15.86
C LEU C 12 27.69 6.66 -15.37
N ALA C 13 26.51 6.20 -14.97
CA ALA C 13 26.29 4.84 -14.47
C ALA C 13 25.81 3.94 -15.63
N ILE C 14 26.19 2.67 -15.58
CA ILE C 14 25.82 1.68 -16.59
C ILE C 14 25.31 0.45 -15.89
N GLY C 15 24.14 -0.02 -16.29
CA GLY C 15 23.70 -1.34 -15.87
C GLY C 15 22.22 -1.42 -15.64
N ARG C 16 21.83 -2.18 -14.65
CA ARG C 16 20.45 -2.66 -14.59
C ARG C 16 19.47 -1.63 -14.03
N LEU C 17 18.27 -1.72 -14.58
CA LEU C 17 17.14 -0.87 -14.33
C LEU C 17 15.91 -1.81 -14.45
N GLY C 18 14.98 -1.68 -13.52
CA GLY C 18 13.75 -2.50 -13.55
C GLY C 18 12.68 -1.94 -12.62
N VAL C 19 11.53 -2.60 -12.60
CA VAL C 19 10.45 -2.30 -11.69
C VAL C 19 10.57 -3.21 -10.46
N ASP C 20 10.62 -2.58 -9.29
CA ASP C 20 10.56 -3.24 -8.00
C ASP C 20 9.08 -3.26 -7.58
N ILE C 21 8.54 -4.45 -7.39
CA ILE C 21 7.17 -4.65 -6.93
C ILE C 21 7.30 -5.02 -5.44
N TYR C 22 6.97 -4.09 -4.57
CA TYR C 22 7.23 -4.17 -3.11
CA TYR C 22 7.27 -4.24 -3.12
C TYR C 22 5.99 -4.58 -2.38
N PRO C 23 6.11 -5.47 -1.37
CA PRO C 23 4.91 -5.77 -0.58
C PRO C 23 4.55 -4.57 0.29
N LEU C 24 3.26 -4.28 0.46
CA LEU C 24 2.86 -3.26 1.42
C LEU C 24 3.11 -3.74 2.87
N GLN C 25 2.96 -5.04 3.11
CA GLN C 25 3.08 -5.65 4.44
C GLN C 25 4.52 -6.13 4.61
N SER C 26 5.17 -5.68 5.70
CA SER C 26 6.49 -6.16 6.10
C SER C 26 6.34 -7.43 6.93
N GLY C 27 7.39 -8.24 6.90
CA GLY C 27 7.47 -9.43 7.76
C GLY C 27 6.62 -10.60 7.31
N VAL C 28 6.23 -10.64 6.03
CA VAL C 28 5.40 -11.75 5.51
C VAL C 28 5.95 -12.25 4.18
N GLY C 29 5.78 -13.54 3.92
CA GLY C 29 6.16 -14.13 2.63
C GLY C 29 5.13 -13.75 1.57
N LEU C 30 5.52 -13.84 0.31
CA LEU C 30 4.66 -13.48 -0.83
C LEU C 30 3.25 -14.07 -0.80
N ALA C 31 3.10 -15.30 -0.31
CA ALA C 31 1.79 -15.95 -0.20
C ALA C 31 0.81 -15.22 0.69
N ASP C 32 1.34 -14.55 1.73
CA ASP C 32 0.54 -13.80 2.67
C ASP C 32 0.43 -12.29 2.34
N VAL C 33 1.22 -11.81 1.39
CA VAL C 33 1.22 -10.39 1.01
C VAL C 33 -0.14 -10.09 0.34
N GLN C 34 -0.88 -9.11 0.86
CA GLN C 34 -2.21 -8.75 0.33
C GLN C 34 -2.18 -7.72 -0.81
N SER C 35 -1.19 -6.85 -0.82
CA SER C 35 -1.10 -5.76 -1.79
CA SER C 35 -1.08 -5.86 -1.87
C SER C 35 0.35 -5.41 -2.07
N PHE C 36 0.63 -4.89 -3.27
CA PHE C 36 1.96 -4.41 -3.62
C PHE C 36 1.93 -2.99 -4.12
N GLY C 37 3.08 -2.31 -4.03
CA GLY C 37 3.31 -1.08 -4.78
C GLY C 37 4.46 -1.28 -5.75
N LYS C 38 4.76 -0.25 -6.54
CA LYS C 38 5.87 -0.33 -7.49
C LYS C 38 6.78 0.88 -7.34
N TYR C 39 8.06 0.66 -7.59
CA TYR C 39 9.11 1.64 -7.54
C TYR C 39 10.09 1.34 -8.69
N LEU C 40 10.83 2.35 -9.10
CA LEU C 40 12.02 2.13 -9.93
C LEU C 40 13.07 1.44 -9.08
N GLY C 41 13.74 0.46 -9.66
CA GLY C 41 14.90 -0.20 -9.05
C GLY C 41 15.94 -0.64 -10.05
N GLY C 42 16.84 -1.51 -9.57
CA GLY C 42 17.97 -2.01 -10.33
C GLY C 42 19.20 -1.26 -9.83
N SER C 43 20.27 -2.01 -9.53
CA SER C 43 21.45 -1.46 -8.84
C SER C 43 22.04 -0.21 -9.49
N ALA C 44 22.36 -0.27 -10.77
CA ALA C 44 22.94 0.90 -11.44
C ALA C 44 21.97 2.12 -11.52
N ALA C 45 20.69 1.84 -11.74
CA ALA C 45 19.65 2.89 -11.72
C ALA C 45 19.66 3.55 -10.33
N ASN C 46 19.68 2.74 -9.28
CA ASN C 46 19.68 3.21 -7.90
C ASN C 46 20.92 4.08 -7.57
N VAL C 47 22.09 3.67 -8.07
CA VAL C 47 23.33 4.42 -7.87
C VAL C 47 23.25 5.81 -8.57
N SER C 48 22.71 5.86 -9.78
CA SER C 48 22.54 7.14 -10.49
C SER C 48 21.62 8.11 -9.74
N VAL C 49 20.52 7.58 -9.20
CA VAL C 49 19.61 8.35 -8.34
C VAL C 49 20.29 8.85 -7.09
N ALA C 50 21.06 7.97 -6.46
CA ALA C 50 21.75 8.31 -5.23
C ALA C 50 22.80 9.42 -5.45
N ALA C 51 23.54 9.35 -6.57
CA ALA C 51 24.43 10.42 -7.02
C ALA C 51 23.68 11.75 -7.22
N ALA C 52 22.56 11.68 -7.95
CA ALA C 52 21.71 12.87 -8.19
C ALA C 52 21.23 13.53 -6.89
N ARG C 53 20.90 12.72 -5.88
CA ARG C 53 20.46 13.25 -4.56
C ARG C 53 21.59 13.96 -3.81
N HIS C 54 22.84 13.66 -4.13
CA HIS C 54 23.99 14.43 -3.66
C HIS C 54 24.34 15.64 -4.56
N GLY C 55 23.42 16.02 -5.45
CA GLY C 55 23.56 17.22 -6.24
C GLY C 55 24.40 17.09 -7.48
N HIS C 56 24.67 15.86 -7.92
CA HIS C 56 25.56 15.61 -9.05
C HIS C 56 24.75 15.38 -10.32
N ASN C 57 25.26 15.91 -11.43
CA ASN C 57 24.63 15.75 -12.74
C ASN C 57 24.88 14.31 -13.23
N SER C 58 23.85 13.46 -13.14
CA SER C 58 23.96 12.00 -13.35
CA SER C 58 24.01 12.02 -13.38
C SER C 58 23.14 11.48 -14.53
N ALA C 59 23.66 10.45 -15.21
CA ALA C 59 22.98 9.74 -16.33
C ALA C 59 23.14 8.22 -16.19
N LEU C 60 22.21 7.46 -16.77
CA LEU C 60 22.24 5.99 -16.71
C LEU C 60 22.23 5.46 -18.14
N LEU C 61 23.18 4.61 -18.47
CA LEU C 61 23.15 3.86 -19.71
C LEU C 61 22.45 2.52 -19.36
N SER C 62 21.28 2.32 -19.96
CA SER C 62 20.50 1.10 -19.72
C SER C 62 19.48 0.96 -20.81
N ARG C 63 18.57 0.00 -20.68
CA ARG C 63 17.39 -0.02 -21.54
C ARG C 63 16.15 -0.36 -20.73
N VAL C 64 15.00 0.02 -21.29
CA VAL C 64 13.69 -0.45 -20.84
C VAL C 64 13.03 -1.24 -21.96
N GLY C 65 11.98 -1.98 -21.63
CA GLY C 65 11.13 -2.64 -22.64
C GLY C 65 10.15 -1.66 -23.29
N ASN C 66 9.60 -2.07 -24.43
CA ASN C 66 8.57 -1.30 -25.15
C ASN C 66 7.19 -1.64 -24.57
N ASP C 67 6.95 -1.17 -23.33
CA ASP C 67 5.75 -1.52 -22.58
C ASP C 67 5.45 -0.43 -21.54
N PRO C 68 4.32 -0.53 -20.82
CA PRO C 68 3.99 0.49 -19.83
C PRO C 68 4.94 0.63 -18.65
N PHE C 69 5.48 -0.47 -18.13
CA PHE C 69 6.51 -0.40 -17.07
C PHE C 69 7.79 0.30 -17.56
N GLY C 70 8.12 0.11 -18.83
CA GLY C 70 9.24 0.81 -19.42
C GLY C 70 9.03 2.30 -19.50
N GLU C 71 7.84 2.71 -19.93
CA GLU C 71 7.43 4.14 -19.96
C GLU C 71 7.44 4.76 -18.54
N TYR C 72 6.97 4.00 -17.56
CA TYR C 72 7.08 4.39 -16.14
C TYR C 72 8.53 4.69 -15.71
N LEU C 73 9.47 3.77 -15.97
CA LEU C 73 10.85 3.89 -15.52
C LEU C 73 11.58 5.07 -16.22
N LEU C 74 11.26 5.35 -17.48
CA LEU C 74 11.85 6.51 -18.18
C LEU C 74 11.38 7.81 -17.50
N ALA C 75 10.08 7.91 -17.22
CA ALA C 75 9.52 9.07 -16.49
C ALA C 75 10.03 9.15 -15.04
N GLU C 76 10.06 8.02 -14.34
CA GLU C 76 10.52 7.98 -12.95
C GLU C 76 12.01 8.35 -12.78
N LEU C 77 12.89 7.83 -13.64
CA LEU C 77 14.29 8.23 -13.65
C LEU C 77 14.46 9.76 -13.65
N GLU C 78 13.77 10.42 -14.59
CA GLU C 78 13.73 11.88 -14.68
C GLU C 78 13.15 12.57 -13.43
N ARG C 79 12.00 12.06 -12.93
CA ARG C 79 11.40 12.55 -11.67
CA ARG C 79 11.41 12.55 -11.68
C ARG C 79 12.43 12.51 -10.53
N LEU C 80 13.23 11.42 -10.47
CA LEU C 80 14.30 11.25 -9.44
C LEU C 80 15.61 12.05 -9.68
N GLY C 81 15.66 12.89 -10.71
CA GLY C 81 16.82 13.79 -10.99
C GLY C 81 17.93 13.17 -11.84
N VAL C 82 17.60 12.12 -12.60
CA VAL C 82 18.56 11.39 -13.44
C VAL C 82 18.21 11.66 -14.92
N ASP C 83 19.22 12.01 -15.71
CA ASP C 83 19.08 12.17 -17.19
C ASP C 83 18.88 10.78 -17.79
N ASN C 84 17.75 10.58 -18.48
CA ASN C 84 17.37 9.29 -19.10
C ASN C 84 17.75 9.17 -20.59
N GLN C 85 18.53 10.11 -21.11
CA GLN C 85 18.88 10.16 -22.55
C GLN C 85 19.57 8.91 -23.09
N TYR C 86 20.31 8.19 -22.25
CA TYR C 86 21.02 6.97 -22.68
C TYR C 86 20.24 5.70 -22.37
N VAL C 87 18.97 5.82 -22.01
CA VAL C 87 18.09 4.65 -21.73
C VAL C 87 17.22 4.37 -22.97
N ALA C 88 17.70 3.48 -23.84
CA ALA C 88 16.99 3.12 -25.07
C ALA C 88 15.81 2.22 -24.79
N THR C 89 14.84 2.19 -25.69
CA THR C 89 13.67 1.31 -25.55
C THR C 89 13.96 0.09 -26.42
N ASP C 90 14.11 -1.07 -25.79
CA ASP C 90 14.38 -2.30 -26.50
C ASP C 90 13.11 -2.73 -27.22
N GLN C 91 13.26 -3.11 -28.48
CA GLN C 91 12.14 -3.51 -29.31
C GLN C 91 11.67 -4.97 -29.15
N THR C 92 12.42 -5.82 -28.43
CA THR C 92 12.07 -7.23 -28.30
C THR C 92 11.74 -7.61 -26.86
N PHE C 93 12.63 -7.30 -25.93
CA PHE C 93 12.51 -7.80 -24.55
C PHE C 93 11.69 -6.86 -23.64
N LYS C 94 11.02 -7.46 -22.68
CA LYS C 94 10.15 -6.72 -21.75
C LYS C 94 10.84 -6.15 -20.53
N THR C 95 10.22 -5.12 -19.95
CA THR C 95 10.79 -4.48 -18.77
C THR C 95 10.74 -5.51 -17.62
N PRO C 96 11.89 -5.76 -16.94
CA PRO C 96 11.88 -6.76 -15.89
C PRO C 96 11.22 -6.28 -14.59
N VAL C 97 10.60 -7.21 -13.86
CA VAL C 97 10.09 -6.92 -12.54
C VAL C 97 10.85 -7.75 -11.51
N THR C 98 10.92 -7.22 -10.30
CA THR C 98 11.53 -7.88 -9.17
C THR C 98 10.61 -7.78 -7.97
N PHE C 99 10.27 -8.93 -7.38
CA PHE C 99 9.50 -9.01 -6.14
C PHE C 99 10.48 -9.17 -5.00
N CYS C 100 10.03 -8.78 -3.82
CA CYS C 100 10.79 -9.03 -2.60
C CYS C 100 9.92 -9.36 -1.41
N GLU C 101 10.53 -9.97 -0.39
CA GLU C 101 9.97 -10.04 0.96
C GLU C 101 10.83 -9.25 1.93
N ILE C 102 10.21 -8.73 2.98
CA ILE C 102 10.87 -7.81 3.88
C ILE C 102 10.81 -8.45 5.27
N PHE C 103 11.90 -9.10 5.67
CA PHE C 103 12.00 -9.77 6.99
C PHE C 103 13.20 -9.15 7.76
N PRO C 104 12.98 -7.98 8.37
CA PRO C 104 14.10 -7.35 9.09
C PRO C 104 14.50 -8.14 10.34
N PRO C 105 15.73 -7.96 10.85
CA PRO C 105 16.81 -7.07 10.40
C PRO C 105 17.67 -7.45 9.21
N ASP C 106 17.67 -8.73 8.77
CA ASP C 106 18.71 -9.18 7.81
CA ASP C 106 18.72 -9.29 7.91
C ASP C 106 18.29 -10.10 6.65
N ASP C 107 16.99 -10.29 6.42
CA ASP C 107 16.52 -11.17 5.31
C ASP C 107 15.62 -10.41 4.34
N PHE C 108 16.12 -10.11 3.14
CA PHE C 108 15.36 -9.37 2.11
C PHE C 108 15.44 -10.09 0.76
N PRO C 109 14.82 -11.29 0.66
CA PRO C 109 14.98 -12.08 -0.54
C PRO C 109 14.36 -11.41 -1.76
N LEU C 110 15.01 -11.59 -2.91
CA LEU C 110 14.57 -11.02 -4.19
C LEU C 110 14.16 -12.14 -5.13
N TYR C 111 13.17 -11.84 -6.00
CA TYR C 111 12.64 -12.84 -6.93
C TYR C 111 12.59 -12.13 -8.27
N PHE C 112 13.60 -12.37 -9.11
CA PHE C 112 13.79 -11.62 -10.36
C PHE C 112 12.98 -12.27 -11.49
N TYR C 113 12.38 -11.45 -12.34
CA TYR C 113 11.76 -11.89 -13.58
C TYR C 113 12.47 -11.10 -14.65
N ARG C 114 13.67 -11.58 -15.03
CA ARG C 114 14.53 -10.96 -16.06
C ARG C 114 14.74 -11.87 -17.30
N GLU C 115 13.81 -12.78 -17.56
CA GLU C 115 13.97 -13.80 -18.62
C GLU C 115 13.27 -13.43 -19.93
N PRO C 116 13.81 -13.88 -21.08
CA PRO C 116 15.08 -14.62 -21.28
C PRO C 116 16.33 -13.73 -21.26
N LYS C 117 16.17 -12.43 -21.52
CA LYS C 117 17.28 -11.50 -21.50
C LYS C 117 16.76 -10.11 -21.21
N ALA C 118 17.23 -9.51 -20.13
CA ALA C 118 16.82 -8.18 -19.71
C ALA C 118 17.18 -7.13 -20.77
N PRO C 119 16.30 -6.15 -21.05
CA PRO C 119 16.63 -4.98 -21.88
C PRO C 119 17.98 -4.36 -21.52
N ASP C 120 18.29 -4.23 -20.22
CA ASP C 120 19.61 -3.68 -19.79
C ASP C 120 20.85 -4.46 -20.27
N LEU C 121 20.69 -5.76 -20.58
CA LEU C 121 21.79 -6.58 -21.15
C LEU C 121 21.86 -6.53 -22.68
N ASN C 122 20.98 -5.74 -23.29
CA ASN C 122 20.94 -5.52 -24.74
CA ASN C 122 20.94 -5.52 -24.72
C ASN C 122 21.51 -4.15 -25.17
N ILE C 123 22.20 -3.46 -24.26
CA ILE C 123 22.85 -2.18 -24.58
C ILE C 123 23.94 -2.28 -25.67
N GLU C 124 23.97 -1.26 -26.52
CA GLU C 124 24.92 -1.10 -27.63
C GLU C 124 25.68 0.17 -27.35
N SER C 125 26.91 0.30 -27.86
CA SER C 125 27.70 1.52 -27.66
CA SER C 125 27.70 1.51 -27.66
C SER C 125 27.04 2.69 -28.38
N ALA C 126 26.33 2.41 -29.47
CA ALA C 126 25.53 3.43 -30.14
C ALA C 126 24.47 4.08 -29.20
N ASP C 127 24.06 3.39 -28.11
CA ASP C 127 23.15 3.98 -27.11
C ASP C 127 23.68 5.19 -26.36
N VAL C 128 25.00 5.42 -26.35
CA VAL C 128 25.62 6.41 -25.46
C VAL C 128 26.58 7.31 -26.21
N SER C 129 26.79 8.50 -25.66
CA SER C 129 27.80 9.45 -26.15
C SER C 129 29.17 8.97 -25.69
N LEU C 130 30.04 8.64 -26.65
CA LEU C 130 31.41 8.24 -26.31
C LEU C 130 32.25 9.42 -25.73
N ASP C 131 31.88 10.66 -26.09
CA ASP C 131 32.47 11.87 -25.50
C ASP C 131 32.20 11.94 -24.00
N ASP C 132 30.99 11.56 -23.61
CA ASP C 132 30.58 11.56 -22.20
C ASP C 132 31.31 10.43 -21.44
N VAL C 133 31.39 9.26 -22.08
CA VAL C 133 32.24 8.14 -21.61
C VAL C 133 33.66 8.59 -21.31
N ARG C 134 34.27 9.34 -22.23
CA ARG C 134 35.64 9.86 -22.07
C ARG C 134 35.77 10.95 -21.00
N GLU C 135 34.76 11.82 -20.91
CA GLU C 135 34.87 13.06 -20.14
C GLU C 135 34.15 13.06 -18.79
N ALA C 136 33.25 12.10 -18.52
CA ALA C 136 32.56 12.09 -17.22
C ALA C 136 33.55 11.99 -16.06
N ASP C 137 33.25 12.66 -14.96
CA ASP C 137 34.15 12.63 -13.79
C ASP C 137 34.24 11.21 -13.24
N ILE C 138 33.08 10.52 -13.23
CA ILE C 138 32.94 9.14 -12.79
C ILE C 138 32.14 8.31 -13.82
N LEU C 139 32.70 7.18 -14.20
CA LEU C 139 32.00 6.13 -14.89
C LEU C 139 31.84 4.99 -13.91
N TRP C 140 30.59 4.55 -13.72
CA TRP C 140 30.22 3.51 -12.75
C TRP C 140 29.59 2.36 -13.55
N PHE C 141 30.06 1.14 -13.31
CA PHE C 141 29.53 -0.06 -13.98
C PHE C 141 29.60 -1.30 -13.05
N THR C 142 28.96 -2.36 -13.51
CA THR C 142 28.75 -3.56 -12.72
C THR C 142 29.27 -4.81 -13.42
N LEU C 143 29.64 -5.83 -12.63
CA LEU C 143 29.96 -7.15 -13.14
C LEU C 143 28.83 -7.79 -13.91
N THR C 144 27.60 -7.62 -13.46
CA THR C 144 26.41 -8.12 -14.18
C THR C 144 26.30 -7.64 -15.62
N GLY C 145 26.84 -6.43 -15.90
CA GLY C 145 26.94 -5.92 -17.24
C GLY C 145 27.78 -6.78 -18.18
N PHE C 146 28.65 -7.64 -17.63
CA PHE C 146 29.43 -8.61 -18.44
C PHE C 146 28.81 -10.01 -18.58
N SER C 147 27.61 -10.23 -18.03
CA SER C 147 27.02 -11.57 -17.95
C SER C 147 26.47 -12.10 -19.25
N GLU C 148 26.06 -11.21 -20.16
CA GLU C 148 25.55 -11.58 -21.50
C GLU C 148 26.05 -10.63 -22.55
N GLU C 149 26.08 -11.11 -23.79
CA GLU C 149 26.18 -10.25 -24.96
C GLU C 149 24.80 -9.74 -25.35
N PRO C 150 24.72 -8.55 -25.95
CA PRO C 150 25.81 -7.64 -26.34
C PRO C 150 26.36 -6.76 -25.24
N SER C 151 25.75 -6.74 -24.03
CA SER C 151 26.24 -5.90 -22.94
C SER C 151 27.72 -6.08 -22.65
N ARG C 152 28.22 -7.31 -22.73
CA ARG C 152 29.64 -7.60 -22.45
C ARG C 152 30.53 -6.83 -23.44
N GLY C 153 30.25 -7.00 -24.74
CA GLY C 153 31.02 -6.32 -25.79
C GLY C 153 30.90 -4.80 -25.71
N THR C 154 29.70 -4.33 -25.37
CA THR C 154 29.43 -2.92 -25.17
C THR C 154 30.25 -2.34 -24.02
N HIS C 155 30.28 -3.05 -22.89
CA HIS C 155 31.14 -2.66 -21.77
C HIS C 155 32.61 -2.60 -22.16
N ARG C 156 33.05 -3.59 -22.94
CA ARG C 156 34.44 -3.65 -23.39
C ARG C 156 34.84 -2.45 -24.27
N GLU C 157 34.00 -2.13 -25.27
CA GLU C 157 34.16 -0.90 -26.06
C GLU C 157 34.28 0.36 -25.19
N ILE C 158 33.30 0.52 -24.29
CA ILE C 158 33.18 1.71 -23.43
C ILE C 158 34.42 1.86 -22.53
N LEU C 159 34.81 0.76 -21.88
CA LEU C 159 35.96 0.75 -20.99
C LEU C 159 37.30 0.94 -21.67
N THR C 160 37.45 0.44 -22.90
CA THR C 160 38.62 0.72 -23.71
C THR C 160 38.70 2.21 -24.05
N THR C 161 37.60 2.80 -24.54
CA THR C 161 37.61 4.25 -24.86
C THR C 161 37.80 5.10 -23.58
N ARG C 162 37.21 4.66 -22.46
CA ARG C 162 37.40 5.34 -21.16
C ARG C 162 38.89 5.43 -20.75
N ALA C 163 39.69 4.42 -21.10
CA ALA C 163 41.14 4.43 -20.95
C ALA C 163 41.61 4.59 -19.48
N ASN C 164 40.87 3.96 -18.55
CA ASN C 164 41.15 3.99 -17.10
C ASN C 164 41.21 5.41 -16.50
N ARG C 165 40.41 6.34 -17.02
CA ARG C 165 40.45 7.73 -16.56
C ARG C 165 39.90 7.81 -15.12
N ARG C 166 40.58 8.58 -14.28
CA ARG C 166 40.09 8.87 -12.95
C ARG C 166 38.68 9.52 -13.04
N HIS C 167 37.62 8.98 -12.46
CA HIS C 167 37.52 7.70 -11.76
C HIS C 167 36.71 6.76 -12.61
N THR C 168 37.11 5.50 -12.66
CA THR C 168 36.34 4.43 -13.34
C THR C 168 36.08 3.35 -12.31
N ILE C 169 34.80 3.22 -11.92
CA ILE C 169 34.41 2.50 -10.71
C ILE C 169 33.66 1.20 -11.05
N PHE C 170 34.20 0.08 -10.56
CA PHE C 170 33.73 -1.25 -10.87
C PHE C 170 33.03 -1.81 -9.64
N ASP C 171 31.72 -1.94 -9.73
CA ASP C 171 30.90 -2.56 -8.68
C ASP C 171 31.00 -4.06 -9.00
N LEU C 172 31.67 -4.81 -8.14
CA LEU C 172 31.91 -6.23 -8.37
C LEU C 172 30.67 -7.13 -8.27
N ASP C 173 29.53 -6.57 -7.84
CA ASP C 173 28.18 -7.08 -8.15
C ASP C 173 28.08 -8.54 -8.72
N TYR C 174 28.07 -9.53 -7.84
CA TYR C 174 28.03 -10.93 -8.22
C TYR C 174 26.73 -11.53 -7.71
N ARG C 175 25.86 -11.94 -8.65
CA ARG C 175 24.69 -12.77 -8.35
CA ARG C 175 24.68 -12.76 -8.35
C ARG C 175 24.85 -14.06 -9.14
N PRO C 176 25.04 -15.22 -8.45
CA PRO C 176 25.33 -16.45 -9.20
C PRO C 176 24.27 -16.83 -10.27
N MSE C 177 23.01 -16.56 -9.96
CA MSE C 177 21.92 -16.85 -10.90
CA MSE C 177 21.90 -16.82 -10.90
CA MSE C 177 21.83 -16.70 -10.85
C MSE C 177 22.02 -16.02 -12.21
O MSE C 177 21.47 -16.43 -13.23
CB MSE C 177 20.54 -16.75 -10.25
CB MSE C 177 20.54 -16.61 -10.22
CB MSE C 177 20.56 -16.09 -10.19
CG MSE C 177 20.24 -17.87 -9.24
CG MSE C 177 20.23 -17.66 -9.12
CG MSE C 177 20.81 -14.78 -9.38
SE MSE C 177 20.44 -19.71 -9.93
SE MSE C 177 18.57 -17.35 -8.13
SE MSE C 177 19.39 -13.48 -9.33
CE MSE C 177 22.33 -20.03 -9.48
CE MSE C 177 17.32 -17.36 -9.64
CE MSE C 177 18.01 -14.51 -10.25
N PHE C 178 22.73 -14.90 -12.21
CA PHE C 178 22.96 -14.15 -13.47
C PHE C 178 24.04 -14.74 -14.37
N TRP C 179 24.86 -15.65 -13.84
CA TRP C 179 25.96 -16.27 -14.60
C TRP C 179 25.73 -17.76 -14.84
N GLU C 180 26.27 -18.30 -15.94
CA GLU C 180 26.27 -19.78 -16.14
C GLU C 180 27.22 -20.49 -15.19
N SER C 181 28.36 -19.86 -14.87
CA SER C 181 29.30 -20.39 -13.87
C SER C 181 30.06 -19.27 -13.13
N PRO C 182 30.58 -19.57 -11.92
CA PRO C 182 31.48 -18.58 -11.25
C PRO C 182 32.77 -18.27 -12.03
N GLU C 183 33.30 -19.26 -12.74
CA GLU C 183 34.56 -19.10 -13.53
C GLU C 183 34.38 -18.12 -14.72
N GLU C 184 33.20 -18.16 -15.35
CA GLU C 184 32.80 -17.18 -16.40
C GLU C 184 32.80 -15.75 -15.83
N ALA C 185 32.16 -15.58 -14.67
CA ALA C 185 32.17 -14.30 -13.91
C ALA C 185 33.58 -13.82 -13.59
N THR C 186 34.44 -14.70 -13.07
CA THR C 186 35.84 -14.38 -12.72
C THR C 186 36.63 -13.86 -13.95
N LYS C 187 36.50 -14.53 -15.07
CA LYS C 187 37.24 -14.13 -16.30
C LYS C 187 36.88 -12.74 -16.79
N GLN C 188 35.59 -12.41 -16.74
CA GLN C 188 35.10 -11.09 -17.11
C GLN C 188 35.54 -10.06 -16.08
N ALA C 189 35.45 -10.39 -14.78
CA ALA C 189 35.93 -9.50 -13.72
C ALA C 189 37.42 -9.10 -13.89
N GLU C 190 38.29 -10.07 -14.19
CA GLU C 190 39.73 -9.84 -14.42
C GLU C 190 39.98 -8.79 -15.53
N TRP C 191 39.29 -8.98 -16.65
CA TRP C 191 39.38 -8.02 -17.75
C TRP C 191 38.94 -6.64 -17.30
N ALA C 192 37.75 -6.57 -16.68
CA ALA C 192 37.22 -5.33 -16.14
C ALA C 192 38.17 -4.65 -15.15
N LEU C 193 38.77 -5.43 -14.23
CA LEU C 193 39.70 -4.86 -13.25
C LEU C 193 40.90 -4.14 -13.89
N GLN C 194 41.36 -4.68 -15.01
CA GLN C 194 42.47 -4.09 -15.79
C GLN C 194 42.12 -2.74 -16.46
N HIS C 195 40.82 -2.45 -16.57
CA HIS C 195 40.28 -1.19 -17.10
C HIS C 195 39.52 -0.32 -16.07
N SER C 196 39.76 -0.54 -14.76
CA SER C 196 39.12 0.21 -13.67
C SER C 196 40.17 0.88 -12.75
N THR C 197 39.78 2.00 -12.12
CA THR C 197 40.57 2.70 -11.10
C THR C 197 40.09 2.50 -9.65
N VAL C 198 38.82 2.11 -9.49
CA VAL C 198 38.25 1.79 -8.17
C VAL C 198 37.50 0.44 -8.35
N ALA C 199 37.65 -0.49 -7.40
CA ALA C 199 36.84 -1.71 -7.31
C ALA C 199 36.14 -1.70 -5.95
N VAL C 200 34.85 -2.04 -5.96
CA VAL C 200 34.00 -2.05 -4.76
C VAL C 200 33.32 -3.43 -4.70
N GLY C 201 33.53 -4.18 -3.63
CA GLY C 201 32.88 -5.49 -3.52
C GLY C 201 32.80 -5.99 -2.10
N ASN C 202 31.84 -6.87 -1.83
CA ASN C 202 31.82 -7.61 -0.55
C ASN C 202 32.72 -8.86 -0.60
N LYS C 203 32.73 -9.64 0.49
CA LYS C 203 33.50 -10.87 0.60
C LYS C 203 33.27 -11.87 -0.54
N GLU C 204 32.02 -12.17 -0.84
CA GLU C 204 31.71 -13.11 -1.95
C GLU C 204 32.12 -12.52 -3.31
N GLU C 205 31.95 -11.21 -3.46
CA GLU C 205 32.28 -10.52 -4.73
C GLU C 205 33.78 -10.47 -4.98
N CYS C 206 34.55 -10.20 -3.92
CA CYS C 206 36.01 -10.24 -3.99
C CYS C 206 36.56 -11.66 -4.21
N GLU C 207 35.92 -12.70 -3.67
CA GLU C 207 36.38 -14.10 -3.93
C GLU C 207 36.17 -14.44 -5.41
N ILE C 208 35.04 -14.04 -5.99
CA ILE C 208 34.85 -14.22 -7.45
C ILE C 208 35.93 -13.44 -8.25
N ALA C 209 36.15 -12.18 -7.87
CA ALA C 209 37.00 -11.26 -8.65
C ALA C 209 38.48 -11.59 -8.60
N VAL C 210 39.02 -11.82 -7.40
CA VAL C 210 40.46 -12.01 -7.19
C VAL C 210 40.85 -13.27 -6.39
N GLY C 211 39.88 -14.10 -5.97
CA GLY C 211 40.23 -15.36 -5.27
C GLY C 211 40.72 -15.19 -3.84
N GLU C 212 40.32 -14.09 -3.18
CA GLU C 212 40.68 -13.85 -1.79
C GLU C 212 39.41 -13.59 -0.98
N THR C 213 39.31 -14.22 0.19
CA THR C 213 38.20 -14.07 1.14
C THR C 213 38.47 -13.12 2.31
N GLU C 214 39.75 -12.89 2.65
CA GLU C 214 40.15 -11.88 3.67
C GLU C 214 40.25 -10.49 3.07
N PRO C 215 39.85 -9.44 3.82
CA PRO C 215 39.70 -8.12 3.18
C PRO C 215 41.01 -7.46 2.75
N GLU C 216 42.02 -7.54 3.62
CA GLU C 216 43.38 -7.02 3.32
C GLU C 216 44.04 -7.73 2.13
N ARG C 217 43.84 -9.05 2.04
CA ARG C 217 44.34 -9.84 0.91
C ARG C 217 43.58 -9.58 -0.39
N ALA C 218 42.26 -9.50 -0.31
CA ALA C 218 41.43 -9.08 -1.46
C ALA C 218 41.84 -7.70 -1.97
N GLY C 219 42.07 -6.77 -1.04
CA GLY C 219 42.50 -5.40 -1.31
C GLY C 219 43.77 -5.36 -2.13
N ARG C 220 44.81 -6.04 -1.63
CA ARG C 220 46.09 -6.10 -2.34
C ARG C 220 46.01 -6.80 -3.69
N ALA C 221 45.24 -7.89 -3.79
CA ALA C 221 44.99 -8.58 -5.09
C ALA C 221 44.27 -7.66 -6.09
N LEU C 222 43.33 -6.84 -5.62
CA LEU C 222 42.64 -5.85 -6.46
C LEU C 222 43.61 -4.80 -7.01
N LEU C 223 44.43 -4.21 -6.14
CA LEU C 223 45.48 -3.23 -6.55
C LEU C 223 46.51 -3.80 -7.53
N GLU C 224 46.87 -5.08 -7.38
CA GLU C 224 47.73 -5.78 -8.35
C GLU C 224 47.20 -5.78 -9.81
N ARG C 225 45.88 -5.71 -10.01
CA ARG C 225 45.29 -5.60 -11.36
C ARG C 225 45.34 -4.17 -11.95
N GLY C 226 45.80 -3.17 -11.19
CA GLY C 226 45.95 -1.77 -11.67
C GLY C 226 44.97 -0.77 -11.07
N VAL C 227 43.96 -1.27 -10.36
CA VAL C 227 43.02 -0.45 -9.57
C VAL C 227 43.79 0.38 -8.54
N GLU C 228 43.43 1.65 -8.35
CA GLU C 228 44.15 2.53 -7.38
C GLU C 228 43.48 2.56 -5.98
N LEU C 229 42.17 2.31 -5.92
CA LEU C 229 41.39 2.26 -4.69
C LEU C 229 40.55 0.94 -4.62
N ALA C 230 40.78 0.14 -3.59
CA ALA C 230 40.04 -1.08 -3.29
C ALA C 230 39.12 -0.79 -2.11
N ILE C 231 37.81 -0.94 -2.31
CA ILE C 231 36.80 -0.85 -1.24
C ILE C 231 36.22 -2.24 -1.00
N VAL C 232 36.50 -2.79 0.18
CA VAL C 232 36.05 -4.11 0.57
C VAL C 232 35.02 -3.97 1.71
N LYS C 233 33.77 -4.23 1.36
CA LYS C 233 32.65 -4.19 2.30
C LYS C 233 32.64 -5.48 3.12
N GLN C 234 32.47 -5.35 4.44
CA GLN C 234 32.55 -6.49 5.37
C GLN C 234 31.29 -6.63 6.27
N GLY C 235 30.18 -5.98 5.90
CA GLY C 235 28.91 -6.02 6.65
C GLY C 235 29.08 -5.47 8.07
N PRO C 236 28.50 -6.16 9.09
CA PRO C 236 28.83 -5.93 10.53
C PRO C 236 30.32 -5.93 10.99
N LYS C 237 31.27 -6.29 10.12
CA LYS C 237 32.70 -5.97 10.33
C LYS C 237 33.14 -4.58 9.81
N GLY C 238 32.30 -3.90 9.04
CA GLY C 238 32.61 -2.55 8.51
C GLY C 238 33.00 -2.55 7.04
N VAL C 239 33.70 -1.50 6.62
CA VAL C 239 34.25 -1.39 5.26
C VAL C 239 35.69 -0.90 5.31
N MSE C 240 36.53 -1.49 4.47
CA MSE C 240 37.94 -1.15 4.36
C MSE C 240 38.16 -0.46 3.03
O MSE C 240 37.63 -0.93 2.01
CB MSE C 240 38.80 -2.41 4.42
CG MSE C 240 40.32 -2.20 4.33
SE MSE C 240 41.22 -3.80 3.71
CE MSE C 240 40.62 -3.76 1.87
N ALA C 241 38.95 0.61 3.03
CA ALA C 241 39.43 1.28 1.82
C ALA C 241 40.95 1.17 1.77
N MSE C 242 41.48 0.73 0.62
CA MSE C 242 42.93 0.50 0.46
C MSE C 242 43.44 1.16 -0.80
O MSE C 242 42.86 0.97 -1.88
CB MSE C 242 43.24 -1.00 0.43
CG MSE C 242 44.73 -1.32 0.48
SE MSE C 242 45.15 -3.17 0.19
CE MSE C 242 45.69 -3.71 1.98
N THR C 243 44.49 1.98 -0.62
CA THR C 243 45.36 2.46 -1.72
C THR C 243 46.80 1.96 -1.51
N LYS C 244 47.66 2.30 -2.47
CA LYS C 244 49.13 2.22 -2.37
C LYS C 244 49.71 2.79 -1.05
N ASP C 245 49.16 3.93 -0.62
CA ASP C 245 49.65 4.69 0.52
C ASP C 245 49.02 4.35 1.86
N GLU C 246 47.86 3.69 1.88
CA GLU C 246 46.93 3.85 3.00
C GLU C 246 45.93 2.70 3.08
N THR C 247 45.72 2.16 4.27
CA THR C 247 44.59 1.27 4.56
C THR C 247 43.76 1.89 5.68
N VAL C 248 42.48 2.16 5.39
CA VAL C 248 41.56 2.82 6.30
C VAL C 248 40.34 1.92 6.48
N GLU C 249 39.85 1.84 7.73
CA GLU C 249 38.76 0.94 8.10
C GLU C 249 37.78 1.67 9.05
N VAL C 250 36.49 1.68 8.71
CA VAL C 250 35.43 2.35 9.47
C VAL C 250 34.38 1.29 9.88
N PRO C 251 33.89 1.32 11.14
CA PRO C 251 32.80 0.38 11.49
C PRO C 251 31.46 0.75 10.82
N PRO C 252 30.47 -0.16 10.86
CA PRO C 252 29.14 0.20 10.34
C PRO C 252 28.47 1.28 11.21
N PHE C 253 27.60 2.06 10.57
CA PHE C 253 26.73 3.01 11.28
C PHE C 253 25.54 2.20 11.77
N PHE C 254 25.39 2.08 13.09
CA PHE C 254 24.33 1.24 13.68
C PHE C 254 22.95 1.89 13.49
N VAL C 255 22.06 1.17 12.79
CA VAL C 255 20.63 1.50 12.71
C VAL C 255 19.77 0.25 12.92
N ASP C 256 18.55 0.49 13.39
CA ASP C 256 17.45 -0.49 13.33
C ASP C 256 17.04 -0.64 11.87
N VAL C 257 17.32 -1.80 11.30
CA VAL C 257 17.08 -2.07 9.89
C VAL C 257 15.57 -2.33 9.66
N ILE C 258 15.00 -1.60 8.72
CA ILE C 258 13.60 -1.74 8.30
C ILE C 258 13.56 -2.55 7.01
N ASN C 259 14.37 -2.09 6.04
CA ASN C 259 14.54 -2.74 4.76
C ASN C 259 15.95 -2.45 4.20
N GLY C 260 16.80 -3.46 4.21
CA GLY C 260 18.20 -3.34 3.80
C GLY C 260 18.42 -3.24 2.31
N LEU C 261 17.37 -3.47 1.49
CA LEU C 261 17.48 -3.36 0.03
C LEU C 261 17.82 -1.93 -0.37
N GLY C 262 18.84 -1.80 -1.23
CA GLY C 262 19.30 -0.49 -1.69
C GLY C 262 20.40 0.17 -0.87
N ALA C 263 20.76 -0.40 0.29
CA ALA C 263 21.84 0.14 1.12
C ALA C 263 23.16 0.18 0.40
N GLY C 264 23.49 -0.86 -0.36
CA GLY C 264 24.72 -0.89 -1.15
C GLY C 264 24.76 0.15 -2.26
N ASP C 265 23.60 0.42 -2.85
CA ASP C 265 23.49 1.43 -3.93
C ASP C 265 23.60 2.86 -3.40
N ALA C 266 22.96 3.12 -2.26
CA ALA C 266 23.14 4.36 -1.49
C ALA C 266 24.58 4.62 -1.13
N PHE C 267 25.25 3.56 -0.63
CA PHE C 267 26.71 3.57 -0.37
C PHE C 267 27.47 4.00 -1.62
N GLY C 268 27.13 3.36 -2.74
CA GLY C 268 27.70 3.68 -4.05
C GLY C 268 27.60 5.13 -4.48
N GLY C 269 26.40 5.71 -4.46
CA GLY C 269 26.23 7.14 -4.82
C GLY C 269 26.95 8.07 -3.85
N ALA C 270 26.94 7.72 -2.56
CA ALA C 270 27.65 8.49 -1.53
C ALA C 270 29.18 8.39 -1.64
N LEU C 271 29.66 7.20 -2.01
CA LEU C 271 31.05 7.06 -2.45
C LEU C 271 31.36 8.00 -3.63
N CYS C 272 30.50 8.04 -4.67
CA CYS C 272 30.72 9.00 -5.79
C CYS C 272 30.81 10.47 -5.31
N HIS C 273 29.93 10.86 -4.38
CA HIS C 273 30.01 12.22 -3.82
C HIS C 273 31.35 12.49 -3.08
N GLY C 274 31.82 11.53 -2.28
CA GLY C 274 33.06 11.67 -1.52
C GLY C 274 34.30 11.76 -2.39
N LEU C 275 34.33 10.93 -3.43
CA LEU C 275 35.41 10.99 -4.43
C LEU C 275 35.41 12.32 -5.22
N LEU C 276 34.23 12.79 -5.64
CA LEU C 276 34.09 14.09 -6.35
C LEU C 276 34.44 15.31 -5.49
N SER C 277 34.12 15.21 -4.20
CA SER C 277 34.50 16.21 -3.21
C SER C 277 35.99 16.19 -2.85
N GLU C 278 36.69 15.11 -3.26
CA GLU C 278 38.11 14.88 -3.03
C GLU C 278 38.39 14.86 -1.52
N TRP C 279 37.51 14.15 -0.80
CA TRP C 279 37.61 14.02 0.66
C TRP C 279 38.70 13.01 1.03
N PRO C 280 39.19 13.06 2.30
CA PRO C 280 40.04 11.97 2.77
C PRO C 280 39.27 10.65 2.87
N LEU C 281 40.01 9.56 2.83
CA LEU C 281 39.45 8.23 2.58
C LEU C 281 38.62 7.76 3.78
N GLU C 282 39.10 8.03 5.00
CA GLU C 282 38.31 7.89 6.23
C GLU C 282 36.94 8.57 6.16
N LYS C 283 36.92 9.82 5.67
CA LYS C 283 35.69 10.63 5.59
C LYS C 283 34.74 10.11 4.51
N VAL C 284 35.32 9.66 3.38
CA VAL C 284 34.57 9.03 2.27
C VAL C 284 33.83 7.77 2.76
N LEU C 285 34.57 6.88 3.43
CA LEU C 285 33.97 5.65 4.00
C LEU C 285 32.92 5.89 5.07
N ARG C 286 33.16 6.87 5.94
CA ARG C 286 32.20 7.25 6.99
C ARG C 286 30.90 7.78 6.40
N PHE C 287 31.05 8.66 5.41
CA PHE C 287 29.92 9.25 4.72
C PHE C 287 29.08 8.21 3.99
N ALA C 288 29.76 7.35 3.20
CA ALA C 288 29.09 6.29 2.45
C ALA C 288 28.44 5.22 3.33
N ASN C 289 29.09 4.84 4.46
CA ASN C 289 28.49 3.87 5.41
C ASN C 289 27.21 4.39 6.04
N THR C 290 27.26 5.66 6.43
CA THR C 290 26.09 6.35 6.99
C THR C 290 24.94 6.47 5.98
N ALA C 291 25.27 6.76 4.72
CA ALA C 291 24.33 6.78 3.61
C ALA C 291 23.60 5.42 3.44
N GLY C 292 24.39 4.34 3.48
CA GLY C 292 23.89 2.96 3.44
C GLY C 292 22.94 2.59 4.56
N ALA C 293 23.33 2.87 5.80
CA ALA C 293 22.49 2.63 6.99
C ALA C 293 21.20 3.43 7.00
N LEU C 294 21.28 4.70 6.56
CA LEU C 294 20.07 5.55 6.39
C LEU C 294 19.02 4.93 5.47
N VAL C 295 19.46 4.35 4.35
CA VAL C 295 18.53 3.65 3.44
C VAL C 295 18.04 2.35 4.07
N ALA C 296 18.92 1.63 4.78
CA ALA C 296 18.55 0.41 5.53
C ALA C 296 17.47 0.65 6.59
N SER C 297 17.46 1.87 7.15
CA SER C 297 16.44 2.29 8.13
C SER C 297 15.11 2.84 7.54
N ARG C 298 14.96 2.81 6.20
CA ARG C 298 13.74 3.26 5.49
CA ARG C 298 13.75 3.25 5.50
C ARG C 298 13.12 2.08 4.76
N LEU C 299 11.79 2.06 4.65
CA LEU C 299 11.08 1.05 3.84
C LEU C 299 11.45 1.10 2.38
N GLU C 300 11.61 2.30 1.86
CA GLU C 300 11.77 2.47 0.44
C GLU C 300 13.24 2.33 0.07
N CYS C 301 13.47 2.22 -1.24
CA CYS C 301 14.80 2.05 -1.83
C CYS C 301 15.14 3.25 -2.72
N SER C 302 14.77 3.27 -4.01
CA SER C 302 15.16 4.40 -4.91
C SER C 302 14.64 5.78 -4.46
N THR C 303 13.42 5.82 -3.90
CA THR C 303 12.83 7.06 -3.39
C THR C 303 13.36 7.49 -2.00
N ALA C 304 14.11 6.61 -1.31
CA ALA C 304 14.72 6.87 0.01
C ALA C 304 16.17 7.35 -0.03
N MSE C 305 16.75 7.56 -1.23
CA MSE C 305 18.16 7.86 -1.36
C MSE C 305 18.41 9.20 -0.67
O MSE C 305 17.71 10.16 -0.96
CB MSE C 305 18.62 7.87 -2.83
CG MSE C 305 18.63 6.52 -3.51
SE MSE C 305 19.79 5.14 -2.75
CE MSE C 305 19.35 3.61 -3.71
N PRO C 306 19.36 9.22 0.31
CA PRO C 306 19.48 10.36 1.16
C PRO C 306 20.21 11.52 0.50
N THR C 307 19.87 12.73 0.91
CA THR C 307 20.59 13.91 0.43
CA THR C 307 20.57 13.95 0.50
C THR C 307 21.87 14.07 1.26
N THR C 308 22.72 14.99 0.81
CA THR C 308 23.97 15.33 1.48
C THR C 308 23.71 15.89 2.90
N ASP C 309 22.68 16.76 3.03
CA ASP C 309 22.17 17.23 4.33
C ASP C 309 21.89 16.09 5.31
N GLU C 310 21.10 15.12 4.84
CA GLU C 310 20.62 14.00 5.66
C GLU C 310 21.74 13.11 6.20
N VAL C 311 22.71 12.77 5.34
CA VAL C 311 23.88 11.99 5.78
C VAL C 311 24.70 12.80 6.79
N GLU C 312 24.99 14.08 6.52
CA GLU C 312 25.75 14.94 7.43
CA GLU C 312 25.74 14.96 7.43
C GLU C 312 25.06 15.13 8.78
N ALA C 313 23.72 15.18 8.78
CA ALA C 313 22.92 15.29 10.02
C ALA C 313 23.00 14.01 10.87
N SER C 314 22.93 12.86 10.19
CA SER C 314 23.12 11.55 10.84
C SER C 314 24.54 11.41 11.44
N LEU C 315 25.54 11.90 10.70
CA LEU C 315 26.90 12.07 11.26
C LEU C 315 27.02 13.08 12.40
N ASN C 316 26.33 14.22 12.27
CA ASN C 316 26.44 15.33 13.24
C ASN C 316 25.23 15.42 14.14
N SER D 7 -11.31 -42.38 -5.57
CA SER D 7 -10.01 -41.82 -6.08
C SER D 7 -10.15 -40.83 -7.25
N THR D 8 -11.22 -40.96 -8.03
CA THR D 8 -11.41 -40.17 -9.25
C THR D 8 -12.26 -38.90 -8.96
N HIS D 9 -12.18 -37.92 -9.86
CA HIS D 9 -12.87 -36.63 -9.75
C HIS D 9 -13.96 -36.50 -10.77
N GLU D 10 -14.90 -35.60 -10.51
CA GLU D 10 -15.92 -35.23 -11.51
C GLU D 10 -15.39 -34.41 -12.68
N VAL D 11 -14.57 -33.40 -12.37
CA VAL D 11 -13.98 -32.52 -13.36
C VAL D 11 -12.47 -32.57 -13.18
N LEU D 12 -11.77 -32.95 -14.25
CA LEU D 12 -10.32 -32.89 -14.31
C LEU D 12 -9.96 -31.89 -15.38
N ALA D 13 -9.35 -30.77 -14.95
CA ALA D 13 -8.94 -29.71 -15.86
C ALA D 13 -7.44 -29.83 -16.03
N ILE D 14 -6.96 -29.46 -17.22
CA ILE D 14 -5.54 -29.45 -17.55
C ILE D 14 -5.20 -28.07 -18.11
N GLY D 15 -4.14 -27.46 -17.60
CA GLY D 15 -3.52 -26.33 -18.29
C GLY D 15 -2.99 -25.27 -17.36
N ARG D 16 -3.19 -24.01 -17.75
CA ARG D 16 -2.46 -22.87 -17.18
C ARG D 16 -2.85 -22.55 -15.73
N LEU D 17 -1.83 -22.18 -14.97
CA LEU D 17 -1.92 -21.82 -13.58
C LEU D 17 -0.81 -20.79 -13.31
N GLY D 18 -1.16 -19.70 -12.68
CA GLY D 18 -0.24 -18.57 -12.49
C GLY D 18 -0.79 -17.56 -11.51
N VAL D 19 0.04 -16.58 -11.15
CA VAL D 19 -0.35 -15.48 -10.27
C VAL D 19 -0.80 -14.28 -11.12
N ASP D 20 -1.98 -13.74 -10.85
CA ASP D 20 -2.49 -12.50 -11.47
C ASP D 20 -2.20 -11.37 -10.50
N ILE D 21 -1.43 -10.39 -10.96
CA ILE D 21 -1.16 -9.16 -10.23
C ILE D 21 -2.09 -8.14 -10.88
N TYR D 22 -3.17 -7.78 -10.19
CA TYR D 22 -4.20 -6.90 -10.80
C TYR D 22 -4.07 -5.52 -10.14
N PRO D 23 -4.33 -4.45 -10.91
CA PRO D 23 -4.34 -3.15 -10.31
C PRO D 23 -5.57 -3.01 -9.42
N LEU D 24 -5.45 -2.24 -8.37
CA LEU D 24 -6.59 -1.95 -7.52
C LEU D 24 -7.34 -0.79 -8.25
N GLN D 25 -6.61 0.26 -8.68
CA GLN D 25 -7.18 1.32 -9.55
C GLN D 25 -7.66 0.80 -10.95
N SER D 26 -8.99 0.84 -11.18
CA SER D 26 -9.56 0.51 -12.50
CA SER D 26 -9.62 0.54 -12.48
C SER D 26 -9.47 1.73 -13.42
N GLY D 27 -9.42 1.49 -14.72
CA GLY D 27 -9.33 2.57 -15.71
C GLY D 27 -8.04 3.39 -15.74
N VAL D 28 -6.93 2.79 -15.28
CA VAL D 28 -5.62 3.47 -15.30
CA VAL D 28 -5.61 3.44 -15.21
C VAL D 28 -4.55 2.57 -15.91
N GLY D 29 -3.68 3.19 -16.71
CA GLY D 29 -2.63 2.47 -17.39
C GLY D 29 -1.59 2.01 -16.40
N LEU D 30 -0.92 0.90 -16.71
CA LEU D 30 0.06 0.27 -15.81
C LEU D 30 1.14 1.20 -15.36
N ALA D 31 1.55 2.15 -16.22
CA ALA D 31 2.53 3.16 -15.83
C ALA D 31 2.07 3.97 -14.61
N ASP D 32 0.76 4.21 -14.51
CA ASP D 32 0.19 5.04 -13.44
C ASP D 32 -0.46 4.26 -12.32
N VAL D 33 -0.56 2.94 -12.44
CA VAL D 33 -1.09 2.07 -11.39
C VAL D 33 -0.07 2.06 -10.22
N GLN D 34 -0.50 2.49 -9.04
CA GLN D 34 0.36 2.53 -7.86
C GLN D 34 0.18 1.40 -6.85
N SER D 35 -0.92 0.64 -6.95
CA SER D 35 -1.21 -0.40 -6.00
C SER D 35 -1.72 -1.61 -6.76
N PHE D 36 -1.22 -2.80 -6.41
CA PHE D 36 -1.68 -4.09 -7.00
C PHE D 36 -2.17 -5.06 -5.97
N GLY D 37 -3.13 -5.91 -6.34
CA GLY D 37 -3.47 -7.09 -5.55
C GLY D 37 -2.95 -8.34 -6.23
N LYS D 38 -3.13 -9.49 -5.58
CA LYS D 38 -2.64 -10.80 -6.03
C LYS D 38 -3.83 -11.76 -6.05
N TYR D 39 -3.96 -12.57 -7.10
CA TYR D 39 -4.94 -13.66 -7.15
C TYR D 39 -4.41 -14.83 -7.96
N LEU D 40 -4.89 -16.04 -7.64
CA LEU D 40 -4.69 -17.21 -8.48
C LEU D 40 -5.43 -16.97 -9.80
N GLY D 41 -4.74 -17.29 -10.89
CA GLY D 41 -5.37 -17.28 -12.21
C GLY D 41 -4.82 -18.38 -13.10
N GLY D 42 -5.00 -18.18 -14.41
CA GLY D 42 -4.71 -19.19 -15.44
C GLY D 42 -6.03 -19.85 -15.79
N SER D 43 -6.27 -20.02 -17.09
CA SER D 43 -7.59 -20.36 -17.58
C SER D 43 -8.10 -21.69 -17.05
N ALA D 44 -7.28 -22.74 -17.15
CA ALA D 44 -7.60 -24.10 -16.65
C ALA D 44 -7.80 -24.12 -15.14
N ALA D 45 -6.95 -23.38 -14.41
CA ALA D 45 -7.12 -23.26 -12.96
C ALA D 45 -8.43 -22.57 -12.57
N ASN D 46 -8.78 -21.48 -13.26
CA ASN D 46 -10.06 -20.77 -13.07
C ASN D 46 -11.29 -21.65 -13.32
N VAL D 47 -11.24 -22.44 -14.40
CA VAL D 47 -12.28 -23.42 -14.68
C VAL D 47 -12.41 -24.46 -13.57
N SER D 48 -11.28 -24.99 -13.07
CA SER D 48 -11.34 -25.97 -11.97
C SER D 48 -12.00 -25.38 -10.70
N VAL D 49 -11.69 -24.12 -10.42
CA VAL D 49 -12.30 -23.37 -9.30
C VAL D 49 -13.79 -23.16 -9.57
N ALA D 50 -14.15 -22.69 -10.77
CA ALA D 50 -15.55 -22.52 -11.18
C ALA D 50 -16.39 -23.81 -11.06
N ALA D 51 -15.84 -24.94 -11.50
CA ALA D 51 -16.53 -26.25 -11.33
C ALA D 51 -16.69 -26.64 -9.85
N ALA D 52 -15.61 -26.49 -9.07
CA ALA D 52 -15.60 -26.74 -7.62
C ALA D 52 -16.68 -25.93 -6.89
N ARG D 53 -16.80 -24.65 -7.28
CA ARG D 53 -17.86 -23.76 -6.77
C ARG D 53 -19.30 -24.18 -7.06
N HIS D 54 -19.52 -24.98 -8.11
CA HIS D 54 -20.82 -25.65 -8.33
C HIS D 54 -20.95 -27.01 -7.61
N GLY D 55 -20.03 -27.26 -6.67
CA GLY D 55 -20.09 -28.40 -5.76
C GLY D 55 -19.62 -29.69 -6.38
N HIS D 56 -18.74 -29.62 -7.40
CA HIS D 56 -18.20 -30.82 -8.05
C HIS D 56 -16.78 -31.08 -7.56
N ASN D 57 -16.46 -32.34 -7.34
CA ASN D 57 -15.11 -32.76 -6.98
C ASN D 57 -14.19 -32.52 -8.21
N SER D 58 -13.27 -31.56 -8.05
CA SER D 58 -12.46 -31.07 -9.16
C SER D 58 -10.98 -31.12 -8.84
N ALA D 59 -10.18 -31.39 -9.88
CA ALA D 59 -8.73 -31.36 -9.84
C ALA D 59 -8.18 -30.61 -11.03
N LEU D 60 -6.93 -30.15 -10.89
CA LEU D 60 -6.17 -29.47 -11.95
C LEU D 60 -4.85 -30.21 -12.14
N LEU D 61 -4.56 -30.58 -13.39
CA LEU D 61 -3.21 -31.03 -13.79
C LEU D 61 -2.51 -29.77 -14.32
N SER D 62 -1.46 -29.36 -13.64
CA SER D 62 -0.67 -28.19 -14.03
C SER D 62 0.66 -28.33 -13.29
N ARG D 63 1.47 -27.29 -13.28
CA ARG D 63 2.60 -27.17 -12.34
C ARG D 63 2.74 -25.73 -11.84
N VAL D 64 3.49 -25.61 -10.75
CA VAL D 64 4.00 -24.36 -10.22
C VAL D 64 5.52 -24.40 -10.19
N GLY D 65 6.14 -23.22 -9.96
CA GLY D 65 7.57 -23.12 -9.73
C GLY D 65 7.90 -23.45 -8.29
N ASN D 66 9.20 -23.68 -8.01
CA ASN D 66 9.66 -23.97 -6.64
C ASN D 66 10.00 -22.63 -5.95
N ASP D 67 8.94 -21.88 -5.64
CA ASP D 67 9.08 -20.50 -5.16
C ASP D 67 7.86 -20.10 -4.33
N PRO D 68 7.91 -18.97 -3.62
CA PRO D 68 6.74 -18.61 -2.77
C PRO D 68 5.40 -18.41 -3.51
N PHE D 69 5.46 -17.90 -4.73
CA PHE D 69 4.25 -17.79 -5.54
C PHE D 69 3.67 -19.16 -5.85
N GLY D 70 4.51 -20.15 -6.14
CA GLY D 70 4.04 -21.49 -6.39
C GLY D 70 3.39 -22.11 -5.17
N GLU D 71 3.99 -21.90 -4.00
CA GLU D 71 3.39 -22.36 -2.72
C GLU D 71 2.04 -21.69 -2.47
N TYR D 72 1.95 -20.39 -2.71
CA TYR D 72 0.68 -19.63 -2.65
C TYR D 72 -0.44 -20.29 -3.50
N LEU D 73 -0.10 -20.65 -4.74
CA LEU D 73 -1.08 -21.20 -5.71
C LEU D 73 -1.56 -22.60 -5.34
N LEU D 74 -0.66 -23.43 -4.81
CA LEU D 74 -1.01 -24.75 -4.31
C LEU D 74 -1.96 -24.59 -3.12
N ALA D 75 -1.61 -23.71 -2.17
CA ALA D 75 -2.47 -23.37 -1.00
C ALA D 75 -3.82 -22.77 -1.46
N GLU D 76 -3.75 -21.81 -2.38
CA GLU D 76 -4.93 -21.09 -2.88
C GLU D 76 -5.92 -22.00 -3.66
N LEU D 77 -5.40 -22.91 -4.49
CA LEU D 77 -6.25 -23.94 -5.14
C LEU D 77 -7.11 -24.71 -4.11
N GLU D 78 -6.46 -25.17 -3.05
CA GLU D 78 -7.10 -25.96 -2.00
C GLU D 78 -8.11 -25.14 -1.19
N ARG D 79 -7.77 -23.88 -0.89
CA ARG D 79 -8.69 -22.91 -0.26
C ARG D 79 -9.95 -22.66 -1.09
N LEU D 80 -9.78 -22.61 -2.42
CA LEU D 80 -10.92 -22.45 -3.36
C LEU D 80 -11.68 -23.72 -3.73
N GLY D 81 -11.32 -24.86 -3.12
CA GLY D 81 -12.06 -26.12 -3.25
C GLY D 81 -11.56 -27.10 -4.28
N VAL D 82 -10.37 -26.86 -4.85
CA VAL D 82 -9.79 -27.69 -5.91
C VAL D 82 -8.68 -28.58 -5.33
N ASP D 83 -8.75 -29.88 -5.62
CA ASP D 83 -7.67 -30.83 -5.29
C ASP D 83 -6.41 -30.46 -6.10
N ASN D 84 -5.29 -30.25 -5.38
CA ASN D 84 -4.02 -29.87 -6.02
C ASN D 84 -3.03 -31.03 -6.24
N GLN D 85 -3.48 -32.29 -6.06
CA GLN D 85 -2.53 -33.42 -6.04
C GLN D 85 -1.79 -33.62 -7.37
N TYR D 86 -2.40 -33.19 -8.48
CA TYR D 86 -1.78 -33.25 -9.80
C TYR D 86 -1.01 -31.98 -10.23
N VAL D 87 -0.84 -31.03 -9.31
CA VAL D 87 -0.04 -29.82 -9.56
C VAL D 87 1.34 -30.10 -9.00
N ALA D 88 2.25 -30.54 -9.86
CA ALA D 88 3.62 -30.84 -9.47
C ALA D 88 4.44 -29.55 -9.33
N THR D 89 5.48 -29.57 -8.52
CA THR D 89 6.40 -28.43 -8.41
C THR D 89 7.53 -28.64 -9.43
N ASP D 90 7.61 -27.75 -10.42
CA ASP D 90 8.70 -27.79 -11.41
C ASP D 90 10.01 -27.39 -10.70
N GLN D 91 11.08 -28.15 -10.92
CA GLN D 91 12.40 -27.89 -10.28
C GLN D 91 13.27 -26.83 -10.98
N THR D 92 12.92 -26.43 -12.20
CA THR D 92 13.68 -25.43 -12.97
C THR D 92 12.97 -24.07 -13.07
N PHE D 93 11.74 -24.06 -13.57
CA PHE D 93 11.12 -22.79 -14.00
C PHE D 93 10.27 -22.14 -12.89
N LYS D 94 10.19 -20.82 -12.98
CA LYS D 94 9.51 -19.97 -11.98
C LYS D 94 8.01 -19.99 -12.21
N THR D 95 7.25 -19.79 -11.12
CA THR D 95 5.82 -19.51 -11.22
C THR D 95 5.57 -18.24 -12.01
N PRO D 96 4.73 -18.30 -13.06
CA PRO D 96 4.50 -17.09 -13.83
C PRO D 96 3.67 -16.02 -13.12
N VAL D 97 3.93 -14.77 -13.49
CA VAL D 97 3.06 -13.64 -13.07
C VAL D 97 2.53 -12.98 -14.32
N THR D 98 1.30 -12.48 -14.21
CA THR D 98 0.63 -11.75 -15.29
C THR D 98 0.13 -10.41 -14.72
N PHE D 99 0.53 -9.31 -15.34
CA PHE D 99 -0.06 -8.02 -15.01
C PHE D 99 -1.18 -7.72 -16.02
N CYS D 100 -2.19 -6.98 -15.57
CA CYS D 100 -3.24 -6.42 -16.44
C CYS D 100 -3.57 -4.95 -16.17
N GLU D 101 -4.23 -4.33 -17.15
CA GLU D 101 -4.89 -3.03 -17.01
C GLU D 101 -6.38 -3.27 -17.18
N ILE D 102 -7.22 -2.46 -16.53
CA ILE D 102 -8.66 -2.75 -16.43
C ILE D 102 -9.42 -1.58 -17.06
N PHE D 103 -9.75 -1.70 -18.36
CA PHE D 103 -10.46 -0.63 -19.10
C PHE D 103 -11.85 -1.12 -19.58
N PRO D 104 -12.82 -1.20 -18.65
CA PRO D 104 -14.15 -1.70 -19.02
C PRO D 104 -14.88 -0.78 -20.05
N PRO D 105 -15.89 -1.31 -20.77
CA PRO D 105 -16.47 -2.66 -20.69
C PRO D 105 -15.67 -3.81 -21.32
N ASP D 106 -14.77 -3.52 -22.29
CA ASP D 106 -14.29 -4.53 -23.26
C ASP D 106 -12.76 -4.68 -23.43
N ASP D 107 -11.96 -3.99 -22.61
CA ASP D 107 -10.52 -3.89 -22.87
C ASP D 107 -9.70 -4.20 -21.60
N PHE D 108 -9.09 -5.39 -21.57
CA PHE D 108 -8.36 -5.88 -20.36
C PHE D 108 -6.98 -6.43 -20.80
N PRO D 109 -6.06 -5.53 -21.23
CA PRO D 109 -4.75 -5.88 -21.74
C PRO D 109 -3.92 -6.67 -20.73
N LEU D 110 -3.20 -7.68 -21.20
CA LEU D 110 -2.43 -8.60 -20.33
C LEU D 110 -0.96 -8.51 -20.65
N TYR D 111 -0.12 -8.58 -19.59
CA TYR D 111 1.33 -8.52 -19.69
C TYR D 111 1.87 -9.76 -18.97
N PHE D 112 2.19 -10.78 -19.76
CA PHE D 112 2.53 -12.11 -19.29
C PHE D 112 4.02 -12.17 -19.00
N TYR D 113 4.40 -12.78 -17.88
CA TYR D 113 5.76 -13.13 -17.59
C TYR D 113 5.81 -14.66 -17.44
N ARG D 114 5.96 -15.34 -18.58
CA ARG D 114 6.03 -16.82 -18.66
C ARG D 114 7.34 -17.34 -19.28
N GLU D 115 8.38 -16.54 -19.25
CA GLU D 115 9.64 -16.84 -19.92
C GLU D 115 10.68 -17.49 -18.99
N PRO D 116 11.58 -18.34 -19.55
CA PRO D 116 11.64 -18.83 -20.93
C PRO D 116 10.62 -19.95 -21.21
N LYS D 117 10.05 -20.53 -20.16
CA LYS D 117 9.04 -21.58 -20.26
C LYS D 117 8.22 -21.63 -18.98
N ALA D 118 6.90 -21.79 -19.10
CA ALA D 118 6.01 -21.85 -17.95
C ALA D 118 6.04 -23.26 -17.38
N PRO D 119 6.10 -23.41 -16.03
CA PRO D 119 5.97 -24.77 -15.44
C PRO D 119 4.77 -25.57 -15.98
N ASP D 120 3.65 -24.90 -16.26
CA ASP D 120 2.47 -25.60 -16.76
C ASP D 120 2.63 -26.26 -18.16
N LEU D 121 3.59 -25.77 -18.97
CA LEU D 121 3.97 -26.42 -20.22
C LEU D 121 4.98 -27.57 -20.08
N ASN D 122 5.39 -27.89 -18.84
CA ASN D 122 6.28 -28.99 -18.53
C ASN D 122 5.56 -30.20 -17.94
N ILE D 123 4.23 -30.21 -17.94
CA ILE D 123 3.46 -31.37 -17.45
C ILE D 123 3.84 -32.67 -18.18
N GLU D 124 3.98 -33.73 -17.39
CA GLU D 124 4.35 -35.06 -17.88
C GLU D 124 3.21 -35.99 -17.48
N SER D 125 3.09 -37.11 -18.20
CA SER D 125 1.99 -38.07 -17.98
C SER D 125 2.01 -38.67 -16.58
N ALA D 126 3.23 -38.88 -16.03
CA ALA D 126 3.43 -39.29 -14.63
C ALA D 126 2.85 -38.34 -13.57
N ASP D 127 2.52 -37.08 -13.94
CA ASP D 127 1.96 -36.08 -12.99
C ASP D 127 0.52 -36.35 -12.60
N VAL D 128 -0.20 -37.15 -13.39
CA VAL D 128 -1.62 -37.39 -13.19
C VAL D 128 -1.92 -38.88 -13.14
N SER D 129 -3.00 -39.25 -12.43
CA SER D 129 -3.52 -40.61 -12.39
C SER D 129 -4.18 -40.86 -13.73
N LEU D 130 -3.64 -41.82 -14.49
CA LEU D 130 -4.27 -42.22 -15.76
C LEU D 130 -5.65 -42.89 -15.55
N ASP D 131 -5.88 -43.53 -14.39
CA ASP D 131 -7.26 -43.96 -14.00
C ASP D 131 -8.27 -42.79 -13.97
N ASP D 132 -7.82 -41.69 -13.40
CA ASP D 132 -8.66 -40.49 -13.29
C ASP D 132 -8.93 -39.89 -14.67
N VAL D 133 -7.89 -39.83 -15.51
CA VAL D 133 -8.04 -39.44 -16.94
C VAL D 133 -9.13 -40.27 -17.68
N ARG D 134 -9.12 -41.59 -17.49
CA ARG D 134 -10.11 -42.45 -18.15
C ARG D 134 -11.52 -42.33 -17.56
N GLU D 135 -11.63 -42.08 -16.25
CA GLU D 135 -12.88 -42.24 -15.49
CA GLU D 135 -12.88 -42.24 -15.50
C GLU D 135 -13.57 -40.92 -15.11
N ALA D 136 -12.84 -39.79 -15.12
CA ALA D 136 -13.47 -38.49 -14.75
C ALA D 136 -14.67 -38.19 -15.65
N ASP D 137 -15.72 -37.63 -15.06
CA ASP D 137 -16.95 -37.34 -15.78
C ASP D 137 -16.68 -36.31 -16.89
N ILE D 138 -15.80 -35.33 -16.60
CA ILE D 138 -15.39 -34.28 -17.54
C ILE D 138 -13.88 -34.14 -17.48
N LEU D 139 -13.23 -34.22 -18.64
CA LEU D 139 -11.86 -33.77 -18.82
C LEU D 139 -11.95 -32.46 -19.62
N TRP D 140 -11.31 -31.41 -19.09
CA TRP D 140 -11.29 -30.06 -19.67
C TRP D 140 -9.81 -29.76 -19.98
N PHE D 141 -9.55 -29.40 -21.23
CA PHE D 141 -8.22 -28.94 -21.63
C PHE D 141 -8.30 -27.77 -22.63
N THR D 142 -7.12 -27.23 -22.95
CA THR D 142 -6.93 -26.03 -23.72
C THR D 142 -5.97 -26.23 -24.90
N LEU D 143 -6.18 -25.45 -25.95
CA LEU D 143 -5.24 -25.39 -27.04
C LEU D 143 -3.82 -24.98 -26.64
N THR D 144 -3.69 -24.05 -25.71
CA THR D 144 -2.37 -23.58 -25.22
C THR D 144 -1.55 -24.72 -24.62
N GLY D 145 -2.22 -25.77 -24.13
CA GLY D 145 -1.60 -26.99 -23.68
C GLY D 145 -0.85 -27.77 -24.76
N PHE D 146 -1.18 -27.56 -26.03
CA PHE D 146 -0.44 -28.11 -27.18
C PHE D 146 0.70 -27.24 -27.75
N SER D 147 0.93 -26.06 -27.16
CA SER D 147 1.84 -25.03 -27.72
C SER D 147 3.31 -25.36 -27.61
N GLU D 148 3.67 -26.16 -26.61
CA GLU D 148 5.04 -26.62 -26.40
C GLU D 148 5.07 -28.02 -25.83
N GLU D 149 6.17 -28.70 -26.10
CA GLU D 149 6.52 -29.95 -25.46
C GLU D 149 7.13 -29.69 -24.07
N PRO D 150 6.99 -30.66 -23.15
CA PRO D 150 6.30 -31.96 -23.22
C PRO D 150 4.79 -31.87 -23.05
N SER D 151 4.25 -30.68 -22.72
CA SER D 151 2.80 -30.55 -22.52
C SER D 151 1.99 -31.08 -23.70
N ARG D 152 2.43 -30.77 -24.91
CA ARG D 152 1.77 -31.30 -26.14
C ARG D 152 1.67 -32.82 -26.17
N GLY D 153 2.84 -33.48 -26.06
CA GLY D 153 2.93 -34.95 -25.96
C GLY D 153 2.11 -35.51 -24.82
N THR D 154 2.13 -34.83 -23.66
CA THR D 154 1.33 -35.22 -22.50
C THR D 154 -0.17 -35.16 -22.75
N HIS D 155 -0.65 -34.07 -23.37
CA HIS D 155 -2.04 -33.96 -23.79
C HIS D 155 -2.43 -35.07 -24.77
N ARG D 156 -1.57 -35.33 -25.74
CA ARG D 156 -1.81 -36.40 -26.72
C ARG D 156 -1.97 -37.80 -26.10
N GLU D 157 -1.08 -38.13 -25.18
CA GLU D 157 -1.12 -39.40 -24.47
C GLU D 157 -2.42 -39.51 -23.62
N ILE D 158 -2.72 -38.47 -22.83
CA ILE D 158 -3.97 -38.36 -22.04
C ILE D 158 -5.25 -38.52 -22.88
N LEU D 159 -5.32 -37.79 -23.97
CA LEU D 159 -6.50 -37.81 -24.81
C LEU D 159 -6.68 -39.10 -25.57
N THR D 160 -5.58 -39.75 -25.98
CA THR D 160 -5.62 -41.10 -26.56
C THR D 160 -6.17 -42.11 -25.57
N THR D 161 -5.62 -42.12 -24.34
CA THR D 161 -6.13 -43.03 -23.34
C THR D 161 -7.59 -42.78 -22.94
N ARG D 162 -8.00 -41.51 -22.86
CA ARG D 162 -9.41 -41.19 -22.51
C ARG D 162 -10.44 -41.65 -23.58
N ALA D 163 -10.00 -41.74 -24.83
CA ALA D 163 -10.74 -42.37 -25.91
C ALA D 163 -12.12 -41.71 -26.13
N ASN D 164 -12.18 -40.36 -26.03
CA ASN D 164 -13.40 -39.59 -26.27
C ASN D 164 -14.58 -39.92 -25.34
N ARG D 165 -14.31 -40.38 -24.11
CA ARG D 165 -15.35 -40.56 -23.11
C ARG D 165 -16.15 -39.27 -22.98
N ARG D 166 -17.46 -39.42 -22.86
CA ARG D 166 -18.35 -38.29 -22.55
C ARG D 166 -17.99 -37.84 -21.11
N HIS D 167 -17.58 -36.60 -20.83
CA HIS D 167 -17.41 -35.45 -21.77
C HIS D 167 -15.93 -35.13 -21.83
N THR D 168 -15.40 -34.86 -23.00
CA THR D 168 -13.98 -34.49 -23.17
C THR D 168 -14.01 -33.11 -23.84
N ILE D 169 -13.66 -32.07 -23.10
CA ILE D 169 -14.02 -30.68 -23.50
C ILE D 169 -12.77 -29.90 -23.90
N PHE D 170 -12.76 -29.46 -25.16
CA PHE D 170 -11.65 -28.73 -25.76
C PHE D 170 -11.98 -27.23 -25.79
N ASP D 171 -11.31 -26.47 -24.93
CA ASP D 171 -11.32 -25.00 -24.97
C ASP D 171 -10.34 -24.59 -26.05
N LEU D 172 -10.88 -24.04 -27.15
CA LEU D 172 -10.10 -23.61 -28.30
C LEU D 172 -9.13 -22.43 -28.10
N ASP D 173 -9.25 -21.70 -26.99
CA ASP D 173 -8.12 -21.01 -26.29
C ASP D 173 -6.90 -20.64 -27.17
N TYR D 174 -7.01 -19.56 -27.92
CA TYR D 174 -5.94 -19.13 -28.85
C TYR D 174 -5.37 -17.78 -28.46
N ARG D 175 -4.10 -17.77 -28.09
CA ARG D 175 -3.34 -16.55 -27.89
CA ARG D 175 -3.33 -16.54 -27.91
C ARG D 175 -2.13 -16.64 -28.83
N PRO D 176 -2.05 -15.78 -29.88
CA PRO D 176 -0.96 -15.96 -30.88
C PRO D 176 0.47 -15.91 -30.31
N MSE D 177 0.66 -15.12 -29.25
CA MSE D 177 1.99 -15.01 -28.62
CA MSE D 177 1.99 -15.00 -28.60
CA MSE D 177 1.94 -14.98 -28.51
C MSE D 177 2.47 -16.32 -27.97
O MSE D 177 3.69 -16.50 -27.81
CB MSE D 177 2.07 -13.82 -27.64
CB MSE D 177 2.02 -13.84 -27.60
CB MSE D 177 1.75 -14.02 -27.32
CG MSE D 177 2.10 -12.46 -28.32
CG MSE D 177 2.03 -12.47 -28.28
CG MSE D 177 0.45 -14.23 -26.51
SE MSE D 177 3.55 -12.26 -29.65
SE MSE D 177 1.82 -10.97 -27.04
SE MSE D 177 0.70 -13.91 -24.65
CE MSE D 177 5.09 -12.44 -28.46
CE MSE D 177 3.11 -11.51 -25.68
CE MSE D 177 2.30 -12.82 -24.83
N PHE D 178 1.57 -17.24 -27.65
CA PHE D 178 1.95 -18.58 -27.16
C PHE D 178 2.38 -19.56 -28.26
N TRP D 179 2.18 -19.21 -29.55
CA TRP D 179 2.51 -20.07 -30.70
C TRP D 179 3.57 -19.49 -31.63
N GLU D 180 4.34 -20.42 -32.23
CA GLU D 180 5.35 -20.10 -33.26
C GLU D 180 4.71 -19.57 -34.54
N SER D 181 3.54 -20.13 -34.88
CA SER D 181 2.74 -19.66 -36.00
C SER D 181 1.27 -20.08 -35.83
N PRO D 182 0.32 -19.31 -36.43
CA PRO D 182 -1.09 -19.75 -36.51
C PRO D 182 -1.28 -21.17 -37.09
N GLU D 183 -0.46 -21.51 -38.10
CA GLU D 183 -0.48 -22.81 -38.79
C GLU D 183 -0.14 -23.98 -37.84
N GLU D 184 0.86 -23.80 -36.96
CA GLU D 184 1.18 -24.81 -35.95
C GLU D 184 0.02 -25.00 -34.98
N ALA D 185 -0.64 -23.90 -34.59
CA ALA D 185 -1.82 -23.97 -33.70
C ALA D 185 -2.95 -24.75 -34.31
N THR D 186 -3.29 -24.45 -35.57
CA THR D 186 -4.32 -25.19 -36.33
C THR D 186 -4.01 -26.68 -36.43
N LYS D 187 -2.76 -27.01 -36.73
CA LYS D 187 -2.28 -28.40 -36.78
C LYS D 187 -2.56 -29.18 -35.48
N GLN D 188 -2.27 -28.56 -34.33
CA GLN D 188 -2.58 -29.17 -33.02
C GLN D 188 -4.10 -29.20 -32.76
N ALA D 189 -4.77 -28.10 -33.06
CA ALA D 189 -6.24 -28.03 -32.92
C ALA D 189 -6.96 -29.15 -33.72
N GLU D 190 -6.49 -29.44 -34.94
CA GLU D 190 -7.04 -30.51 -35.78
C GLU D 190 -6.94 -31.88 -35.08
N TRP D 191 -5.76 -32.16 -34.49
CA TRP D 191 -5.55 -33.41 -33.76
C TRP D 191 -6.48 -33.47 -32.54
N ALA D 192 -6.48 -32.42 -31.73
CA ALA D 192 -7.28 -32.38 -30.47
C ALA D 192 -8.78 -32.53 -30.73
N LEU D 193 -9.29 -31.86 -31.77
CA LEU D 193 -10.72 -32.03 -32.17
C LEU D 193 -11.14 -33.45 -32.45
N GLN D 194 -10.23 -34.25 -33.06
CA GLN D 194 -10.47 -35.67 -33.33
CA GLN D 194 -10.49 -35.66 -33.34
C GLN D 194 -10.53 -36.53 -32.06
N HIS D 195 -10.14 -35.96 -30.91
CA HIS D 195 -10.10 -36.65 -29.62
C HIS D 195 -10.94 -35.98 -28.51
N SER D 196 -11.93 -35.17 -28.91
CA SER D 196 -12.84 -34.44 -27.99
C SER D 196 -14.28 -34.70 -28.35
N THR D 197 -15.17 -34.49 -27.37
CA THR D 197 -16.62 -34.52 -27.54
C THR D 197 -17.30 -33.14 -27.56
N VAL D 198 -16.62 -32.11 -27.02
CA VAL D 198 -17.11 -30.75 -26.97
C VAL D 198 -15.98 -29.80 -27.40
N ALA D 199 -16.28 -28.87 -28.28
CA ALA D 199 -15.37 -27.74 -28.62
C ALA D 199 -16.06 -26.45 -28.18
N VAL D 200 -15.28 -25.54 -27.59
CA VAL D 200 -15.76 -24.25 -27.11
C VAL D 200 -14.79 -23.17 -27.55
N GLY D 201 -15.26 -22.16 -28.28
CA GLY D 201 -14.37 -21.04 -28.63
C GLY D 201 -15.07 -19.88 -29.30
N ASN D 202 -14.36 -18.76 -29.37
CA ASN D 202 -14.86 -17.56 -30.05
C ASN D 202 -14.56 -17.61 -31.56
N LYS D 203 -14.88 -16.50 -32.25
CA LYS D 203 -14.72 -16.37 -33.72
C LYS D 203 -13.30 -16.67 -34.13
N GLU D 204 -12.35 -15.98 -33.48
CA GLU D 204 -10.92 -16.08 -33.81
C GLU D 204 -10.39 -17.47 -33.52
N GLU D 205 -10.86 -18.04 -32.43
CA GLU D 205 -10.52 -19.41 -32.04
C GLU D 205 -11.03 -20.44 -33.06
N CYS D 206 -12.29 -20.30 -33.47
CA CYS D 206 -12.86 -21.16 -34.52
C CYS D 206 -12.15 -21.01 -35.86
N GLU D 207 -11.71 -19.78 -36.21
CA GLU D 207 -10.96 -19.57 -37.46
C GLU D 207 -9.64 -20.33 -37.42
N ILE D 208 -8.91 -20.24 -36.30
CA ILE D 208 -7.70 -21.05 -36.14
C ILE D 208 -8.00 -22.55 -36.20
N ALA D 209 -9.01 -23.03 -35.46
CA ALA D 209 -9.32 -24.49 -35.35
C ALA D 209 -9.75 -25.14 -36.68
N VAL D 210 -10.76 -24.57 -37.32
CA VAL D 210 -11.43 -25.15 -38.50
C VAL D 210 -11.50 -24.25 -39.75
N GLY D 211 -10.84 -23.09 -39.74
CA GLY D 211 -10.80 -22.18 -40.92
C GLY D 211 -12.13 -21.57 -41.32
N GLU D 212 -12.99 -21.29 -40.33
CA GLU D 212 -14.32 -20.72 -40.55
C GLU D 212 -14.57 -19.64 -39.48
N THR D 213 -15.05 -18.49 -39.92
CA THR D 213 -15.32 -17.35 -39.03
C THR D 213 -16.81 -17.27 -38.68
N GLU D 214 -17.70 -17.46 -39.65
CA GLU D 214 -19.14 -17.36 -39.40
C GLU D 214 -19.53 -18.55 -38.48
N PRO D 215 -20.40 -18.30 -37.47
CA PRO D 215 -20.55 -19.27 -36.39
C PRO D 215 -21.21 -20.57 -36.80
N GLU D 216 -22.22 -20.51 -37.70
CA GLU D 216 -22.94 -21.70 -38.16
C GLU D 216 -21.99 -22.60 -38.96
N ARG D 217 -21.13 -21.99 -39.80
CA ARG D 217 -20.10 -22.74 -40.55
C ARG D 217 -19.00 -23.28 -39.63
N ALA D 218 -18.60 -22.51 -38.63
CA ALA D 218 -17.65 -22.97 -37.61
C ALA D 218 -18.20 -24.18 -36.82
N GLY D 219 -19.46 -24.09 -36.40
CA GLY D 219 -20.15 -25.19 -35.73
C GLY D 219 -20.22 -26.47 -36.55
N ARG D 220 -20.78 -26.36 -37.76
CA ARG D 220 -20.79 -27.47 -38.71
C ARG D 220 -19.41 -28.05 -38.94
N ALA D 221 -18.40 -27.19 -39.15
CA ALA D 221 -17.01 -27.64 -39.36
C ALA D 221 -16.49 -28.43 -38.14
N LEU D 222 -16.81 -27.93 -36.95
CA LEU D 222 -16.38 -28.57 -35.70
C LEU D 222 -17.00 -29.97 -35.52
N LEU D 223 -18.30 -30.10 -35.81
CA LEU D 223 -18.98 -31.39 -35.84
C LEU D 223 -18.38 -32.39 -36.82
N GLU D 224 -17.92 -31.91 -37.99
CA GLU D 224 -17.24 -32.80 -38.97
C GLU D 224 -15.97 -33.45 -38.39
N ARG D 225 -15.23 -32.70 -37.57
CA ARG D 225 -14.01 -33.23 -36.93
C ARG D 225 -14.30 -34.28 -35.84
N GLY D 226 -15.56 -34.37 -35.40
CA GLY D 226 -16.03 -35.45 -34.55
C GLY D 226 -16.65 -35.05 -33.23
N VAL D 227 -16.56 -33.76 -32.83
CA VAL D 227 -17.21 -33.33 -31.57
C VAL D 227 -18.70 -33.42 -31.71
N GLU D 228 -19.34 -33.69 -30.58
CA GLU D 228 -20.77 -33.85 -30.52
C GLU D 228 -21.49 -32.60 -30.05
N LEU D 229 -20.79 -31.66 -29.40
CA LEU D 229 -21.36 -30.37 -29.05
C LEU D 229 -20.34 -29.29 -29.44
N ALA D 230 -20.76 -28.31 -30.23
CA ALA D 230 -19.93 -27.15 -30.60
C ALA D 230 -20.54 -25.95 -29.92
N ILE D 231 -19.74 -25.21 -29.14
CA ILE D 231 -20.17 -23.99 -28.50
C ILE D 231 -19.36 -22.84 -29.12
N VAL D 232 -20.04 -21.96 -29.86
CA VAL D 232 -19.39 -20.83 -30.54
C VAL D 232 -19.80 -19.52 -29.84
N LYS D 233 -18.84 -18.91 -29.13
CA LYS D 233 -19.05 -17.62 -28.43
C LYS D 233 -18.87 -16.48 -29.42
N GLN D 234 -19.82 -15.53 -29.42
CA GLN D 234 -19.77 -14.32 -30.28
C GLN D 234 -19.71 -12.98 -29.49
N GLY D 235 -19.57 -13.02 -28.17
CA GLY D 235 -19.59 -11.81 -27.33
C GLY D 235 -20.93 -11.05 -27.37
N PRO D 236 -20.94 -9.77 -27.83
CA PRO D 236 -22.19 -8.99 -28.04
C PRO D 236 -23.23 -9.55 -29.03
N LYS D 237 -22.86 -10.49 -29.90
CA LYS D 237 -23.83 -11.19 -30.78
C LYS D 237 -24.46 -12.46 -30.16
N GLY D 238 -23.91 -12.93 -29.02
CA GLY D 238 -24.53 -13.99 -28.20
C GLY D 238 -23.64 -15.21 -28.03
N VAL D 239 -24.26 -16.40 -27.89
CA VAL D 239 -23.53 -17.67 -27.84
C VAL D 239 -24.40 -18.79 -28.45
N MSE D 240 -23.78 -19.60 -29.33
CA MSE D 240 -24.46 -20.69 -30.03
CA MSE D 240 -24.46 -20.69 -30.05
C MSE D 240 -23.94 -22.02 -29.51
O MSE D 240 -22.75 -22.17 -29.27
CB MSE D 240 -24.20 -20.58 -31.55
CB MSE D 240 -24.17 -20.60 -31.56
CG MSE D 240 -25.05 -21.48 -32.43
CG MSE D 240 -24.72 -21.75 -32.44
SE MSE D 240 -24.48 -21.45 -34.30
SE MSE D 240 -23.82 -21.84 -34.15
CE MSE D 240 -22.80 -22.40 -34.07
CE MSE D 240 -24.50 -20.16 -34.84
N ALA D 241 -24.87 -22.97 -29.34
CA ALA D 241 -24.56 -24.38 -29.03
C ALA D 241 -25.15 -25.21 -30.18
N MSE D 242 -24.34 -26.11 -30.76
CA MSE D 242 -24.76 -26.93 -31.92
C MSE D 242 -24.45 -28.39 -31.68
O MSE D 242 -23.31 -28.74 -31.36
CB MSE D 242 -24.07 -26.45 -33.21
CG MSE D 242 -24.67 -27.03 -34.47
SE MSE D 242 -23.67 -26.75 -36.10
CE MSE D 242 -25.06 -27.41 -37.35
N THR D 243 -25.47 -29.23 -31.84
CA THR D 243 -25.32 -30.67 -31.92
C THR D 243 -25.79 -31.17 -33.29
N LYS D 244 -25.62 -32.47 -33.52
CA LYS D 244 -26.15 -33.13 -34.74
C LYS D 244 -27.69 -33.09 -34.81
N ASP D 245 -28.34 -32.94 -33.65
CA ASP D 245 -29.81 -32.91 -33.51
C ASP D 245 -30.40 -31.48 -33.38
N GLU D 246 -29.57 -30.49 -33.06
CA GLU D 246 -30.03 -29.24 -32.44
C GLU D 246 -29.05 -28.09 -32.68
N THR D 247 -29.56 -26.91 -33.01
CA THR D 247 -28.83 -25.64 -32.90
C THR D 247 -29.67 -24.75 -31.98
N VAL D 248 -29.03 -24.22 -30.93
CA VAL D 248 -29.66 -23.34 -29.94
C VAL D 248 -28.77 -22.12 -29.75
N GLU D 249 -29.39 -20.94 -29.73
CA GLU D 249 -28.68 -19.67 -29.66
C GLU D 249 -29.33 -18.78 -28.58
N VAL D 250 -28.51 -18.23 -27.68
CA VAL D 250 -28.94 -17.35 -26.58
C VAL D 250 -28.31 -15.95 -26.80
N PRO D 251 -29.07 -14.85 -26.50
CA PRO D 251 -28.44 -13.52 -26.54
C PRO D 251 -27.45 -13.27 -25.38
N PRO D 252 -26.67 -12.16 -25.45
CA PRO D 252 -25.87 -11.78 -24.27
C PRO D 252 -26.76 -11.27 -23.13
N PHE D 253 -26.36 -11.53 -21.88
CA PHE D 253 -27.02 -10.94 -20.69
C PHE D 253 -26.33 -9.62 -20.36
N PHE D 254 -27.13 -8.57 -20.16
CA PHE D 254 -26.62 -7.22 -19.85
C PHE D 254 -26.07 -7.16 -18.42
N VAL D 255 -24.86 -6.60 -18.28
CA VAL D 255 -24.34 -6.15 -16.97
C VAL D 255 -23.35 -5.00 -17.15
N ASP D 256 -23.07 -4.31 -16.05
CA ASP D 256 -21.99 -3.34 -15.99
C ASP D 256 -20.71 -4.13 -15.67
N VAL D 257 -19.84 -4.27 -16.67
CA VAL D 257 -18.58 -4.99 -16.53
C VAL D 257 -17.57 -4.15 -15.73
N ILE D 258 -17.09 -4.68 -14.60
CA ILE D 258 -15.90 -4.12 -13.88
C ILE D 258 -14.59 -4.73 -14.45
N ASN D 259 -14.38 -6.04 -14.28
CA ASN D 259 -13.26 -6.78 -14.93
C ASN D 259 -13.74 -8.03 -15.70
N GLY D 260 -13.57 -8.03 -17.02
CA GLY D 260 -13.99 -9.13 -17.90
C GLY D 260 -13.08 -10.34 -17.87
N LEU D 261 -11.86 -10.21 -17.33
CA LEU D 261 -10.85 -11.30 -17.35
C LEU D 261 -11.39 -12.48 -16.58
N GLY D 262 -11.27 -13.66 -17.19
CA GLY D 262 -11.78 -14.89 -16.63
C GLY D 262 -13.27 -15.16 -16.68
N ALA D 263 -14.05 -14.26 -17.30
CA ALA D 263 -15.49 -14.47 -17.49
C ALA D 263 -15.77 -15.76 -18.30
N GLY D 264 -14.94 -16.04 -19.31
CA GLY D 264 -14.99 -17.30 -20.07
C GLY D 264 -14.77 -18.57 -19.23
N ASP D 265 -13.92 -18.45 -18.23
CA ASP D 265 -13.63 -19.54 -17.31
C ASP D 265 -14.78 -19.84 -16.36
N ALA D 266 -15.49 -18.79 -15.91
CA ALA D 266 -16.73 -18.96 -15.14
C ALA D 266 -17.81 -19.62 -16.01
N PHE D 267 -17.94 -19.13 -17.25
CA PHE D 267 -18.79 -19.78 -18.27
C PHE D 267 -18.43 -21.27 -18.40
N GLY D 268 -17.14 -21.58 -18.50
CA GLY D 268 -16.63 -22.94 -18.63
C GLY D 268 -16.98 -23.89 -17.48
N GLY D 269 -16.72 -23.44 -16.26
CA GLY D 269 -17.16 -24.18 -15.08
C GLY D 269 -18.68 -24.32 -14.95
N ALA D 270 -19.43 -23.28 -15.37
CA ALA D 270 -20.89 -23.35 -15.43
C ALA D 270 -21.36 -24.32 -16.51
N LEU D 271 -20.67 -24.33 -17.66
CA LEU D 271 -20.92 -25.32 -18.71
C LEU D 271 -20.78 -26.77 -18.20
N CYS D 272 -19.69 -27.03 -17.49
CA CYS D 272 -19.46 -28.33 -16.84
C CYS D 272 -20.63 -28.73 -15.93
N HIS D 273 -21.09 -27.82 -15.07
CA HIS D 273 -22.22 -28.08 -14.17
C HIS D 273 -23.48 -28.50 -14.95
N GLY D 274 -23.83 -27.74 -15.98
CA GLY D 274 -25.01 -28.02 -16.82
C GLY D 274 -24.93 -29.32 -17.62
N LEU D 275 -23.73 -29.67 -18.10
CA LEU D 275 -23.48 -30.96 -18.77
C LEU D 275 -23.60 -32.16 -17.79
N LEU D 276 -22.98 -32.02 -16.61
CA LEU D 276 -23.10 -33.02 -15.54
C LEU D 276 -24.55 -33.21 -15.04
N SER D 277 -25.31 -32.11 -14.96
CA SER D 277 -26.73 -32.14 -14.58
C SER D 277 -27.67 -32.66 -15.68
N GLU D 278 -27.15 -32.87 -16.90
CA GLU D 278 -27.89 -33.38 -18.05
C GLU D 278 -29.08 -32.48 -18.42
N TRP D 279 -28.86 -31.16 -18.30
CA TRP D 279 -29.91 -30.18 -18.53
C TRP D 279 -30.10 -30.02 -20.04
N PRO D 280 -31.30 -29.54 -20.48
CA PRO D 280 -31.46 -29.18 -21.90
C PRO D 280 -30.43 -28.14 -22.37
N LEU D 281 -30.09 -28.17 -23.65
CA LEU D 281 -29.02 -27.33 -24.21
C LEU D 281 -29.27 -25.81 -24.09
N GLU D 282 -30.54 -25.39 -24.17
CA GLU D 282 -30.90 -23.98 -23.89
C GLU D 282 -30.63 -23.56 -22.43
N LYS D 283 -31.09 -24.37 -21.47
CA LYS D 283 -30.82 -24.13 -20.03
C LYS D 283 -29.34 -24.17 -19.66
N VAL D 284 -28.58 -25.10 -20.26
CA VAL D 284 -27.10 -25.14 -20.18
C VAL D 284 -26.50 -23.80 -20.63
N LEU D 285 -26.93 -23.32 -21.79
CA LEU D 285 -26.38 -22.09 -22.39
C LEU D 285 -26.81 -20.83 -21.60
N ARG D 286 -28.06 -20.79 -21.13
CA ARG D 286 -28.57 -19.70 -20.25
C ARG D 286 -27.88 -19.67 -18.88
N PHE D 287 -27.63 -20.83 -18.29
CA PHE D 287 -26.91 -20.93 -17.00
C PHE D 287 -25.46 -20.46 -17.13
N ALA D 288 -24.77 -20.92 -18.18
CA ALA D 288 -23.36 -20.59 -18.41
C ALA D 288 -23.16 -19.12 -18.74
N ASN D 289 -23.96 -18.58 -19.65
CA ASN D 289 -23.89 -17.13 -20.00
C ASN D 289 -24.07 -16.22 -18.77
N THR D 290 -24.97 -16.60 -17.87
CA THR D 290 -25.22 -15.87 -16.62
C THR D 290 -24.04 -15.95 -15.66
N ALA D 291 -23.48 -17.14 -15.47
CA ALA D 291 -22.28 -17.33 -14.62
C ALA D 291 -21.12 -16.44 -15.08
N GLY D 292 -20.91 -16.43 -16.41
CA GLY D 292 -19.89 -15.59 -17.04
C GLY D 292 -20.08 -14.09 -16.85
N ALA D 293 -21.33 -13.64 -16.88
CA ALA D 293 -21.67 -12.21 -16.65
C ALA D 293 -21.47 -11.79 -15.18
N LEU D 294 -21.80 -12.68 -14.25
CA LEU D 294 -21.62 -12.45 -12.80
C LEU D 294 -20.17 -12.18 -12.41
N VAL D 295 -19.26 -12.95 -13.02
CA VAL D 295 -17.82 -12.75 -12.82
C VAL D 295 -17.34 -11.49 -13.52
N ALA D 296 -17.83 -11.22 -14.75
CA ALA D 296 -17.52 -9.97 -15.48
C ALA D 296 -17.95 -8.72 -14.74
N SER D 297 -19.10 -8.79 -14.06
CA SER D 297 -19.60 -7.73 -13.16
C SER D 297 -18.72 -7.36 -11.95
N ARG D 298 -17.77 -8.23 -11.56
CA ARG D 298 -16.89 -7.98 -10.40
C ARG D 298 -15.45 -7.67 -10.79
N LEU D 299 -14.72 -7.03 -9.88
CA LEU D 299 -13.26 -6.80 -10.04
C LEU D 299 -12.48 -8.12 -10.06
N GLU D 300 -12.90 -9.05 -9.21
CA GLU D 300 -12.20 -10.32 -8.99
C GLU D 300 -12.61 -11.37 -10.02
N CYS D 301 -11.84 -12.48 -10.04
CA CYS D 301 -12.14 -13.64 -10.87
C CYS D 301 -12.21 -14.93 -10.04
N SER D 302 -11.07 -15.58 -9.76
CA SER D 302 -11.05 -16.92 -9.10
C SER D 302 -11.69 -16.95 -7.69
N THR D 303 -11.49 -15.86 -6.94
CA THR D 303 -12.18 -15.66 -5.63
C THR D 303 -13.66 -15.26 -5.75
N ALA D 304 -14.08 -14.79 -6.95
CA ALA D 304 -15.47 -14.36 -7.24
C ALA D 304 -16.33 -15.40 -7.97
N MSE D 305 -15.97 -16.69 -7.93
CA MSE D 305 -16.65 -17.69 -8.79
C MSE D 305 -18.02 -18.05 -8.18
O MSE D 305 -18.11 -18.41 -7.00
CB MSE D 305 -15.77 -18.92 -9.04
CG MSE D 305 -14.57 -18.69 -9.99
SE MSE D 305 -15.12 -18.19 -11.76
CE MSE D 305 -13.51 -18.59 -12.67
N PRO D 306 -19.11 -17.92 -8.99
CA PRO D 306 -20.43 -18.02 -8.41
C PRO D 306 -20.86 -19.45 -8.06
N THR D 307 -21.62 -19.59 -6.97
CA THR D 307 -22.19 -20.86 -6.58
C THR D 307 -23.41 -21.16 -7.47
N THR D 308 -23.89 -22.40 -7.41
CA THR D 308 -25.12 -22.80 -8.14
C THR D 308 -26.33 -21.93 -7.74
N ASP D 309 -26.53 -21.75 -6.43
CA ASP D 309 -27.60 -20.86 -5.90
C ASP D 309 -27.49 -19.41 -6.38
N GLU D 310 -26.25 -18.93 -6.49
CA GLU D 310 -25.98 -17.55 -6.89
C GLU D 310 -26.32 -17.28 -8.36
N VAL D 311 -26.02 -18.23 -9.25
CA VAL D 311 -26.41 -18.13 -10.69
C VAL D 311 -27.93 -18.19 -10.90
N GLU D 312 -28.58 -19.10 -10.20
CA GLU D 312 -30.06 -19.27 -10.27
C GLU D 312 -30.82 -18.04 -9.77
N ALA D 313 -30.34 -17.45 -8.67
CA ALA D 313 -30.85 -16.18 -8.13
C ALA D 313 -30.78 -15.02 -9.13
N SER D 314 -29.68 -14.95 -9.88
CA SER D 314 -29.49 -13.91 -10.90
C SER D 314 -30.38 -14.06 -12.14
N LEU D 315 -30.81 -15.30 -12.42
CA LEU D 315 -31.49 -15.64 -13.68
C LEU D 315 -32.99 -15.35 -13.62
C1 CIT E . -0.98 23.95 3.61
O1 CIT E . -1.94 24.77 3.59
O2 CIT E . -0.02 24.07 2.79
C2 CIT E . -1.01 22.77 4.56
C3 CIT E . -0.82 23.09 6.06
O7 CIT E . -1.82 24.04 6.52
C4 CIT E . -0.94 21.78 6.85
C5 CIT E . -0.86 21.89 8.38
O3 CIT E . -0.63 22.92 9.00
O4 CIT E . -1.04 20.88 9.09
C6 CIT E . 0.55 23.75 6.24
O5 CIT E . 0.72 24.97 6.08
O6 CIT E . 1.51 23.02 6.52
#